data_6PFK
#
_entry.id   6PFK
#
_cell.length_a   132.000
_cell.length_b   115.200
_cell.length_c   96.200
_cell.angle_alpha   90.00
_cell.angle_beta   90.00
_cell.angle_gamma   90.00
#
_symmetry.space_group_name_H-M   'P 21 21 21'
#
loop_
_entity.id
_entity.type
_entity.pdbx_description
1 polymer PHOSPHOFRUCTOKINASE
2 non-polymer '2-PHOSPHOGLYCOLIC ACID'
3 water water
#
_entity_poly.entity_id   1
_entity_poly.type   'polypeptide(L)'
_entity_poly.pdbx_seq_one_letter_code
;MKRIGVLTSGGDSPGMNAAIRSVVRKAIYHGVEVYGVYHGYAGLIAGNIKKLEVGDVGDIIHRGGTILYTARCPEFKTEE
GQKKGIEQLKKHGIEGLVVIGGDGSYQGAKKLTEHGFPCVGVPGTIDNDIPGTDFTIGFDTALNTVIDAIDKIRDTATSH
ERTYVIEVMGRHAGDIALWSGLAGGAETILIPEADYDMNDVIARLKRGHERGKKHSIIIVAEGVGSGVDFGRQIQEATGF
ETRVTVLGHVQRGGSPTAFDRVLASRLGARAVELLLEGKGGRCVGIQNNQLVDHDIAEALANKHTIDQRMYALSKELSI
;
_entity_poly.pdbx_strand_id   A,B,C,D
#
loop_
_chem_comp.id
_chem_comp.type
_chem_comp.name
_chem_comp.formula
PGA non-polymer '2-PHOSPHOGLYCOLIC ACID' 'C2 H5 O6 P'
#
# COMPACT_ATOMS: atom_id res chain seq x y z
N MET A 1 -7.47 -24.77 34.22
CA MET A 1 -8.29 -25.28 33.09
C MET A 1 -7.41 -26.13 32.17
N LYS A 2 -7.92 -27.31 31.86
CA LYS A 2 -7.14 -28.16 30.99
C LYS A 2 -7.35 -27.74 29.54
N ARG A 3 -8.56 -27.52 29.07
CA ARG A 3 -8.82 -27.27 27.65
C ARG A 3 -9.77 -26.09 27.44
N ILE A 4 -9.42 -25.21 26.50
CA ILE A 4 -10.32 -24.07 26.20
C ILE A 4 -10.66 -24.16 24.70
N GLY A 5 -11.67 -23.43 24.28
CA GLY A 5 -12.07 -23.36 22.88
C GLY A 5 -11.97 -21.89 22.41
N VAL A 6 -12.00 -21.70 21.09
CA VAL A 6 -11.90 -20.33 20.56
C VAL A 6 -12.78 -20.33 19.32
N LEU A 7 -13.49 -19.23 19.13
CA LEU A 7 -14.42 -19.10 18.01
C LEU A 7 -14.50 -17.67 17.51
N THR A 8 -14.86 -17.51 16.24
CA THR A 8 -15.09 -16.20 15.65
C THR A 8 -16.54 -16.14 15.15
N SER A 9 -17.22 -15.03 15.29
CA SER A 9 -18.62 -14.90 14.92
C SER A 9 -18.92 -13.43 14.61
N GLY A 10 -19.94 -13.19 13.80
CA GLY A 10 -20.29 -11.85 13.34
C GLY A 10 -19.54 -11.52 12.05
N GLY A 11 -19.72 -10.30 11.56
CA GLY A 11 -18.97 -9.89 10.37
C GLY A 11 -17.49 -10.12 10.63
N ASP A 12 -16.72 -10.76 9.77
CA ASP A 12 -15.27 -10.84 9.99
C ASP A 12 -14.67 -9.43 9.82
N SER A 13 -13.53 -9.26 10.52
CA SER A 13 -12.84 -7.98 10.51
C SER A 13 -11.37 -8.26 10.73
N PRO A 14 -10.56 -7.34 10.18
CA PRO A 14 -9.12 -7.48 10.19
C PRO A 14 -8.54 -7.49 11.58
N GLY A 15 -7.86 -8.58 11.95
CA GLY A 15 -7.14 -8.67 13.18
C GLY A 15 -7.60 -9.89 13.93
N MET A 16 -8.65 -10.54 13.44
CA MET A 16 -9.20 -11.74 13.99
C MET A 16 -8.19 -12.85 14.03
N ASN A 17 -7.34 -13.07 13.01
CA ASN A 17 -6.25 -14.03 13.00
C ASN A 17 -5.19 -13.65 14.03
N ALA A 18 -4.81 -12.40 14.25
CA ALA A 18 -3.97 -11.96 15.34
C ALA A 18 -4.58 -12.27 16.71
N ALA A 19 -5.87 -12.04 16.98
CA ALA A 19 -6.57 -12.45 18.18
C ALA A 19 -6.60 -13.96 18.36
N ILE A 20 -6.88 -14.78 17.35
CA ILE A 20 -6.83 -16.23 17.47
C ILE A 20 -5.43 -16.71 17.86
N ARG A 21 -4.37 -16.24 17.21
CA ARG A 21 -3.00 -16.50 17.50
C ARG A 21 -2.66 -16.12 18.94
N SER A 22 -3.00 -14.98 19.54
CA SER A 22 -2.62 -14.75 20.92
C SER A 22 -3.40 -15.63 21.88
N VAL A 23 -4.68 -15.93 21.67
CA VAL A 23 -5.40 -16.94 22.41
C VAL A 23 -4.60 -18.24 22.39
N VAL A 24 -4.32 -18.83 21.24
CA VAL A 24 -3.62 -20.10 21.12
C VAL A 24 -2.30 -20.17 21.84
N ARG A 25 -1.40 -19.27 21.53
CA ARG A 25 -0.08 -19.14 22.13
C ARG A 25 -0.09 -18.80 23.59
N LYS A 26 -0.99 -17.91 24.09
CA LYS A 26 -1.09 -17.64 25.52
C LYS A 26 -1.62 -18.87 26.24
N ALA A 27 -2.68 -19.53 25.75
CA ALA A 27 -3.11 -20.78 26.34
C ALA A 27 -2.02 -21.84 26.35
N ILE A 28 -1.29 -22.15 25.27
CA ILE A 28 -0.21 -23.09 25.19
C ILE A 28 0.97 -22.65 26.02
N TYR A 29 1.37 -21.40 26.18
CA TYR A 29 2.38 -20.99 27.14
C TYR A 29 2.17 -21.45 28.58
N HIS A 30 1.00 -21.43 29.20
CA HIS A 30 0.53 -21.82 30.48
C HIS A 30 0.04 -23.27 30.57
N GLY A 31 0.30 -24.12 29.59
CA GLY A 31 0.05 -25.50 29.49
C GLY A 31 -1.36 -25.92 29.15
N VAL A 32 -2.23 -25.06 28.66
CA VAL A 32 -3.61 -25.41 28.33
C VAL A 32 -3.71 -25.88 26.89
N GLU A 33 -4.65 -26.75 26.57
CA GLU A 33 -4.93 -27.19 25.22
C GLU A 33 -5.98 -26.25 24.63
N VAL A 34 -5.86 -25.96 23.32
CA VAL A 34 -6.75 -25.05 22.64
C VAL A 34 -7.43 -25.69 21.43
N TYR A 35 -8.76 -25.64 21.45
CA TYR A 35 -9.61 -26.22 20.43
C TYR A 35 -10.19 -25.12 19.56
N GLY A 36 -10.03 -25.16 18.22
CA GLY A 36 -10.67 -24.14 17.39
C GLY A 36 -12.08 -24.62 17.04
N VAL A 37 -13.09 -23.81 17.07
CA VAL A 37 -14.48 -24.08 16.76
C VAL A 37 -14.75 -23.35 15.42
N TYR A 38 -15.04 -24.14 14.39
CA TYR A 38 -15.15 -23.60 13.03
C TYR A 38 -16.54 -23.12 12.76
N HIS A 39 -16.69 -22.06 11.96
CA HIS A 39 -17.98 -21.52 11.55
C HIS A 39 -18.81 -20.92 12.68
N GLY A 40 -18.27 -20.27 13.69
CA GLY A 40 -18.90 -19.64 14.81
C GLY A 40 -19.76 -20.51 15.70
N TYR A 41 -21.00 -20.08 15.97
CA TYR A 41 -21.95 -20.84 16.76
C TYR A 41 -22.54 -22.00 15.99
N ALA A 42 -22.76 -21.88 14.68
CA ALA A 42 -23.22 -22.91 13.77
C ALA A 42 -22.36 -24.17 13.80
N GLY A 43 -21.03 -24.08 13.78
CA GLY A 43 -20.15 -25.21 13.93
C GLY A 43 -19.98 -25.70 15.35
N LEU A 44 -20.30 -24.95 16.39
CA LEU A 44 -20.30 -25.35 17.78
C LEU A 44 -21.45 -26.32 17.99
N ILE A 45 -22.67 -26.01 17.50
CA ILE A 45 -23.80 -26.91 17.42
C ILE A 45 -23.43 -28.15 16.63
N ALA A 46 -22.82 -28.09 15.46
CA ALA A 46 -22.43 -29.17 14.62
C ALA A 46 -21.33 -30.07 15.11
N GLY A 47 -20.45 -29.61 15.99
CA GLY A 47 -19.35 -30.41 16.52
C GLY A 47 -18.15 -30.25 15.63
N ASN A 48 -18.00 -29.10 15.00
CA ASN A 48 -16.89 -28.70 14.15
C ASN A 48 -15.79 -27.96 14.92
N ILE A 49 -15.18 -28.66 15.84
CA ILE A 49 -14.25 -28.40 16.88
C ILE A 49 -12.99 -29.17 16.50
N LYS A 50 -11.80 -28.62 16.76
CA LYS A 50 -10.60 -29.35 16.33
C LYS A 50 -9.40 -28.74 17.03
N LYS A 51 -8.54 -29.61 17.52
CA LYS A 51 -7.37 -29.19 18.28
C LYS A 51 -6.50 -28.29 17.42
N LEU A 52 -5.98 -27.22 17.97
CA LEU A 52 -5.05 -26.29 17.37
C LEU A 52 -3.71 -26.39 18.10
N GLU A 53 -2.63 -26.53 17.36
CA GLU A 53 -1.27 -26.68 17.88
C GLU A 53 -0.50 -25.38 17.81
N VAL A 54 0.72 -25.22 18.32
CA VAL A 54 1.43 -23.97 18.24
C VAL A 54 1.64 -23.43 16.83
N GLY A 55 2.12 -24.30 15.93
CA GLY A 55 2.34 -24.11 14.54
C GLY A 55 1.12 -23.92 13.70
N ASP A 56 -0.14 -24.16 14.05
CA ASP A 56 -1.34 -23.87 13.33
C ASP A 56 -1.74 -22.43 13.23
N VAL A 57 -1.24 -21.56 14.11
CA VAL A 57 -1.49 -20.12 14.08
C VAL A 57 -0.24 -19.40 13.57
N GLY A 58 0.72 -20.08 12.95
CA GLY A 58 1.92 -19.50 12.41
C GLY A 58 1.60 -18.93 11.03
N ASP A 59 2.07 -17.75 10.70
CA ASP A 59 1.77 -17.04 9.45
C ASP A 59 0.34 -16.63 9.18
N ILE A 60 -0.44 -16.30 10.20
CA ILE A 60 -1.80 -15.80 10.14
C ILE A 60 -1.81 -14.41 10.74
N ILE A 61 -0.84 -14.01 11.55
CA ILE A 61 -0.80 -12.72 12.23
C ILE A 61 -1.07 -11.50 11.38
N HIS A 62 -0.59 -11.29 10.20
CA HIS A 62 -0.66 -10.37 9.12
C HIS A 62 -1.70 -10.65 8.06
N ARG A 63 -2.59 -11.61 8.25
CA ARG A 63 -3.65 -11.91 7.31
C ARG A 63 -5.03 -11.43 7.74
N GLY A 64 -5.82 -10.97 6.79
CA GLY A 64 -7.20 -10.54 7.04
C GLY A 64 -8.01 -11.83 7.19
N GLY A 65 -9.29 -11.68 7.47
CA GLY A 65 -10.12 -12.87 7.56
C GLY A 65 -10.02 -13.51 8.93
N THR A 66 -10.59 -14.71 8.95
CA THR A 66 -10.55 -15.51 10.16
C THR A 66 -10.26 -16.90 9.64
N ILE A 67 -9.26 -17.60 10.15
CA ILE A 67 -8.97 -18.98 9.74
C ILE A 67 -9.94 -20.02 10.23
N LEU A 68 -10.74 -19.79 11.25
CA LEU A 68 -11.78 -20.58 11.83
C LEU A 68 -13.11 -20.33 11.18
N TYR A 69 -13.31 -19.40 10.25
CA TYR A 69 -14.50 -18.97 9.59
C TYR A 69 -15.54 -18.45 10.59
N THR A 70 -16.50 -17.76 10.01
CA THR A 70 -17.62 -17.18 10.76
C THR A 70 -18.87 -17.59 10.00
N ALA A 71 -20.01 -17.68 10.66
CA ALA A 71 -21.26 -18.05 10.03
C ALA A 71 -22.43 -17.53 10.85
N ARG A 72 -23.64 -17.62 10.34
CA ARG A 72 -24.82 -17.16 11.05
C ARG A 72 -25.49 -18.34 11.73
N CYS A 73 -25.97 -18.14 12.96
CA CYS A 73 -26.64 -19.26 13.63
C CYS A 73 -27.84 -18.78 14.39
N PRO A 74 -29.00 -18.90 13.73
CA PRO A 74 -30.33 -18.58 14.26
C PRO A 74 -30.80 -19.50 15.36
N GLU A 75 -30.42 -20.77 15.41
CA GLU A 75 -30.63 -21.79 16.40
C GLU A 75 -30.01 -21.50 17.75
N PHE A 76 -28.89 -20.77 17.87
CA PHE A 76 -28.28 -20.35 19.10
C PHE A 76 -29.02 -19.26 19.85
N LYS A 77 -30.02 -18.55 19.35
CA LYS A 77 -30.91 -17.64 20.01
C LYS A 77 -32.09 -18.29 20.71
N THR A 78 -32.27 -19.59 20.76
CA THR A 78 -33.19 -20.44 21.41
C THR A 78 -32.45 -21.32 22.44
N GLU A 79 -33.18 -21.72 23.49
CA GLU A 79 -32.72 -22.57 24.58
C GLU A 79 -32.24 -23.94 24.15
N GLU A 80 -32.95 -24.57 23.21
CA GLU A 80 -32.58 -25.82 22.58
C GLU A 80 -31.27 -25.69 21.83
N GLY A 81 -31.02 -24.62 21.05
CA GLY A 81 -29.79 -24.37 20.35
C GLY A 81 -28.57 -24.18 21.23
N GLN A 82 -28.71 -23.39 22.31
CA GLN A 82 -27.73 -23.24 23.37
C GLN A 82 -27.48 -24.55 24.11
N LYS A 83 -28.49 -25.36 24.44
CA LYS A 83 -28.25 -26.68 24.99
C LYS A 83 -27.48 -27.59 24.06
N LYS A 84 -27.66 -27.69 22.75
CA LYS A 84 -26.81 -28.53 21.89
C LYS A 84 -25.36 -28.05 21.81
N GLY A 85 -25.07 -26.74 21.77
CA GLY A 85 -23.75 -26.17 21.87
C GLY A 85 -23.02 -26.66 23.10
N ILE A 86 -23.59 -26.49 24.31
CA ILE A 86 -23.07 -27.04 25.56
C ILE A 86 -22.77 -28.52 25.50
N GLU A 87 -23.70 -29.36 25.05
CA GLU A 87 -23.50 -30.78 24.75
C GLU A 87 -22.22 -31.07 23.99
N GLN A 88 -21.89 -30.45 22.87
CA GLN A 88 -20.66 -30.57 22.11
C GLN A 88 -19.42 -30.07 22.83
N LEU A 89 -19.51 -28.99 23.62
CA LEU A 89 -18.45 -28.50 24.48
C LEU A 89 -18.13 -29.52 25.58
N LYS A 90 -19.16 -30.07 26.25
CA LYS A 90 -18.98 -31.16 27.20
C LYS A 90 -18.48 -32.40 26.48
N LYS A 91 -18.94 -32.85 25.32
CA LYS A 91 -18.40 -33.95 24.54
C LYS A 91 -16.94 -33.90 24.14
N HIS A 92 -16.29 -32.77 23.93
CA HIS A 92 -14.90 -32.53 23.67
C HIS A 92 -14.13 -32.17 24.92
N GLY A 93 -14.89 -31.88 25.98
CA GLY A 93 -14.39 -31.54 27.30
C GLY A 93 -13.66 -30.20 27.26
N ILE A 94 -14.33 -29.23 26.67
CA ILE A 94 -13.80 -27.88 26.50
C ILE A 94 -14.37 -27.22 27.73
N GLU A 95 -13.53 -26.66 28.59
CA GLU A 95 -14.08 -26.10 29.84
C GLU A 95 -14.36 -24.62 29.80
N GLY A 96 -13.87 -23.92 28.79
CA GLY A 96 -14.05 -22.46 28.73
C GLY A 96 -13.91 -22.07 27.27
N LEU A 97 -14.44 -20.92 26.94
CA LEU A 97 -14.52 -20.49 25.54
C LEU A 97 -14.17 -19.03 25.36
N VAL A 98 -13.36 -18.69 24.37
CA VAL A 98 -13.07 -17.31 24.00
C VAL A 98 -13.84 -17.08 22.68
N VAL A 99 -14.75 -16.10 22.72
CA VAL A 99 -15.60 -15.73 21.61
C VAL A 99 -15.12 -14.41 21.05
N ILE A 100 -14.74 -14.38 19.77
CA ILE A 100 -14.27 -13.13 19.12
C ILE A 100 -15.33 -12.68 18.15
N GLY A 101 -15.85 -11.48 18.25
CA GLY A 101 -16.89 -10.98 17.38
C GLY A 101 -17.64 -9.75 17.82
N GLY A 102 -18.77 -9.48 17.17
CA GLY A 102 -19.54 -8.28 17.55
C GLY A 102 -20.46 -8.40 18.75
N ASP A 103 -21.46 -7.55 18.84
CA ASP A 103 -22.58 -7.53 19.77
C ASP A 103 -23.34 -8.85 19.82
N GLY A 104 -23.76 -9.43 18.69
CA GLY A 104 -24.41 -10.69 18.57
C GLY A 104 -23.71 -11.92 19.12
N SER A 105 -22.36 -11.98 19.05
CA SER A 105 -21.60 -13.07 19.64
C SER A 105 -21.50 -12.83 21.13
N TYR A 106 -21.51 -11.61 21.67
CA TYR A 106 -21.56 -11.29 23.07
C TYR A 106 -22.80 -11.79 23.80
N GLN A 107 -23.99 -11.66 23.22
CA GLN A 107 -25.24 -12.28 23.60
C GLN A 107 -25.19 -13.81 23.73
N GLY A 108 -24.52 -14.59 22.90
CA GLY A 108 -24.28 -15.99 23.06
C GLY A 108 -23.31 -16.32 24.18
N ALA A 109 -22.28 -15.50 24.39
CA ALA A 109 -21.32 -15.60 25.48
C ALA A 109 -22.04 -15.47 26.83
N LYS A 110 -22.87 -14.47 27.04
CA LYS A 110 -23.78 -14.24 28.13
C LYS A 110 -24.60 -15.48 28.45
N LYS A 111 -25.43 -15.92 27.48
CA LYS A 111 -26.24 -17.13 27.54
C LYS A 111 -25.49 -18.38 27.90
N LEU A 112 -24.28 -18.68 27.45
CA LEU A 112 -23.48 -19.80 27.89
C LEU A 112 -22.87 -19.60 29.27
N THR A 113 -22.65 -18.38 29.77
CA THR A 113 -22.21 -18.17 31.15
C THR A 113 -23.38 -18.48 32.07
N GLU A 114 -24.59 -18.04 31.80
CA GLU A 114 -25.77 -18.55 32.51
C GLU A 114 -25.88 -20.06 32.57
N HIS A 115 -25.69 -20.94 31.62
CA HIS A 115 -25.67 -22.37 31.77
C HIS A 115 -24.43 -23.06 32.33
N GLY A 116 -23.44 -22.40 32.90
CA GLY A 116 -22.31 -23.02 33.55
C GLY A 116 -21.05 -23.11 32.71
N PHE A 117 -21.01 -22.22 31.71
CA PHE A 117 -19.85 -22.23 30.82
C PHE A 117 -19.15 -20.90 30.82
N PRO A 118 -17.95 -20.90 31.38
CA PRO A 118 -17.18 -19.67 31.47
C PRO A 118 -16.88 -19.16 30.07
N CYS A 119 -17.30 -17.96 29.69
CA CYS A 119 -17.01 -17.35 28.44
C CYS A 119 -16.45 -15.94 28.52
N VAL A 120 -15.44 -15.69 27.69
CA VAL A 120 -14.90 -14.34 27.57
C VAL A 120 -15.13 -13.85 26.12
N GLY A 121 -15.58 -12.62 25.98
CA GLY A 121 -15.88 -11.97 24.73
C GLY A 121 -14.76 -11.01 24.36
N VAL A 122 -14.31 -11.09 23.09
CA VAL A 122 -13.27 -10.24 22.53
C VAL A 122 -13.89 -9.48 21.33
N PRO A 123 -13.73 -8.16 21.34
CA PRO A 123 -14.32 -7.23 20.40
C PRO A 123 -13.67 -7.18 19.02
N GLY A 124 -14.31 -7.88 18.09
CA GLY A 124 -13.83 -7.97 16.71
C GLY A 124 -14.91 -7.47 15.77
N THR A 125 -14.83 -6.24 15.31
CA THR A 125 -15.80 -5.70 14.37
C THR A 125 -15.11 -4.44 13.85
N ILE A 126 -15.47 -3.97 12.67
CA ILE A 126 -14.87 -2.76 12.12
C ILE A 126 -15.69 -1.51 12.42
N ASP A 127 -16.90 -1.65 12.91
CA ASP A 127 -17.82 -0.60 13.25
C ASP A 127 -17.42 0.25 14.42
N ASN A 128 -16.87 -0.37 15.45
CA ASN A 128 -16.42 0.25 16.68
C ASN A 128 -17.62 0.39 17.62
N ASP A 129 -18.71 -0.35 17.50
CA ASP A 129 -19.85 -0.19 18.35
C ASP A 129 -20.07 -1.50 19.04
N ILE A 130 -19.24 -1.62 20.06
CA ILE A 130 -19.19 -2.70 21.03
C ILE A 130 -18.88 -1.88 22.29
N PRO A 131 -19.81 -2.04 23.24
CA PRO A 131 -19.77 -1.37 24.52
C PRO A 131 -18.63 -1.88 25.40
N GLY A 132 -18.08 -0.91 26.14
CA GLY A 132 -16.99 -1.27 27.05
C GLY A 132 -15.61 -1.24 26.45
N THR A 133 -15.43 -0.65 25.27
CA THR A 133 -14.10 -0.56 24.68
C THR A 133 -14.10 0.66 23.79
N ASP A 134 -13.02 1.44 23.80
CA ASP A 134 -12.93 2.61 22.95
C ASP A 134 -12.84 2.23 21.49
N PHE A 135 -12.04 1.22 21.15
CA PHE A 135 -11.61 0.67 19.93
C PHE A 135 -11.91 -0.82 19.80
N THR A 136 -12.40 -1.24 18.63
CA THR A 136 -12.64 -2.67 18.43
C THR A 136 -11.55 -3.17 17.50
N ILE A 137 -11.27 -4.45 17.48
CA ILE A 137 -10.25 -5.00 16.59
C ILE A 137 -10.86 -4.92 15.17
N GLY A 138 -10.18 -4.14 14.32
CA GLY A 138 -10.59 -4.05 12.93
C GLY A 138 -10.99 -2.65 12.54
N PHE A 139 -11.21 -1.81 13.52
CA PHE A 139 -11.62 -0.45 13.29
C PHE A 139 -10.49 0.31 12.61
N ASP A 140 -9.27 0.24 13.16
CA ASP A 140 -8.14 0.96 12.59
C ASP A 140 -7.84 0.56 11.13
N THR A 141 -7.83 -0.73 10.77
CA THR A 141 -7.63 -1.16 9.41
C THR A 141 -8.71 -0.67 8.46
N ALA A 142 -10.01 -0.75 8.79
CA ALA A 142 -11.10 -0.21 8.02
C ALA A 142 -11.00 1.27 7.81
N LEU A 143 -10.48 2.15 8.66
CA LEU A 143 -10.21 3.53 8.46
C LEU A 143 -9.12 3.77 7.43
N ASN A 144 -8.08 2.94 7.41
CA ASN A 144 -6.97 3.03 6.49
C ASN A 144 -7.42 2.57 5.11
N THR A 145 -8.31 1.59 4.91
CA THR A 145 -8.93 1.29 3.65
C THR A 145 -9.74 2.47 3.13
N VAL A 146 -10.58 3.11 3.94
CA VAL A 146 -11.31 4.27 3.49
C VAL A 146 -10.42 5.44 3.15
N ILE A 147 -9.39 5.84 3.88
CA ILE A 147 -8.56 6.99 3.55
C ILE A 147 -7.65 6.75 2.35
N ASP A 148 -7.25 5.54 2.00
CA ASP A 148 -6.66 5.12 0.76
C ASP A 148 -7.52 5.50 -0.44
N ALA A 149 -8.84 5.20 -0.44
CA ALA A 149 -9.75 5.66 -1.47
C ALA A 149 -9.89 7.16 -1.53
N ILE A 150 -9.98 7.87 -0.39
CA ILE A 150 -10.08 9.32 -0.36
C ILE A 150 -8.83 9.98 -0.92
N ASP A 151 -7.63 9.55 -0.53
CA ASP A 151 -6.36 10.02 -1.07
C ASP A 151 -6.25 9.86 -2.58
N LYS A 152 -6.68 8.79 -3.25
CA LYS A 152 -6.73 8.59 -4.67
C LYS A 152 -7.66 9.56 -5.32
N ILE A 153 -8.90 9.77 -4.80
CA ILE A 153 -9.80 10.82 -5.24
C ILE A 153 -9.18 12.19 -5.12
N ARG A 154 -8.43 12.61 -4.10
CA ARG A 154 -7.74 13.89 -4.08
C ARG A 154 -6.76 14.02 -5.20
N ASP A 155 -6.02 13.09 -5.81
CA ASP A 155 -5.22 13.35 -6.97
C ASP A 155 -6.00 13.75 -8.20
N THR A 156 -7.22 13.42 -8.55
CA THR A 156 -7.83 14.03 -9.71
C THR A 156 -7.57 15.55 -9.75
N ALA A 157 -7.26 16.02 -10.95
CA ALA A 157 -6.87 17.39 -11.24
C ALA A 157 -7.70 17.94 -12.39
N THR A 158 -8.96 17.55 -12.39
CA THR A 158 -9.99 17.91 -13.37
C THR A 158 -10.89 18.99 -12.80
N SER A 159 -11.03 20.11 -13.50
CA SER A 159 -11.84 21.25 -13.08
C SER A 159 -13.32 20.99 -12.96
N HIS A 160 -13.97 20.25 -13.87
CA HIS A 160 -15.38 19.98 -13.78
C HIS A 160 -15.78 18.81 -12.87
N GLU A 161 -14.86 17.93 -12.46
CA GLU A 161 -15.20 16.85 -11.54
C GLU A 161 -14.68 17.20 -10.15
N ARG A 162 -15.47 17.97 -9.39
CA ARG A 162 -15.00 18.41 -8.08
C ARG A 162 -15.76 17.87 -6.88
N THR A 163 -16.92 17.26 -7.06
CA THR A 163 -17.77 16.72 -6.03
C THR A 163 -17.97 15.22 -6.07
N TYR A 164 -17.39 14.64 -4.98
CA TYR A 164 -17.18 13.28 -4.62
C TYR A 164 -17.92 12.82 -3.38
N VAL A 165 -18.73 11.80 -3.54
CA VAL A 165 -19.54 11.15 -2.51
C VAL A 165 -19.03 9.75 -2.24
N ILE A 166 -18.52 9.45 -1.06
CA ILE A 166 -18.00 8.14 -0.70
C ILE A 166 -18.92 7.52 0.36
N GLU A 167 -19.41 6.31 0.22
CA GLU A 167 -20.26 5.62 1.16
C GLU A 167 -19.47 4.58 1.95
N VAL A 168 -19.28 4.85 3.26
CA VAL A 168 -18.59 3.89 4.12
C VAL A 168 -19.61 3.04 4.87
N MET A 169 -19.15 2.00 5.54
CA MET A 169 -19.99 1.14 6.34
C MET A 169 -20.26 1.75 7.73
N GLY A 170 -21.18 1.10 8.44
CA GLY A 170 -21.55 1.54 9.81
C GLY A 170 -23.04 1.87 9.79
N ARG A 171 -23.75 0.78 10.05
CA ARG A 171 -25.20 0.77 10.04
C ARG A 171 -25.69 1.66 11.16
N HIS A 172 -25.26 1.36 12.40
CA HIS A 172 -25.72 2.17 13.54
C HIS A 172 -24.69 3.10 14.12
N ALA A 173 -23.41 2.90 13.84
CA ALA A 173 -22.39 3.78 14.43
C ALA A 173 -21.79 4.59 13.31
N GLY A 174 -21.34 5.80 13.62
CA GLY A 174 -20.80 6.75 12.72
C GLY A 174 -19.31 6.96 12.91
N ASP A 175 -18.67 6.06 13.64
CA ASP A 175 -17.25 6.13 13.93
C ASP A 175 -16.42 6.01 12.67
N ILE A 176 -16.64 5.05 11.76
CA ILE A 176 -15.85 4.92 10.54
C ILE A 176 -16.05 6.20 9.75
N ALA A 177 -17.29 6.69 9.47
CA ALA A 177 -17.40 7.94 8.76
C ALA A 177 -16.78 9.11 9.49
N LEU A 178 -16.93 9.31 10.81
CA LEU A 178 -16.38 10.45 11.50
C LEU A 178 -14.86 10.47 11.48
N TRP A 179 -14.19 9.35 11.77
CA TRP A 179 -12.74 9.33 11.76
C TRP A 179 -12.13 9.37 10.36
N SER A 180 -12.71 8.69 9.37
CA SER A 180 -12.35 8.77 7.97
C SER A 180 -12.46 10.18 7.41
N GLY A 181 -13.59 10.86 7.67
CA GLY A 181 -13.81 12.22 7.23
C GLY A 181 -12.80 13.21 7.78
N LEU A 182 -12.48 13.13 9.10
CA LEU A 182 -11.45 13.97 9.70
C LEU A 182 -10.08 13.67 9.11
N ALA A 183 -9.71 12.40 9.00
CA ALA A 183 -8.46 11.97 8.39
C ALA A 183 -8.31 12.30 6.90
N GLY A 184 -9.35 12.23 6.07
CA GLY A 184 -9.36 12.53 4.70
C GLY A 184 -9.69 13.94 4.28
N GLY A 185 -9.94 14.85 5.22
CA GLY A 185 -10.33 16.21 4.91
C GLY A 185 -11.75 16.29 4.37
N ALA A 186 -12.73 15.48 4.81
CA ALA A 186 -14.04 15.60 4.22
C ALA A 186 -14.63 16.91 4.70
N GLU A 187 -15.38 17.55 3.87
CA GLU A 187 -16.13 18.76 4.06
C GLU A 187 -17.41 18.50 4.82
N THR A 188 -18.10 17.38 4.57
CA THR A 188 -19.39 17.06 5.13
C THR A 188 -19.37 15.57 5.44
N ILE A 189 -19.69 15.22 6.66
CA ILE A 189 -19.69 13.84 7.13
C ILE A 189 -21.11 13.55 7.60
N LEU A 190 -21.83 12.61 7.04
CA LEU A 190 -23.16 12.20 7.36
C LEU A 190 -23.20 10.93 8.14
N ILE A 191 -23.42 11.03 9.44
CA ILE A 191 -23.43 9.93 10.42
C ILE A 191 -24.80 9.88 11.05
N PRO A 192 -25.25 8.71 11.53
CA PRO A 192 -26.56 8.46 12.08
C PRO A 192 -26.89 9.16 13.39
N GLU A 193 -26.01 9.58 14.24
CA GLU A 193 -25.97 10.24 15.49
C GLU A 193 -26.05 11.78 15.43
N ALA A 194 -26.02 12.37 14.24
CA ALA A 194 -26.15 13.79 14.11
C ALA A 194 -27.27 13.99 13.08
N ASP A 195 -27.73 15.21 13.01
CA ASP A 195 -28.85 15.52 12.14
C ASP A 195 -28.23 16.43 11.10
N TYR A 196 -28.68 16.27 9.89
CA TYR A 196 -28.12 17.09 8.81
C TYR A 196 -29.30 17.78 8.14
N ASP A 197 -28.98 18.93 7.60
CA ASP A 197 -29.97 19.65 6.79
C ASP A 197 -29.40 19.46 5.39
N MET A 198 -30.15 19.01 4.40
CA MET A 198 -29.60 18.95 3.04
C MET A 198 -29.20 20.28 2.46
N ASN A 199 -29.93 21.35 2.65
CA ASN A 199 -29.74 22.75 2.47
C ASN A 199 -28.43 23.30 3.00
N ASP A 200 -27.94 22.92 4.18
CA ASP A 200 -26.63 23.30 4.68
C ASP A 200 -25.49 22.52 4.02
N VAL A 201 -25.69 21.26 3.65
CA VAL A 201 -24.79 20.45 2.85
C VAL A 201 -24.52 21.13 1.51
N ILE A 202 -25.55 21.45 0.71
CA ILE A 202 -25.46 22.26 -0.49
C ILE A 202 -24.75 23.60 -0.28
N ALA A 203 -25.11 24.38 0.73
CA ALA A 203 -24.54 25.64 1.14
C ALA A 203 -23.07 25.58 1.49
N ARG A 204 -22.53 24.54 2.13
CA ARG A 204 -21.10 24.38 2.34
C ARG A 204 -20.35 24.13 1.04
N LEU A 205 -20.90 23.28 0.19
CA LEU A 205 -20.47 22.92 -1.13
C LEU A 205 -20.28 24.14 -2.01
N LYS A 206 -21.32 25.00 -2.12
CA LYS A 206 -21.20 26.24 -2.86
C LYS A 206 -20.22 27.24 -2.28
N ARG A 207 -20.07 27.39 -0.97
CA ARG A 207 -19.07 28.18 -0.28
C ARG A 207 -17.65 27.83 -0.70
N GLY A 208 -17.26 26.57 -0.60
CA GLY A 208 -16.00 25.98 -1.00
C GLY A 208 -15.68 26.11 -2.48
N HIS A 209 -16.67 25.87 -3.36
CA HIS A 209 -16.56 26.10 -4.78
C HIS A 209 -16.20 27.56 -5.05
N GLU A 210 -16.91 28.55 -4.50
CA GLU A 210 -16.59 29.94 -4.53
C GLU A 210 -15.19 30.29 -4.07
N ARG A 211 -14.57 29.73 -3.04
CA ARG A 211 -13.19 29.96 -2.63
C ARG A 211 -12.14 29.28 -3.49
N GLY A 212 -12.43 28.25 -4.27
CA GLY A 212 -11.47 27.61 -5.13
C GLY A 212 -11.00 26.30 -4.52
N LYS A 213 -11.78 25.79 -3.57
CA LYS A 213 -11.49 24.49 -2.97
C LYS A 213 -11.34 23.51 -4.15
N LYS A 214 -10.22 22.81 -4.16
CA LYS A 214 -9.96 21.88 -5.24
C LYS A 214 -10.97 20.77 -5.23
N HIS A 215 -11.30 20.03 -4.16
CA HIS A 215 -12.21 18.90 -4.15
C HIS A 215 -13.19 19.10 -2.98
N SER A 216 -14.42 18.67 -3.14
CA SER A 216 -15.42 18.63 -2.11
C SER A 216 -15.76 17.14 -1.98
N ILE A 217 -15.34 16.61 -0.84
CA ILE A 217 -15.53 15.21 -0.49
C ILE A 217 -16.58 15.12 0.63
N ILE A 218 -17.63 14.32 0.38
CA ILE A 218 -18.72 14.07 1.30
C ILE A 218 -18.64 12.60 1.75
N ILE A 219 -18.45 12.27 3.02
CA ILE A 219 -18.52 10.86 3.45
C ILE A 219 -19.95 10.60 3.91
N VAL A 220 -20.64 9.56 3.59
CA VAL A 220 -21.97 9.17 3.98
C VAL A 220 -21.86 7.80 4.66
N ALA A 221 -22.36 7.66 5.88
CA ALA A 221 -22.33 6.34 6.52
C ALA A 221 -23.48 5.55 5.95
N GLU A 222 -23.42 4.23 5.80
CA GLU A 222 -24.54 3.49 5.23
C GLU A 222 -25.86 3.51 5.98
N GLY A 223 -25.96 3.68 7.30
CA GLY A 223 -27.17 3.82 8.04
C GLY A 223 -27.95 5.11 7.82
N VAL A 224 -27.44 6.20 7.32
CA VAL A 224 -28.08 7.41 6.86
C VAL A 224 -28.75 7.19 5.51
N GLY A 225 -28.06 6.48 4.62
CA GLY A 225 -28.60 6.24 3.29
C GLY A 225 -27.44 5.94 2.33
N SER A 226 -27.86 5.83 1.09
CA SER A 226 -27.03 5.47 -0.01
C SER A 226 -26.33 6.67 -0.64
N GLY A 227 -25.05 6.42 -1.00
CA GLY A 227 -24.21 7.40 -1.67
C GLY A 227 -24.74 7.74 -3.05
N VAL A 228 -25.16 6.70 -3.82
CA VAL A 228 -25.87 6.81 -5.06
C VAL A 228 -27.03 7.80 -5.02
N ASP A 229 -27.97 7.72 -4.09
CA ASP A 229 -29.09 8.62 -3.93
C ASP A 229 -28.64 9.99 -3.49
N PHE A 230 -27.72 10.11 -2.54
CA PHE A 230 -27.17 11.41 -2.16
C PHE A 230 -26.47 12.09 -3.32
N GLY A 231 -25.60 11.41 -4.10
CA GLY A 231 -24.99 11.95 -5.27
C GLY A 231 -25.93 12.50 -6.33
N ARG A 232 -26.98 11.79 -6.68
CA ARG A 232 -28.11 12.13 -7.51
C ARG A 232 -28.75 13.44 -7.06
N GLN A 233 -29.15 13.51 -5.80
CA GLN A 233 -29.69 14.69 -5.17
C GLN A 233 -28.73 15.84 -5.08
N ILE A 234 -27.47 15.66 -4.69
CA ILE A 234 -26.48 16.74 -4.72
C ILE A 234 -26.37 17.25 -6.16
N GLN A 235 -26.03 16.40 -7.13
CA GLN A 235 -25.98 16.78 -8.53
C GLN A 235 -27.18 17.58 -8.98
N GLU A 236 -28.41 17.06 -8.92
CA GLU A 236 -29.63 17.77 -9.24
C GLU A 236 -29.83 19.16 -8.64
N ALA A 237 -29.63 19.37 -7.34
CA ALA A 237 -29.71 20.63 -6.67
C ALA A 237 -28.68 21.68 -7.00
N THR A 238 -27.46 21.31 -7.35
CA THR A 238 -26.37 22.22 -7.59
C THR A 238 -26.05 22.35 -9.07
N GLY A 239 -26.15 21.26 -9.81
CA GLY A 239 -25.66 21.15 -11.16
C GLY A 239 -24.19 20.75 -11.29
N PHE A 240 -23.48 20.39 -10.24
CA PHE A 240 -22.09 19.97 -10.22
C PHE A 240 -21.96 18.48 -10.54
N GLU A 241 -21.01 18.13 -11.42
CA GLU A 241 -20.83 16.70 -11.75
C GLU A 241 -20.49 15.98 -10.44
N THR A 242 -21.24 14.93 -10.13
CA THR A 242 -21.05 14.25 -8.84
C THR A 242 -20.60 12.82 -9.03
N ARG A 243 -19.49 12.44 -8.39
CA ARG A 243 -18.96 11.08 -8.60
C ARG A 243 -19.12 10.30 -7.33
N VAL A 244 -19.62 9.08 -7.37
CA VAL A 244 -19.92 8.23 -6.24
C VAL A 244 -19.09 6.96 -6.21
N THR A 245 -18.51 6.71 -5.03
CA THR A 245 -17.74 5.51 -4.75
C THR A 245 -18.48 4.83 -3.62
N VAL A 246 -18.73 3.54 -3.70
CA VAL A 246 -19.35 2.72 -2.70
C VAL A 246 -18.33 1.63 -2.41
N LEU A 247 -17.53 1.63 -1.35
CA LEU A 247 -16.55 0.61 -1.07
C LEU A 247 -17.06 -0.76 -0.72
N GLY A 248 -18.15 -0.82 0.06
CA GLY A 248 -18.76 -2.05 0.48
C GLY A 248 -17.79 -2.93 1.20
N HIS A 249 -17.76 -4.25 0.98
CA HIS A 249 -17.02 -5.27 1.65
C HIS A 249 -15.52 -5.26 1.55
N VAL A 250 -14.81 -4.40 0.87
CA VAL A 250 -13.46 -3.97 0.82
C VAL A 250 -13.03 -3.49 2.21
N GLN A 251 -13.84 -2.72 2.97
CA GLN A 251 -13.64 -2.27 4.32
C GLN A 251 -13.54 -3.36 5.39
N ARG A 252 -14.04 -4.57 5.23
CA ARG A 252 -13.81 -5.69 6.08
C ARG A 252 -12.55 -6.49 5.79
N GLY A 253 -11.94 -6.35 4.62
CA GLY A 253 -10.82 -7.21 4.28
C GLY A 253 -9.49 -6.47 4.43
N GLY A 254 -8.42 -7.16 4.04
CA GLY A 254 -7.11 -6.58 4.06
C GLY A 254 -6.28 -7.06 5.23
N SER A 255 -4.99 -6.86 5.20
CA SER A 255 -4.10 -7.11 6.31
C SER A 255 -4.30 -6.01 7.34
N PRO A 256 -4.38 -6.46 8.60
CA PRO A 256 -4.58 -5.59 9.74
C PRO A 256 -3.41 -4.63 9.89
N THR A 257 -3.71 -3.41 10.34
CA THR A 257 -2.61 -2.48 10.59
C THR A 257 -1.86 -2.89 11.85
N ALA A 258 -0.86 -2.08 12.18
CA ALA A 258 -0.09 -2.29 13.41
C ALA A 258 -0.94 -2.16 14.65
N PHE A 259 -1.76 -1.13 14.85
CA PHE A 259 -2.66 -1.00 15.98
C PHE A 259 -3.62 -2.16 16.12
N ASP A 260 -4.33 -2.66 15.11
CA ASP A 260 -5.17 -3.83 15.22
C ASP A 260 -4.51 -5.13 15.62
N ARG A 261 -3.27 -5.41 15.23
CA ARG A 261 -2.48 -6.56 15.58
C ARG A 261 -2.01 -6.47 17.03
N VAL A 262 -1.57 -5.28 17.47
CA VAL A 262 -1.17 -5.12 18.87
C VAL A 262 -2.37 -5.25 19.81
N LEU A 263 -3.45 -4.52 19.46
CA LEU A 263 -4.71 -4.62 20.15
C LEU A 263 -5.27 -6.02 20.17
N ALA A 264 -5.32 -6.79 19.08
CA ALA A 264 -5.81 -8.15 19.10
C ALA A 264 -4.96 -9.08 19.98
N SER A 265 -3.64 -8.96 19.98
CA SER A 265 -2.64 -9.66 20.72
C SER A 265 -2.83 -9.52 22.22
N ARG A 266 -2.90 -8.27 22.69
CA ARG A 266 -3.15 -7.94 24.07
C ARG A 266 -4.53 -8.42 24.49
N LEU A 267 -5.60 -8.08 23.77
CA LEU A 267 -6.94 -8.50 24.09
C LEU A 267 -7.16 -9.97 24.13
N GLY A 268 -6.64 -10.77 23.19
CA GLY A 268 -6.76 -12.23 23.18
C GLY A 268 -5.97 -12.82 24.33
N ALA A 269 -4.79 -12.36 24.68
CA ALA A 269 -3.97 -12.80 25.78
C ALA A 269 -4.59 -12.57 27.15
N ARG A 270 -5.19 -11.42 27.39
CA ARG A 270 -6.04 -11.07 28.50
C ARG A 270 -7.29 -11.94 28.63
N ALA A 271 -7.98 -12.34 27.57
CA ALA A 271 -9.09 -13.26 27.56
C ALA A 271 -8.76 -14.61 28.15
N VAL A 272 -7.62 -15.23 27.87
CA VAL A 272 -7.11 -16.47 28.39
C VAL A 272 -6.73 -16.32 29.87
N GLU A 273 -6.14 -15.22 30.30
CA GLU A 273 -5.83 -14.84 31.65
C GLU A 273 -7.02 -14.84 32.60
N LEU A 274 -8.13 -14.19 32.25
CA LEU A 274 -9.38 -14.18 32.96
C LEU A 274 -10.02 -15.55 33.12
N LEU A 275 -9.99 -16.42 32.11
CA LEU A 275 -10.48 -17.76 32.12
C LEU A 275 -9.68 -18.68 33.04
N LEU A 276 -8.37 -18.54 33.15
CA LEU A 276 -7.48 -19.32 33.98
C LEU A 276 -7.45 -18.92 35.44
N GLU A 277 -7.93 -17.75 35.81
CA GLU A 277 -8.20 -17.28 37.12
C GLU A 277 -9.67 -17.41 37.49
N GLY A 278 -10.51 -18.16 36.76
CA GLY A 278 -11.87 -18.43 37.05
C GLY A 278 -12.93 -17.44 36.74
N LYS A 279 -12.63 -16.28 36.18
CA LYS A 279 -13.60 -15.30 35.73
C LYS A 279 -14.22 -15.95 34.49
N GLY A 280 -15.40 -15.60 34.12
CA GLY A 280 -16.26 -16.15 33.07
C GLY A 280 -17.37 -15.12 33.04
N GLY A 281 -18.09 -14.85 31.98
CA GLY A 281 -19.10 -13.83 31.90
C GLY A 281 -18.65 -12.42 31.63
N ARG A 282 -17.38 -12.26 31.27
CA ARG A 282 -16.71 -11.04 31.00
C ARG A 282 -16.31 -10.80 29.54
N CYS A 283 -16.07 -9.54 29.23
CA CYS A 283 -15.60 -9.10 27.93
C CYS A 283 -14.45 -8.12 28.09
N VAL A 284 -13.34 -8.34 27.36
CA VAL A 284 -12.20 -7.40 27.46
C VAL A 284 -12.32 -6.18 26.57
N GLY A 285 -11.49 -5.17 26.77
CA GLY A 285 -11.58 -3.94 25.98
C GLY A 285 -10.42 -3.03 26.35
N ILE A 286 -10.30 -1.88 25.75
CA ILE A 286 -9.28 -0.87 26.00
C ILE A 286 -10.07 0.42 26.22
N GLN A 287 -10.03 0.91 27.46
CA GLN A 287 -10.81 2.12 27.80
C GLN A 287 -9.81 2.99 28.49
N ASN A 288 -9.68 4.25 28.14
CA ASN A 288 -8.69 5.18 28.65
C ASN A 288 -7.28 4.67 28.52
N ASN A 289 -6.80 4.10 27.44
CA ASN A 289 -5.57 3.49 27.13
C ASN A 289 -5.18 2.44 28.14
N GLN A 290 -6.04 1.54 28.61
CA GLN A 290 -5.76 0.57 29.63
C GLN A 290 -6.55 -0.69 29.32
N LEU A 291 -6.02 -1.85 29.60
CA LEU A 291 -6.78 -3.07 29.30
C LEU A 291 -7.87 -3.16 30.31
N VAL A 292 -9.16 -3.27 30.02
CA VAL A 292 -10.19 -3.31 31.05
C VAL A 292 -11.04 -4.55 30.83
N ASP A 293 -11.88 -4.96 31.75
CA ASP A 293 -12.74 -6.14 31.49
C ASP A 293 -14.02 -5.91 32.27
N HIS A 294 -15.20 -6.21 31.70
CA HIS A 294 -16.50 -5.89 32.22
C HIS A 294 -17.46 -7.06 32.21
N ASP A 295 -18.53 -6.96 33.02
CA ASP A 295 -19.50 -8.06 33.00
C ASP A 295 -20.11 -7.91 31.61
N ILE A 296 -20.39 -9.01 30.87
CA ILE A 296 -21.03 -8.85 29.57
C ILE A 296 -22.35 -8.12 29.70
N ALA A 297 -23.29 -8.61 30.52
CA ALA A 297 -24.59 -7.98 30.77
C ALA A 297 -24.53 -6.52 31.19
N GLU A 298 -23.64 -6.09 32.06
CA GLU A 298 -23.45 -4.68 32.38
C GLU A 298 -22.81 -3.99 31.17
N ALA A 299 -21.80 -4.56 30.50
CA ALA A 299 -21.22 -4.00 29.29
C ALA A 299 -22.28 -3.77 28.23
N LEU A 300 -23.14 -4.72 27.84
CA LEU A 300 -24.20 -4.57 26.87
C LEU A 300 -25.35 -3.63 27.18
N ALA A 301 -25.56 -3.06 28.34
CA ALA A 301 -26.52 -2.09 28.76
C ALA A 301 -26.12 -0.68 28.33
N ASN A 302 -24.84 -0.36 28.22
CA ASN A 302 -24.41 0.96 27.77
C ASN A 302 -24.75 1.23 26.31
N LYS A 303 -24.77 2.50 25.96
CA LYS A 303 -25.09 2.88 24.58
C LYS A 303 -23.82 3.49 23.99
N HIS A 304 -23.60 3.11 22.73
CA HIS A 304 -22.45 3.62 21.99
C HIS A 304 -22.75 5.06 21.60
N THR A 305 -21.78 5.94 21.79
CA THR A 305 -21.88 7.35 21.47
C THR A 305 -20.60 7.78 20.72
N ILE A 306 -20.71 8.78 19.86
CA ILE A 306 -19.54 9.31 19.18
C ILE A 306 -19.14 10.60 19.92
N ASP A 307 -17.97 11.08 19.58
CA ASP A 307 -17.31 12.24 20.05
C ASP A 307 -17.79 13.48 19.34
N GLN A 308 -18.68 14.20 20.00
CA GLN A 308 -19.19 15.48 19.52
C GLN A 308 -18.11 16.49 19.30
N ARG A 309 -17.08 16.69 20.11
CA ARG A 309 -15.97 17.58 19.85
C ARG A 309 -15.33 17.20 18.53
N MET A 310 -14.94 15.96 18.22
CA MET A 310 -14.40 15.50 16.96
C MET A 310 -15.30 15.78 15.78
N TYR A 311 -16.61 15.58 15.83
CA TYR A 311 -17.58 16.02 14.86
C TYR A 311 -17.62 17.53 14.74
N ALA A 312 -17.56 18.30 15.81
CA ALA A 312 -17.49 19.75 15.75
C ALA A 312 -16.21 20.15 15.04
N LEU A 313 -15.03 19.65 15.41
CA LEU A 313 -13.75 19.86 14.74
C LEU A 313 -13.65 19.60 13.25
N SER A 314 -14.30 18.57 12.69
CA SER A 314 -14.39 18.34 11.27
C SER A 314 -15.13 19.45 10.55
N LYS A 315 -16.15 20.17 11.04
CA LYS A 315 -16.67 21.32 10.34
C LYS A 315 -15.76 22.53 10.42
N GLU A 316 -15.00 22.82 11.45
CA GLU A 316 -14.12 23.99 11.52
C GLU A 316 -12.85 23.91 10.66
N LEU A 317 -12.30 22.71 10.43
CA LEU A 317 -11.12 22.53 9.63
C LEU A 317 -11.40 22.35 8.14
N SER A 318 -12.63 22.18 7.69
CA SER A 318 -13.01 22.05 6.31
C SER A 318 -13.51 23.31 5.66
N ILE A 319 -13.14 24.48 6.15
CA ILE A 319 -13.55 25.75 5.62
C ILE A 319 -12.86 25.93 4.29
N MET B 1 -5.41 37.59 20.34
CA MET B 1 -4.33 37.35 19.33
C MET B 1 -4.78 37.63 17.92
N LYS B 2 -4.06 38.43 17.19
CA LYS B 2 -4.38 38.77 15.81
C LYS B 2 -3.52 37.98 14.80
N ARG B 3 -2.28 37.64 15.11
CA ARG B 3 -1.43 36.91 14.20
C ARG B 3 -0.60 35.92 15.02
N ILE B 4 -0.49 34.70 14.53
CA ILE B 4 0.25 33.64 15.16
C ILE B 4 1.18 33.06 14.07
N GLY B 5 2.20 32.33 14.49
CA GLY B 5 3.14 31.71 13.58
C GLY B 5 3.13 30.19 13.81
N VAL B 6 3.52 29.41 12.82
CA VAL B 6 3.68 27.97 13.02
C VAL B 6 5.03 27.58 12.42
N LEU B 7 5.65 26.56 12.97
CA LEU B 7 6.98 26.15 12.52
C LEU B 7 7.14 24.67 12.83
N THR B 8 7.93 23.93 12.04
CA THR B 8 8.20 22.51 12.32
C THR B 8 9.71 22.40 12.49
N SER B 9 10.17 21.65 13.48
CA SER B 9 11.61 21.53 13.70
C SER B 9 11.94 20.13 14.18
N GLY B 10 13.19 19.70 13.98
CA GLY B 10 13.53 18.32 14.41
C GLY B 10 13.41 17.42 13.21
N GLY B 11 13.69 16.14 13.37
CA GLY B 11 13.52 15.25 12.20
C GLY B 11 12.06 15.39 11.73
N ASP B 12 11.76 15.44 10.45
CA ASP B 12 10.34 15.44 10.10
C ASP B 12 9.69 14.08 10.39
N SER B 13 8.37 14.03 10.24
CA SER B 13 7.65 12.79 10.54
C SER B 13 6.26 12.95 10.00
N PRO B 14 5.69 11.82 9.62
CA PRO B 14 4.40 11.75 8.96
C PRO B 14 3.28 12.31 9.82
N GLY B 15 2.53 13.29 9.30
CA GLY B 15 1.48 13.89 10.07
C GLY B 15 1.79 15.31 10.39
N MET B 16 3.02 15.79 10.12
CA MET B 16 3.38 17.17 10.31
C MET B 16 2.55 18.10 9.45
N ASN B 17 2.18 17.80 8.19
CA ASN B 17 1.32 18.58 7.37
C ASN B 17 -0.14 18.64 7.83
N ALA B 18 -0.66 17.57 8.43
CA ALA B 18 -1.96 17.53 9.04
C ALA B 18 -2.00 18.45 10.28
N ALA B 19 -1.02 18.52 11.14
CA ALA B 19 -0.90 19.45 12.23
C ALA B 19 -0.74 20.87 11.73
N ILE B 20 0.02 21.22 10.71
CA ILE B 20 0.15 22.51 10.06
C ILE B 20 -1.23 22.89 9.51
N ARG B 21 -1.93 22.02 8.77
CA ARG B 21 -3.26 22.25 8.28
C ARG B 21 -4.24 22.56 9.41
N SER B 22 -4.40 21.76 10.46
CA SER B 22 -5.25 22.10 11.59
C SER B 22 -4.77 23.34 12.32
N VAL B 23 -3.53 23.69 12.57
CA VAL B 23 -3.12 25.01 13.02
C VAL B 23 -3.66 26.10 12.10
N VAL B 24 -3.45 26.11 10.78
CA VAL B 24 -3.91 27.19 9.94
C VAL B 24 -5.42 27.30 9.85
N ARG B 25 -6.21 26.25 9.74
CA ARG B 25 -7.62 26.28 9.56
C ARG B 25 -8.34 26.69 10.83
N LYS B 26 -7.87 26.17 11.98
CA LYS B 26 -8.41 26.50 13.28
C LYS B 26 -8.14 27.97 13.55
N ALA B 27 -6.94 28.53 13.40
CA ALA B 27 -6.76 29.95 13.57
C ALA B 27 -7.63 30.76 12.64
N ILE B 28 -7.72 30.51 11.32
CA ILE B 28 -8.57 31.24 10.40
C ILE B 28 -10.05 31.17 10.74
N TYR B 29 -10.63 30.07 11.20
CA TYR B 29 -11.96 29.93 11.71
C TYR B 29 -12.30 30.91 12.85
N HIS B 30 -11.44 31.25 13.81
CA HIS B 30 -11.49 32.20 14.86
C HIS B 30 -10.95 33.57 14.50
N GLY B 31 -10.90 33.95 13.24
CA GLY B 31 -10.38 35.15 12.69
C GLY B 31 -8.94 35.45 13.00
N VAL B 32 -7.99 34.54 13.14
CA VAL B 32 -6.61 34.89 13.43
C VAL B 32 -5.80 34.74 12.15
N GLU B 33 -4.79 35.55 11.91
CA GLU B 33 -3.89 35.41 10.79
C GLU B 33 -2.76 34.43 11.11
N VAL B 34 -2.38 33.57 10.15
CA VAL B 34 -1.33 32.61 10.34
C VAL B 34 -0.19 32.81 9.33
N TYR B 35 0.99 32.97 9.91
CA TYR B 35 2.23 33.12 9.19
C TYR B 35 3.02 31.82 9.34
N GLY B 36 3.64 31.33 8.27
CA GLY B 36 4.45 30.10 8.38
C GLY B 36 5.91 30.52 8.50
N VAL B 37 6.68 29.83 9.31
CA VAL B 37 8.10 30.08 9.54
C VAL B 37 8.80 28.94 8.82
N TYR B 38 9.54 29.27 7.78
CA TYR B 38 10.13 28.20 6.95
C TYR B 38 11.46 27.88 7.57
N HIS B 39 11.91 26.62 7.50
CA HIS B 39 13.14 26.09 8.00
C HIS B 39 13.33 26.07 9.52
N GLY B 40 12.26 25.82 10.30
CA GLY B 40 12.34 25.73 11.74
C GLY B 40 12.87 26.98 12.45
N TYR B 41 13.80 26.78 13.42
CA TYR B 41 14.36 27.95 14.11
C TYR B 41 15.41 28.67 13.29
N ALA B 42 16.12 28.02 12.37
CA ALA B 42 17.06 28.60 11.45
C ALA B 42 16.43 29.63 10.54
N GLY B 43 15.25 29.39 9.97
CA GLY B 43 14.50 30.40 9.25
C GLY B 43 13.75 31.41 10.08
N LEU B 44 13.51 31.17 11.38
CA LEU B 44 12.98 32.12 12.32
C LEU B 44 14.00 33.24 12.53
N ILE B 45 15.26 32.89 12.81
CA ILE B 45 16.36 33.85 12.93
C ILE B 45 16.59 34.67 11.68
N ALA B 46 16.51 34.13 10.47
CA ALA B 46 16.61 34.77 9.19
C ALA B 46 15.41 35.56 8.70
N GLY B 47 14.24 35.50 9.33
CA GLY B 47 13.07 36.21 8.91
C GLY B 47 12.42 35.63 7.68
N ASN B 48 12.42 34.31 7.52
CA ASN B 48 11.87 33.48 6.47
C ASN B 48 10.47 33.02 6.84
N ILE B 49 9.56 33.97 6.93
CA ILE B 49 8.23 34.02 7.44
C ILE B 49 7.33 34.52 6.32
N LYS B 50 6.20 33.89 6.08
CA LYS B 50 5.27 34.28 5.05
C LYS B 50 3.85 33.89 5.47
N LYS B 51 2.89 34.74 5.18
CA LYS B 51 1.50 34.48 5.50
C LYS B 51 0.99 33.23 4.79
N LEU B 52 0.21 32.40 5.45
CA LEU B 52 -0.42 31.23 4.85
C LEU B 52 -1.91 31.47 4.74
N GLU B 53 -2.54 31.33 3.61
CA GLU B 53 -3.99 31.52 3.46
C GLU B 53 -4.66 30.18 3.68
N VAL B 54 -6.00 30.09 3.68
CA VAL B 54 -6.77 28.89 3.86
C VAL B 54 -6.51 27.81 2.82
N GLY B 55 -6.44 28.18 1.55
CA GLY B 55 -6.11 27.32 0.46
C GLY B 55 -4.65 26.96 0.38
N ASP B 56 -3.62 27.50 1.03
CA ASP B 56 -2.25 27.02 1.02
C ASP B 56 -1.97 25.75 1.80
N VAL B 57 -2.90 25.25 2.64
CA VAL B 57 -2.87 24.02 3.38
C VAL B 57 -3.86 23.07 2.74
N GLY B 58 -4.46 23.39 1.59
CA GLY B 58 -5.27 22.50 0.79
C GLY B 58 -4.38 21.46 0.12
N ASP B 59 -4.81 20.21 0.08
CA ASP B 59 -4.08 19.07 -0.44
C ASP B 59 -2.77 18.64 0.18
N ILE B 60 -2.43 18.98 1.43
CA ILE B 60 -1.27 18.52 2.15
C ILE B 60 -1.65 17.53 3.25
N ILE B 61 -2.93 17.29 3.58
CA ILE B 61 -3.28 16.43 4.72
C ILE B 61 -2.79 15.01 4.74
N HIS B 62 -2.71 14.30 3.63
CA HIS B 62 -2.27 13.02 3.23
C HIS B 62 -0.81 12.96 2.78
N ARG B 63 -0.02 14.03 2.85
CA ARG B 63 1.35 13.97 2.38
C ARG B 63 2.32 13.88 3.56
N GLY B 64 3.46 13.19 3.32
CA GLY B 64 4.47 13.06 4.35
C GLY B 64 5.26 14.35 4.42
N GLY B 65 6.25 14.43 5.27
CA GLY B 65 7.10 15.59 5.34
C GLY B 65 6.34 16.76 5.92
N THR B 66 6.99 17.92 5.75
CA THR B 66 6.44 19.18 6.20
C THR B 66 6.65 20.11 5.03
N ILE B 67 5.68 20.94 4.69
CA ILE B 67 5.81 22.02 3.74
C ILE B 67 6.56 23.21 4.31
N LEU B 68 6.78 23.40 5.62
CA LEU B 68 7.57 24.51 6.08
C LEU B 68 9.01 24.13 6.25
N TYR B 69 9.47 22.90 6.11
CA TYR B 69 10.80 22.40 6.20
C TYR B 69 11.29 22.53 7.63
N THR B 70 12.32 21.79 7.96
CA THR B 70 12.95 21.77 9.27
C THR B 70 14.43 21.88 8.97
N ALA B 71 15.18 22.44 9.90
CA ALA B 71 16.61 22.69 9.69
C ALA B 71 17.28 22.75 11.06
N ARG B 72 18.48 22.19 11.20
CA ARG B 72 19.16 22.28 12.48
C ARG B 72 19.52 23.76 12.64
N CYS B 73 19.53 24.18 13.90
CA CYS B 73 19.83 25.55 14.23
C CYS B 73 20.52 25.63 15.58
N PRO B 74 21.86 25.67 15.51
CA PRO B 74 22.77 25.74 16.64
C PRO B 74 22.79 27.10 17.32
N GLU B 75 22.59 28.19 16.58
CA GLU B 75 22.43 29.54 17.03
C GLU B 75 21.31 29.80 18.02
N PHE B 76 20.18 29.10 18.07
CA PHE B 76 19.07 29.11 18.97
C PHE B 76 19.21 28.45 20.33
N LYS B 77 20.38 27.95 20.70
CA LYS B 77 20.84 27.45 21.97
C LYS B 77 21.54 28.56 22.76
N THR B 78 21.87 29.65 22.08
CA THR B 78 22.44 30.87 22.56
C THR B 78 21.36 31.93 22.72
N GLU B 79 21.56 32.85 23.65
CA GLU B 79 20.66 33.97 23.92
C GLU B 79 20.53 34.96 22.78
N GLU B 80 21.55 35.27 21.99
CA GLU B 80 21.44 36.16 20.84
C GLU B 80 20.64 35.54 19.70
N GLY B 81 20.75 34.24 19.44
CA GLY B 81 19.89 33.48 18.54
C GLY B 81 18.44 33.74 18.91
N GLN B 82 18.03 33.42 20.12
CA GLN B 82 16.77 33.71 20.76
C GLN B 82 16.30 35.15 20.69
N LYS B 83 17.14 36.13 20.99
CA LYS B 83 16.79 37.54 20.86
C LYS B 83 16.62 37.89 19.39
N LYS B 84 17.44 37.47 18.42
CA LYS B 84 17.14 37.62 16.99
C LYS B 84 15.82 36.96 16.58
N GLY B 85 15.49 35.74 17.03
CA GLY B 85 14.20 35.11 16.89
C GLY B 85 13.06 36.04 17.27
N ILE B 86 13.01 36.54 18.51
CA ILE B 86 12.01 37.50 18.97
C ILE B 86 11.99 38.80 18.18
N GLU B 87 13.09 39.42 17.80
CA GLU B 87 13.13 40.55 16.89
C GLU B 87 12.39 40.33 15.59
N GLN B 88 12.64 39.23 14.86
CA GLN B 88 11.90 38.88 13.66
C GLN B 88 10.42 38.69 13.94
N LEU B 89 10.05 37.96 15.02
CA LEU B 89 8.66 37.83 15.42
C LEU B 89 7.99 39.16 15.65
N LYS B 90 8.52 40.09 16.45
CA LYS B 90 7.99 41.44 16.61
C LYS B 90 7.94 42.19 15.30
N LYS B 91 8.96 42.22 14.44
CA LYS B 91 8.93 42.80 13.11
C LYS B 91 7.81 42.40 12.17
N HIS B 92 7.33 41.15 12.14
CA HIS B 92 6.18 40.72 11.37
C HIS B 92 4.85 40.83 12.13
N GLY B 93 4.89 41.07 13.44
CA GLY B 93 3.75 41.25 14.30
C GLY B 93 3.16 39.93 14.79
N ILE B 94 3.99 38.92 14.94
CA ILE B 94 3.49 37.61 15.34
C ILE B 94 3.34 37.65 16.84
N GLU B 95 2.22 37.19 17.37
CA GLU B 95 2.03 37.26 18.83
C GLU B 95 2.26 35.92 19.49
N GLY B 96 1.92 34.81 18.89
CA GLY B 96 2.16 33.51 19.54
C GLY B 96 2.75 32.55 18.49
N LEU B 97 3.31 31.45 19.00
CA LEU B 97 3.91 30.48 18.10
C LEU B 97 3.59 29.03 18.39
N VAL B 98 3.13 28.29 17.39
CA VAL B 98 2.95 26.84 17.53
C VAL B 98 4.22 26.18 16.95
N VAL B 99 4.91 25.38 17.74
CA VAL B 99 6.11 24.68 17.40
C VAL B 99 5.78 23.20 17.30
N ILE B 100 5.89 22.57 16.12
CA ILE B 100 5.63 21.17 15.87
C ILE B 100 6.92 20.38 15.74
N GLY B 101 7.28 19.40 16.56
CA GLY B 101 8.54 18.72 16.43
C GLY B 101 8.86 17.92 17.67
N GLY B 102 10.16 17.65 17.90
CA GLY B 102 10.50 16.84 19.07
C GLY B 102 10.97 17.57 20.31
N ASP B 103 11.74 16.92 21.18
CA ASP B 103 12.40 17.43 22.36
C ASP B 103 13.21 18.69 22.22
N GLY B 104 14.09 18.74 21.20
CA GLY B 104 14.88 19.89 20.84
C GLY B 104 14.01 21.06 20.50
N SER B 105 12.91 20.93 19.73
CA SER B 105 12.00 22.05 19.47
C SER B 105 11.26 22.52 20.71
N TYR B 106 10.92 21.71 21.69
CA TYR B 106 10.41 22.02 23.00
C TYR B 106 11.35 22.88 23.83
N GLN B 107 12.66 22.60 23.84
CA GLN B 107 13.67 23.46 24.43
C GLN B 107 13.57 24.90 23.99
N GLY B 108 13.54 25.24 22.70
CA GLY B 108 13.31 26.56 22.16
C GLY B 108 11.98 27.16 22.45
N ALA B 109 10.88 26.39 22.54
CA ALA B 109 9.56 26.83 22.94
C ALA B 109 9.63 27.25 24.40
N LYS B 110 10.29 26.56 25.33
CA LYS B 110 10.50 26.98 26.68
C LYS B 110 11.28 28.28 26.76
N LYS B 111 12.43 28.45 26.10
CA LYS B 111 13.15 29.71 26.10
C LYS B 111 12.35 30.83 25.47
N LEU B 112 11.62 30.67 24.37
CA LEU B 112 10.76 31.73 23.86
C LEU B 112 9.74 32.21 24.88
N THR B 113 8.99 31.37 25.56
CA THR B 113 8.06 31.70 26.62
C THR B 113 8.71 32.38 27.80
N GLU B 114 9.90 32.03 28.30
CA GLU B 114 10.70 32.80 29.23
C GLU B 114 11.12 34.21 28.89
N HIS B 115 11.00 34.83 27.74
CA HIS B 115 11.18 36.14 27.25
C HIS B 115 9.81 36.71 26.83
N GLY B 116 8.75 36.15 27.39
CA GLY B 116 7.38 36.52 27.13
C GLY B 116 6.92 36.31 25.71
N PHE B 117 7.19 35.12 25.17
CA PHE B 117 6.67 34.84 23.83
C PHE B 117 5.86 33.56 23.93
N PRO B 118 4.54 33.73 23.91
CA PRO B 118 3.65 32.59 24.09
C PRO B 118 3.92 31.56 23.02
N CYS B 119 4.36 30.37 23.43
CA CYS B 119 4.60 29.22 22.60
C CYS B 119 3.96 27.95 23.16
N VAL B 120 3.44 27.16 22.20
CA VAL B 120 2.83 25.87 22.46
C VAL B 120 3.55 24.85 21.55
N GLY B 121 4.00 23.75 22.09
CA GLY B 121 4.63 22.62 21.49
C GLY B 121 3.69 21.48 21.13
N VAL B 122 3.83 20.99 19.89
CA VAL B 122 2.99 19.85 19.40
C VAL B 122 4.01 18.77 19.12
N PRO B 123 3.80 17.57 19.63
CA PRO B 123 4.74 16.46 19.52
C PRO B 123 4.74 15.78 18.16
N GLY B 124 5.69 16.16 17.28
CA GLY B 124 5.88 15.52 16.00
C GLY B 124 7.15 14.70 15.93
N THR B 125 7.04 13.37 16.03
CA THR B 125 8.22 12.51 15.88
C THR B 125 7.75 11.08 15.80
N ILE B 126 8.53 10.18 15.21
CA ILE B 126 8.21 8.78 14.98
C ILE B 126 8.59 7.84 16.11
N ASP B 127 9.49 8.30 16.99
CA ASP B 127 10.12 7.58 18.08
C ASP B 127 9.23 7.32 19.29
N ASN B 128 8.27 8.22 19.51
CA ASN B 128 7.36 8.18 20.63
C ASN B 128 7.99 8.69 21.90
N ASP B 129 9.05 9.47 21.99
CA ASP B 129 9.63 9.83 23.27
C ASP B 129 9.69 11.33 23.38
N ILE B 130 8.48 11.80 23.64
CA ILE B 130 8.17 13.18 23.97
C ILE B 130 7.24 12.87 25.14
N PRO B 131 7.67 13.44 26.27
CA PRO B 131 6.96 13.28 27.53
C PRO B 131 5.67 14.09 27.52
N GLY B 132 4.65 13.54 28.18
CA GLY B 132 3.39 14.28 28.27
C GLY B 132 2.32 13.80 27.32
N THR B 133 2.66 12.85 26.46
CA THR B 133 1.75 12.31 25.48
C THR B 133 2.05 10.84 25.41
N ASP B 134 1.08 10.00 25.21
CA ASP B 134 1.24 8.58 25.06
C ASP B 134 1.81 8.24 23.70
N PHE B 135 1.40 8.96 22.64
CA PHE B 135 1.62 8.83 21.25
C PHE B 135 2.07 10.17 20.66
N THR B 136 3.16 10.05 19.87
CA THR B 136 3.63 11.25 19.17
C THR B 136 3.08 11.18 17.75
N ILE B 137 2.94 12.33 17.12
CA ILE B 137 2.43 12.31 15.76
C ILE B 137 3.55 11.73 14.88
N GLY B 138 3.29 10.58 14.23
CA GLY B 138 4.24 10.04 13.30
C GLY B 138 4.62 8.61 13.63
N PHE B 139 4.37 8.27 14.91
CA PHE B 139 4.70 6.97 15.45
C PHE B 139 3.84 5.88 14.83
N ASP B 140 2.54 6.09 14.62
CA ASP B 140 1.68 5.10 14.01
C ASP B 140 2.10 4.80 12.58
N THR B 141 2.43 5.76 11.74
CA THR B 141 2.89 5.62 10.38
C THR B 141 4.19 4.86 10.25
N ALA B 142 5.21 5.21 11.06
CA ALA B 142 6.44 4.45 11.12
C ALA B 142 6.23 3.01 11.55
N LEU B 143 5.35 2.59 12.45
CA LEU B 143 5.02 1.24 12.78
C LEU B 143 4.47 0.44 11.59
N ASN B 144 3.56 1.03 10.83
CA ASN B 144 3.03 0.49 9.60
C ASN B 144 4.10 0.39 8.54
N THR B 145 5.06 1.28 8.33
CA THR B 145 6.20 1.13 7.47
C THR B 145 7.07 -0.02 7.92
N VAL B 146 7.39 -0.20 9.21
CA VAL B 146 8.13 -1.40 9.61
C VAL B 146 7.36 -2.66 9.40
N ILE B 147 6.05 -2.80 9.55
CA ILE B 147 5.35 -4.08 9.40
C ILE B 147 5.08 -4.42 7.97
N ASP B 148 5.13 -3.53 6.99
CA ASP B 148 5.09 -3.80 5.57
C ASP B 148 6.35 -4.57 5.12
N ALA B 149 7.53 -4.23 5.61
CA ALA B 149 8.77 -4.92 5.45
C ALA B 149 8.82 -6.27 6.13
N ILE B 150 8.35 -6.45 7.36
CA ILE B 150 8.22 -7.74 8.04
C ILE B 150 7.22 -8.59 7.30
N ASP B 151 6.07 -8.10 6.85
CA ASP B 151 5.09 -8.91 6.12
C ASP B 151 5.64 -9.54 4.86
N LYS B 152 6.36 -8.83 4.02
CA LYS B 152 7.06 -9.24 2.83
C LYS B 152 8.09 -10.29 3.13
N ILE B 153 8.92 -10.15 4.18
CA ILE B 153 9.77 -11.22 4.65
C ILE B 153 9.00 -12.47 5.01
N ARG B 154 7.82 -12.60 5.58
CA ARG B 154 7.06 -13.78 5.83
C ARG B 154 6.59 -14.52 4.59
N ASP B 155 6.54 -14.02 3.38
CA ASP B 155 6.24 -14.70 2.17
C ASP B 155 7.35 -15.58 1.67
N THR B 156 8.62 -15.27 1.86
CA THR B 156 9.67 -16.15 1.38
C THR B 156 9.41 -17.57 1.89
N ALA B 157 9.40 -18.53 0.98
CA ALA B 157 9.11 -19.93 1.21
C ALA B 157 10.32 -20.83 1.00
N THR B 158 11.47 -20.35 1.46
CA THR B 158 12.74 -21.04 1.39
C THR B 158 13.07 -21.66 2.75
N SER B 159 13.56 -22.90 2.70
CA SER B 159 13.89 -23.63 3.93
C SER B 159 15.26 -23.34 4.50
N HIS B 160 16.21 -22.87 3.70
CA HIS B 160 17.53 -22.52 4.20
C HIS B 160 17.66 -21.03 4.52
N GLU B 161 16.67 -20.20 4.25
CA GLU B 161 16.68 -18.78 4.58
C GLU B 161 15.51 -18.51 5.53
N ARG B 162 15.73 -18.84 6.80
CA ARG B 162 14.69 -18.68 7.81
C ARG B 162 14.99 -17.60 8.84
N THR B 163 16.20 -17.19 9.10
CA THR B 163 16.57 -16.21 10.10
C THR B 163 16.88 -14.80 9.67
N TYR B 164 15.98 -13.86 9.97
CA TYR B 164 15.98 -12.47 9.53
C TYR B 164 16.09 -11.42 10.62
N VAL B 165 16.99 -10.47 10.50
CA VAL B 165 17.30 -9.41 11.41
C VAL B 165 16.89 -8.06 10.83
N ILE B 166 15.89 -7.39 11.45
CA ILE B 166 15.48 -6.07 10.99
C ILE B 166 15.90 -4.99 11.99
N GLU B 167 16.66 -4.00 11.55
CA GLU B 167 17.07 -2.87 12.33
C GLU B 167 16.15 -1.68 12.04
N VAL B 168 15.47 -1.26 13.10
CA VAL B 168 14.52 -0.15 13.08
C VAL B 168 15.10 1.04 13.85
N MET B 169 14.49 2.20 13.70
CA MET B 169 14.91 3.38 14.40
C MET B 169 14.51 3.41 15.88
N GLY B 170 15.10 4.37 16.60
CA GLY B 170 14.85 4.50 18.03
C GLY B 170 16.20 4.41 18.76
N ARG B 171 16.80 5.59 18.86
CA ARG B 171 18.12 5.71 19.47
C ARG B 171 18.02 5.52 20.96
N HIS B 172 17.08 6.17 21.64
CA HIS B 172 16.91 6.14 23.08
C HIS B 172 15.67 5.42 23.57
N ALA B 173 14.74 5.27 22.64
CA ALA B 173 13.47 4.68 22.96
C ALA B 173 13.17 3.48 22.08
N GLY B 174 12.66 2.43 22.73
CA GLY B 174 12.31 1.17 22.15
C GLY B 174 10.90 0.95 21.66
N ASP B 175 10.10 1.99 21.55
CA ASP B 175 8.71 2.00 21.15
C ASP B 175 8.46 1.44 19.76
N ILE B 176 9.20 1.92 18.73
CA ILE B 176 9.10 1.38 17.39
C ILE B 176 9.45 -0.11 17.38
N ALA B 177 10.57 -0.56 17.94
CA ALA B 177 10.88 -1.97 17.98
C ALA B 177 9.88 -2.79 18.76
N LEU B 178 9.43 -2.36 19.95
CA LEU B 178 8.48 -3.14 20.73
C LEU B 178 7.14 -3.27 20.05
N TRP B 179 6.53 -2.17 19.57
CA TRP B 179 5.25 -2.30 18.87
C TRP B 179 5.31 -3.01 17.52
N SER B 180 6.36 -2.89 16.70
CA SER B 180 6.60 -3.55 15.43
C SER B 180 6.83 -5.03 15.57
N GLY B 181 7.65 -5.39 16.57
CA GLY B 181 7.94 -6.76 16.93
C GLY B 181 6.68 -7.50 17.35
N LEU B 182 5.89 -6.89 18.26
CA LEU B 182 4.63 -7.48 18.68
C LEU B 182 3.62 -7.59 17.55
N ALA B 183 3.44 -6.57 16.71
CA ALA B 183 2.59 -6.58 15.55
C ALA B 183 3.04 -7.47 14.40
N GLY B 184 4.37 -7.62 14.22
CA GLY B 184 5.03 -8.42 13.25
C GLY B 184 5.24 -9.85 13.65
N GLY B 185 5.13 -10.19 14.94
CA GLY B 185 5.33 -11.52 15.46
C GLY B 185 6.83 -11.83 15.54
N ALA B 186 7.63 -10.84 15.85
CA ALA B 186 9.07 -11.00 16.01
C ALA B 186 9.24 -11.95 17.18
N GLU B 187 10.24 -12.80 17.12
CA GLU B 187 10.55 -13.74 18.19
C GLU B 187 11.42 -13.08 19.23
N THR B 188 12.32 -12.19 18.85
CA THR B 188 13.23 -11.52 19.77
C THR B 188 13.29 -10.05 19.36
N ILE B 189 13.06 -9.18 20.33
CA ILE B 189 13.07 -7.75 20.25
C ILE B 189 14.16 -7.17 21.17
N LEU B 190 15.10 -6.39 20.69
CA LEU B 190 16.20 -5.83 21.42
C LEU B 190 15.99 -4.34 21.46
N ILE B 191 15.58 -3.86 22.63
CA ILE B 191 15.29 -2.43 22.84
C ILE B 191 16.19 -2.03 23.99
N PRO B 192 16.50 -0.73 24.11
CA PRO B 192 17.29 -0.14 25.17
C PRO B 192 16.84 -0.32 26.61
N GLU B 193 15.58 -0.48 26.94
CA GLU B 193 14.85 -0.61 28.14
C GLU B 193 14.83 -2.01 28.76
N ALA B 194 15.29 -3.03 28.08
CA ALA B 194 15.30 -4.37 28.66
C ALA B 194 16.67 -4.97 28.42
N ASP B 195 17.04 -5.90 29.28
CA ASP B 195 18.36 -6.52 29.15
C ASP B 195 18.09 -7.80 28.39
N TYR B 196 18.93 -8.03 27.42
CA TYR B 196 18.83 -9.24 26.63
C TYR B 196 20.07 -10.07 27.01
N ASP B 197 19.96 -11.35 26.75
CA ASP B 197 21.07 -12.27 26.90
C ASP B 197 21.22 -12.89 25.53
N MET B 198 22.40 -12.83 24.89
CA MET B 198 22.64 -13.46 23.60
C MET B 198 22.56 -14.97 23.60
N ASN B 199 22.85 -15.72 24.64
CA ASN B 199 22.59 -17.12 24.81
C ASN B 199 21.09 -17.42 24.80
N ASP B 200 20.24 -16.60 25.43
CA ASP B 200 18.78 -16.69 25.43
C ASP B 200 18.21 -16.42 24.05
N VAL B 201 18.74 -15.45 23.28
CA VAL B 201 18.42 -15.26 21.88
C VAL B 201 18.77 -16.48 21.04
N ILE B 202 19.95 -17.07 21.13
CA ILE B 202 20.34 -18.29 20.43
C ILE B 202 19.51 -19.48 20.87
N ALA B 203 19.31 -19.74 22.15
CA ALA B 203 18.47 -20.84 22.59
C ALA B 203 17.04 -20.81 22.11
N ARG B 204 16.35 -19.67 22.07
CA ARG B 204 14.98 -19.51 21.60
C ARG B 204 14.92 -19.58 20.09
N LEU B 205 15.95 -19.09 19.39
CA LEU B 205 16.16 -19.29 17.98
C LEU B 205 16.21 -20.77 17.64
N LYS B 206 16.99 -21.63 18.31
CA LYS B 206 17.06 -23.07 18.08
C LYS B 206 15.80 -23.81 18.46
N ARG B 207 15.15 -23.48 19.55
CA ARG B 207 13.82 -23.98 19.90
C ARG B 207 12.82 -23.86 18.76
N GLY B 208 12.58 -22.67 18.20
CA GLY B 208 11.69 -22.44 17.09
C GLY B 208 12.10 -23.23 15.86
N HIS B 209 13.37 -23.18 15.40
CA HIS B 209 13.87 -24.02 14.34
C HIS B 209 13.54 -25.49 14.60
N GLU B 210 13.89 -26.12 15.72
CA GLU B 210 13.50 -27.46 16.10
C GLU B 210 12.02 -27.74 15.91
N ARG B 211 11.09 -26.97 16.45
CA ARG B 211 9.65 -27.10 16.32
C ARG B 211 9.14 -26.92 14.91
N GLY B 212 9.65 -26.12 14.01
CA GLY B 212 9.18 -26.06 12.64
C GLY B 212 8.77 -24.64 12.29
N LYS B 213 9.08 -23.70 13.20
CA LYS B 213 8.77 -22.30 13.00
C LYS B 213 9.16 -21.92 11.57
N LYS B 214 8.24 -21.33 10.84
CA LYS B 214 8.58 -21.01 9.45
C LYS B 214 9.71 -20.02 9.34
N HIS B 215 9.65 -18.88 10.03
CA HIS B 215 10.55 -17.78 10.11
C HIS B 215 11.08 -17.55 11.52
N SER B 216 12.19 -16.87 11.65
CA SER B 216 12.73 -16.39 12.90
C SER B 216 13.16 -14.95 12.64
N ILE B 217 12.25 -14.06 13.09
CA ILE B 217 12.45 -12.62 12.88
C ILE B 217 12.92 -11.95 14.18
N ILE B 218 14.02 -11.23 14.16
CA ILE B 218 14.59 -10.49 15.27
C ILE B 218 14.57 -9.01 14.91
N ILE B 219 14.10 -8.20 15.85
CA ILE B 219 14.02 -6.75 15.70
C ILE B 219 15.07 -6.13 16.61
N VAL B 220 15.86 -5.21 16.11
CA VAL B 220 16.89 -4.53 16.84
C VAL B 220 16.57 -3.04 16.73
N ALA B 221 16.47 -2.43 17.91
CA ALA B 221 16.31 -0.97 17.91
C ALA B 221 17.70 -0.44 17.58
N GLU B 222 17.84 0.66 16.85
CA GLU B 222 19.15 1.20 16.52
C GLU B 222 19.97 1.60 17.71
N GLY B 223 19.51 2.14 18.84
CA GLY B 223 20.20 2.40 20.06
C GLY B 223 20.88 1.27 20.78
N VAL B 224 20.54 0.00 20.64
CA VAL B 224 21.19 -1.17 21.13
C VAL B 224 22.40 -1.52 20.25
N GLY B 225 22.25 -1.41 18.94
CA GLY B 225 23.31 -1.79 18.03
C GLY B 225 22.93 -1.91 16.56
N SER B 226 23.90 -2.38 15.76
CA SER B 226 23.66 -2.52 14.33
C SER B 226 22.97 -3.85 14.06
N GLY B 227 22.18 -3.86 12.99
CA GLY B 227 21.54 -5.09 12.53
C GLY B 227 22.56 -5.99 11.83
N VAL B 228 23.49 -5.44 11.07
CA VAL B 228 24.55 -6.17 10.40
C VAL B 228 25.44 -6.96 11.35
N ASP B 229 25.96 -6.32 12.40
CA ASP B 229 26.75 -6.98 13.44
C ASP B 229 25.99 -8.09 14.12
N PHE B 230 24.75 -7.87 14.58
CA PHE B 230 23.87 -8.88 15.15
C PHE B 230 23.65 -10.08 14.25
N GLY B 231 23.37 -9.89 12.97
CA GLY B 231 23.34 -10.86 11.92
C GLY B 231 24.62 -11.67 11.85
N ARG B 232 25.82 -11.08 11.80
CA ARG B 232 27.07 -11.81 11.83
C ARG B 232 27.13 -12.82 12.98
N GLN B 233 26.99 -12.36 14.23
CA GLN B 233 26.97 -13.20 15.40
C GLN B 233 25.95 -14.31 15.47
N ILE B 234 24.72 -14.15 15.00
CA ILE B 234 23.65 -15.14 14.98
C ILE B 234 24.01 -16.32 14.10
N GLN B 235 24.50 -16.02 12.90
CA GLN B 235 25.01 -16.95 11.92
C GLN B 235 26.30 -17.57 12.42
N GLU B 236 27.23 -16.83 13.02
CA GLU B 236 28.44 -17.40 13.59
C GLU B 236 28.12 -18.42 14.66
N ALA B 237 27.35 -18.08 15.68
CA ALA B 237 26.93 -18.99 16.72
C ALA B 237 26.03 -20.13 16.30
N THR B 238 25.12 -20.00 15.36
CA THR B 238 24.18 -21.06 15.06
C THR B 238 24.48 -21.83 13.79
N GLY B 239 25.02 -21.09 12.80
CA GLY B 239 25.28 -21.62 11.47
C GLY B 239 24.16 -21.42 10.47
N PHE B 240 23.04 -20.83 10.87
CA PHE B 240 21.86 -20.56 10.11
C PHE B 240 22.11 -19.36 9.21
N GLU B 241 21.73 -19.43 7.95
CA GLU B 241 21.91 -18.27 7.06
C GLU B 241 21.07 -17.14 7.63
N THR B 242 21.65 -15.97 7.86
CA THR B 242 20.93 -14.85 8.46
C THR B 242 20.89 -13.64 7.55
N ARG B 243 19.69 -13.14 7.22
CA ARG B 243 19.55 -12.00 6.32
C ARG B 243 19.19 -10.71 7.04
N VAL B 244 19.83 -9.60 6.75
CA VAL B 244 19.64 -8.31 7.38
C VAL B 244 18.93 -7.28 6.50
N THR B 245 17.95 -6.57 7.02
CA THR B 245 17.29 -5.45 6.39
C THR B 245 17.55 -4.25 7.30
N VAL B 246 17.97 -3.13 6.75
CA VAL B 246 18.22 -1.90 7.47
C VAL B 246 17.28 -0.90 6.83
N LEU B 247 16.17 -0.57 7.53
CA LEU B 247 15.17 0.31 6.90
C LEU B 247 15.63 1.73 6.76
N GLY B 248 16.30 2.27 7.80
CA GLY B 248 16.82 3.60 7.77
C GLY B 248 15.73 4.61 7.63
N HIS B 249 15.93 5.75 7.01
CA HIS B 249 15.06 6.86 6.81
C HIS B 249 13.77 6.67 6.04
N VAL B 250 13.36 5.57 5.48
CA VAL B 250 12.07 5.13 4.99
C VAL B 250 11.03 5.20 6.10
N GLN B 251 11.29 4.88 7.36
CA GLN B 251 10.54 5.03 8.58
C GLN B 251 10.13 6.45 8.91
N ARG B 252 10.76 7.53 8.55
CA ARG B 252 10.38 8.89 8.66
C ARG B 252 9.44 9.44 7.58
N GLY B 253 9.22 8.76 6.46
CA GLY B 253 8.47 9.35 5.37
C GLY B 253 7.26 8.50 5.07
N GLY B 254 6.50 8.94 4.07
CA GLY B 254 5.28 8.23 3.71
C GLY B 254 4.08 9.06 4.17
N SER B 255 2.98 8.76 3.50
CA SER B 255 1.68 9.35 3.78
C SER B 255 1.24 8.86 5.14
N PRO B 256 0.77 9.75 6.00
CA PRO B 256 0.36 9.40 7.37
C PRO B 256 -0.86 8.51 7.42
N THR B 257 -0.85 7.59 8.38
CA THR B 257 -2.02 6.71 8.57
C THR B 257 -3.20 7.50 9.10
N ALA B 258 -4.38 6.91 9.26
CA ALA B 258 -5.60 7.50 9.79
C ALA B 258 -5.44 7.99 11.23
N PHE B 259 -4.81 7.20 12.12
CA PHE B 259 -4.50 7.64 13.47
C PHE B 259 -3.58 8.85 13.51
N ASP B 260 -2.55 9.03 12.72
CA ASP B 260 -1.71 10.19 12.69
C ASP B 260 -2.41 11.42 12.16
N ARG B 261 -3.31 11.36 11.19
CA ARG B 261 -4.02 12.54 10.73
C ARG B 261 -5.06 13.07 11.72
N VAL B 262 -5.79 12.16 12.39
CA VAL B 262 -6.72 12.47 13.43
C VAL B 262 -6.03 13.06 14.65
N LEU B 263 -4.91 12.47 15.08
CA LEU B 263 -4.11 12.96 16.17
C LEU B 263 -3.52 14.33 15.90
N ALA B 264 -3.01 14.65 14.72
CA ALA B 264 -2.44 15.91 14.32
C ALA B 264 -3.49 17.01 14.20
N SER B 265 -4.68 16.71 13.75
CA SER B 265 -5.81 17.58 13.65
C SER B 265 -6.32 18.02 15.01
N ARG B 266 -6.51 17.09 15.94
CA ARG B 266 -6.93 17.46 17.27
C ARG B 266 -5.88 18.19 18.08
N LEU B 267 -4.64 17.73 18.02
CA LEU B 267 -3.53 18.35 18.75
C LEU B 267 -3.16 19.71 18.24
N GLY B 268 -3.11 19.93 16.93
CA GLY B 268 -2.85 21.22 16.33
C GLY B 268 -3.94 22.24 16.57
N ALA B 269 -5.24 21.90 16.61
CA ALA B 269 -6.32 22.81 16.88
C ALA B 269 -6.36 23.14 18.38
N ARG B 270 -6.03 22.20 19.27
CA ARG B 270 -5.86 22.43 20.67
C ARG B 270 -4.68 23.33 20.93
N ALA B 271 -3.54 23.32 20.26
CA ALA B 271 -2.49 24.31 20.37
C ALA B 271 -2.96 25.74 20.10
N VAL B 272 -3.77 25.98 19.06
CA VAL B 272 -4.34 27.25 18.72
C VAL B 272 -5.26 27.73 19.82
N GLU B 273 -6.18 26.95 20.37
CA GLU B 273 -7.00 27.29 21.52
C GLU B 273 -6.21 27.73 22.75
N LEU B 274 -5.15 27.04 23.16
CA LEU B 274 -4.24 27.42 24.19
C LEU B 274 -3.66 28.81 23.96
N LEU B 275 -3.12 29.19 22.81
CA LEU B 275 -2.65 30.54 22.59
C LEU B 275 -3.75 31.58 22.79
N LEU B 276 -4.94 31.42 22.21
CA LEU B 276 -6.11 32.23 22.26
C LEU B 276 -6.72 32.44 23.64
N GLU B 277 -6.70 31.39 24.45
CA GLU B 277 -7.09 31.36 25.83
C GLU B 277 -6.03 31.72 26.83
N GLY B 278 -4.94 32.41 26.51
CA GLY B 278 -3.83 32.87 27.23
C GLY B 278 -2.91 31.93 27.93
N LYS B 279 -2.87 30.64 27.68
CA LYS B 279 -1.95 29.69 28.25
C LYS B 279 -0.81 29.37 27.27
N GLY B 280 0.33 30.04 27.33
CA GLY B 280 1.50 29.76 26.52
C GLY B 280 2.56 29.07 27.36
N GLY B 281 3.66 28.55 26.85
CA GLY B 281 4.56 27.73 27.63
C GLY B 281 4.05 26.35 27.90
N ARG B 282 3.20 25.76 27.06
CA ARG B 282 2.59 24.48 27.31
C ARG B 282 2.83 23.55 26.11
N CYS B 283 2.61 22.26 26.32
CA CYS B 283 2.76 21.34 25.18
C CYS B 283 1.51 20.48 25.19
N VAL B 284 0.90 20.17 24.05
CA VAL B 284 -0.25 19.29 24.02
C VAL B 284 0.16 17.83 23.84
N GLY B 285 -0.80 16.94 24.03
CA GLY B 285 -0.55 15.50 24.00
C GLY B 285 -1.88 14.74 24.19
N ILE B 286 -1.79 13.43 24.16
CA ILE B 286 -2.95 12.57 24.35
C ILE B 286 -2.54 11.57 25.43
N GLN B 287 -3.09 11.60 26.63
CA GLN B 287 -2.72 10.71 27.73
C GLN B 287 -4.03 10.12 28.18
N ASN B 288 -4.06 8.81 28.33
CA ASN B 288 -5.25 8.04 28.66
C ASN B 288 -6.46 8.44 27.87
N ASN B 289 -6.37 8.39 26.55
CA ASN B 289 -7.22 8.73 25.49
C ASN B 289 -7.89 10.05 25.68
N GLN B 290 -7.28 11.14 26.08
CA GLN B 290 -7.88 12.42 26.35
C GLN B 290 -6.88 13.52 26.01
N LEU B 291 -7.31 14.59 25.36
CA LEU B 291 -6.38 15.68 25.11
C LEU B 291 -6.00 16.34 26.41
N VAL B 292 -4.73 16.40 26.71
CA VAL B 292 -4.15 16.98 27.90
C VAL B 292 -3.19 18.06 27.43
N ASP B 293 -2.68 18.91 28.30
CA ASP B 293 -1.76 20.01 28.01
C ASP B 293 -0.98 20.17 29.30
N HIS B 294 0.33 20.23 29.27
CA HIS B 294 1.22 20.26 30.39
C HIS B 294 2.16 21.45 30.21
N ASP B 295 2.66 21.94 31.32
CA ASP B 295 3.68 23.03 31.19
C ASP B 295 4.91 22.46 30.52
N ILE B 296 5.60 23.13 29.60
CA ILE B 296 6.80 22.58 28.95
C ILE B 296 7.88 22.11 29.90
N ALA B 297 8.32 22.90 30.88
CA ALA B 297 9.39 22.50 31.80
C ALA B 297 9.05 21.35 32.72
N GLU B 298 7.82 21.18 33.16
CA GLU B 298 7.34 20.07 33.97
C GLU B 298 7.36 18.82 33.12
N ALA B 299 6.80 18.87 31.91
CA ALA B 299 6.78 17.76 30.96
C ALA B 299 8.17 17.25 30.66
N LEU B 300 9.12 18.09 30.30
CA LEU B 300 10.49 17.81 30.03
C LEU B 300 11.35 17.17 31.08
N ALA B 301 11.08 17.14 32.36
CA ALA B 301 11.75 16.44 33.40
C ALA B 301 11.16 15.06 33.68
N ASN B 302 10.07 14.68 33.03
CA ASN B 302 9.50 13.34 33.11
C ASN B 302 10.33 12.42 32.24
N LYS B 303 10.44 11.16 32.64
CA LYS B 303 11.27 10.24 31.83
C LYS B 303 10.42 9.45 30.87
N HIS B 304 10.98 8.89 29.80
CA HIS B 304 10.28 8.06 28.83
C HIS B 304 10.25 6.62 29.33
N THR B 305 9.10 5.94 29.30
CA THR B 305 9.03 4.56 29.72
C THR B 305 8.28 3.69 28.72
N ILE B 306 8.51 2.39 28.66
CA ILE B 306 7.81 1.52 27.76
C ILE B 306 6.92 0.63 28.66
N ASP B 307 5.88 0.03 28.13
CA ASP B 307 5.07 -0.88 28.91
C ASP B 307 5.79 -2.19 29.01
N GLN B 308 6.28 -2.65 30.15
CA GLN B 308 6.90 -3.95 30.34
C GLN B 308 5.99 -5.15 30.27
N ARG B 309 4.67 -5.07 30.42
CA ARG B 309 3.74 -6.16 30.24
C ARG B 309 3.71 -6.56 28.77
N MET B 310 3.66 -5.62 27.83
CA MET B 310 3.75 -5.75 26.41
C MET B 310 5.05 -6.38 25.91
N TYR B 311 6.21 -6.05 26.51
CA TYR B 311 7.47 -6.71 26.29
C TYR B 311 7.47 -8.17 26.69
N ALA B 312 6.97 -8.54 27.85
CA ALA B 312 6.84 -9.90 28.34
C ALA B 312 5.87 -10.69 27.48
N LEU B 313 4.71 -10.13 27.14
CA LEU B 313 3.71 -10.61 26.23
C LEU B 313 4.28 -11.00 24.88
N SER B 314 5.16 -10.22 24.24
CA SER B 314 5.89 -10.51 23.04
C SER B 314 6.74 -11.74 23.19
N LYS B 315 7.43 -12.08 24.27
CA LYS B 315 8.09 -13.37 24.43
C LYS B 315 7.12 -14.51 24.66
N GLU B 316 5.96 -14.35 25.30
CA GLU B 316 4.97 -15.41 25.46
C GLU B 316 4.26 -15.81 24.18
N LEU B 317 4.00 -14.91 23.23
CA LEU B 317 3.29 -15.23 22.02
C LEU B 317 4.14 -15.83 20.91
N SER B 318 5.44 -15.69 20.94
CA SER B 318 6.43 -16.13 20.03
C SER B 318 6.97 -17.52 20.19
N ILE B 319 6.43 -18.44 20.96
CA ILE B 319 6.89 -19.80 21.10
C ILE B 319 6.67 -20.69 19.89
N MET C 1 -1.47 -35.18 -22.48
CA MET C 1 -0.99 -36.39 -21.75
C MET C 1 -2.03 -36.70 -20.68
N LYS C 2 -1.69 -37.56 -19.71
CA LYS C 2 -2.74 -37.83 -18.72
C LYS C 2 -2.39 -37.29 -17.35
N ARG C 3 -1.14 -37.15 -16.99
CA ARG C 3 -0.67 -36.67 -15.70
C ARG C 3 0.53 -35.75 -15.90
N ILE C 4 0.52 -34.54 -15.37
CA ILE C 4 1.65 -33.63 -15.46
C ILE C 4 2.02 -33.25 -14.00
N GLY C 5 3.21 -32.71 -13.78
CA GLY C 5 3.73 -32.32 -12.48
C GLY C 5 4.20 -30.85 -12.53
N VAL C 6 4.29 -30.21 -11.35
CA VAL C 6 4.71 -28.80 -11.33
C VAL C 6 5.60 -28.57 -10.12
N LEU C 7 6.63 -27.75 -10.29
CA LEU C 7 7.61 -27.58 -9.21
C LEU C 7 8.07 -26.14 -9.23
N THR C 8 8.54 -25.61 -8.10
CA THR C 8 9.11 -24.26 -8.05
C THR C 8 10.54 -24.43 -7.52
N SER C 9 11.49 -23.70 -8.08
CA SER C 9 12.86 -23.80 -7.60
C SER C 9 13.60 -22.46 -7.70
N GLY C 10 14.68 -22.31 -6.94
CA GLY C 10 15.44 -21.08 -6.91
C GLY C 10 14.93 -20.15 -5.82
N GLY C 11 15.43 -18.91 -5.78
CA GLY C 11 14.86 -17.97 -4.79
C GLY C 11 13.39 -17.85 -5.22
N ASP C 12 12.46 -17.76 -4.27
CA ASP C 12 11.08 -17.60 -4.69
C ASP C 12 10.81 -16.14 -5.07
N SER C 13 9.69 -15.99 -5.77
CA SER C 13 9.35 -14.64 -6.21
C SER C 13 7.83 -14.59 -6.27
N PRO C 14 7.40 -13.34 -6.06
CA PRO C 14 5.99 -13.02 -6.04
C PRO C 14 5.44 -13.35 -7.42
N GLY C 15 4.38 -14.19 -7.48
CA GLY C 15 3.76 -14.46 -8.79
C GLY C 15 3.88 -15.93 -9.03
N MET C 16 4.77 -16.62 -8.29
CA MET C 16 4.93 -18.04 -8.38
C MET C 16 3.64 -18.75 -8.02
N ASN C 17 2.85 -18.38 -7.00
CA ASN C 17 1.55 -18.94 -6.76
C ASN C 17 0.54 -18.71 -7.89
N ALA C 18 0.53 -17.56 -8.57
CA ALA C 18 -0.27 -17.34 -9.74
C ALA C 18 0.09 -18.30 -10.88
N ALA C 19 1.37 -18.55 -11.16
CA ALA C 19 1.87 -19.48 -12.15
C ALA C 19 1.40 -20.90 -11.87
N ILE C 20 1.54 -21.41 -10.66
CA ILE C 20 1.02 -22.69 -10.23
C ILE C 20 -0.46 -22.80 -10.45
N ARG C 21 -1.29 -21.83 -10.07
CA ARG C 21 -2.70 -21.77 -10.25
C ARG C 21 -3.07 -21.96 -11.71
N SER C 22 -2.51 -21.19 -12.62
CA SER C 22 -2.74 -21.34 -14.04
C SER C 22 -2.19 -22.64 -14.57
N VAL C 23 -1.09 -23.25 -14.14
CA VAL C 23 -0.69 -24.58 -14.51
C VAL C 23 -1.78 -25.58 -14.15
N VAL C 24 -2.23 -25.70 -12.92
CA VAL C 24 -3.25 -26.64 -12.49
C VAL C 24 -4.61 -26.48 -13.15
N ARG C 25 -5.13 -25.26 -13.30
CA ARG C 25 -6.42 -24.97 -13.86
C ARG C 25 -6.42 -25.22 -15.36
N LYS C 26 -5.37 -24.85 -16.09
CA LYS C 26 -5.23 -25.14 -17.50
C LYS C 26 -5.15 -26.63 -17.79
N ALA C 27 -4.39 -27.42 -17.02
CA ALA C 27 -4.37 -28.85 -17.28
C ALA C 27 -5.69 -29.50 -16.96
N ILE C 28 -6.36 -29.25 -15.83
CA ILE C 28 -7.67 -29.76 -15.45
C ILE C 28 -8.75 -29.39 -16.45
N TYR C 29 -8.80 -28.25 -17.10
CA TYR C 29 -9.65 -27.78 -18.16
C TYR C 29 -9.64 -28.67 -19.41
N HIS C 30 -8.46 -29.15 -19.80
CA HIS C 30 -8.16 -30.07 -20.85
C HIS C 30 -8.16 -31.53 -20.42
N GLY C 31 -8.45 -31.91 -19.19
CA GLY C 31 -8.61 -33.24 -18.70
C GLY C 31 -7.34 -33.88 -18.19
N VAL C 32 -6.36 -33.08 -17.77
CA VAL C 32 -5.08 -33.63 -17.32
C VAL C 32 -4.99 -33.50 -15.81
N GLU C 33 -4.48 -34.48 -15.09
CA GLU C 33 -4.24 -34.43 -13.68
C GLU C 33 -2.87 -33.76 -13.44
N VAL C 34 -2.81 -32.91 -12.41
CA VAL C 34 -1.64 -32.17 -12.04
C VAL C 34 -1.27 -32.60 -10.61
N TYR C 35 -0.01 -32.96 -10.43
CA TYR C 35 0.56 -33.40 -9.18
C TYR C 35 1.59 -32.37 -8.77
N GLY C 36 1.56 -31.87 -7.54
CA GLY C 36 2.56 -30.91 -7.10
C GLY C 36 3.76 -31.62 -6.46
N VAL C 37 4.90 -30.99 -6.71
CA VAL C 37 6.19 -31.45 -6.21
C VAL C 37 6.68 -30.39 -5.21
N TYR C 38 6.78 -30.92 -4.00
CA TYR C 38 7.16 -30.07 -2.87
C TYR C 38 8.66 -30.02 -2.83
N HIS C 39 9.16 -28.85 -2.38
CA HIS C 39 10.56 -28.58 -2.18
C HIS C 39 11.44 -28.71 -3.39
N GLY C 40 11.04 -28.15 -4.54
CA GLY C 40 11.82 -28.18 -5.76
C GLY C 40 12.32 -29.56 -6.12
N TYR C 41 13.57 -29.63 -6.58
CA TYR C 41 14.24 -30.87 -6.98
C TYR C 41 14.63 -31.74 -5.79
N ALA C 42 14.90 -31.20 -4.58
CA ALA C 42 15.08 -31.97 -3.38
C ALA C 42 13.91 -32.88 -3.03
N GLY C 43 12.67 -32.36 -3.09
CA GLY C 43 11.50 -33.17 -2.95
C GLY C 43 11.15 -33.98 -4.16
N LEU C 44 11.58 -33.70 -5.40
CA LEU C 44 11.37 -34.61 -6.51
C LEU C 44 12.17 -35.91 -6.27
N ILE C 45 13.46 -35.78 -5.96
CA ILE C 45 14.32 -36.86 -5.52
C ILE C 45 13.70 -37.46 -4.27
N ALA C 46 13.38 -36.71 -3.20
CA ALA C 46 12.73 -37.26 -2.03
C ALA C 46 11.40 -37.95 -2.25
N GLY C 47 10.50 -37.71 -3.16
CA GLY C 47 9.29 -38.51 -3.28
C GLY C 47 8.07 -37.74 -2.88
N ASN C 48 8.20 -36.52 -2.40
CA ASN C 48 7.27 -35.51 -1.97
C ASN C 48 6.36 -34.95 -3.04
N ILE C 49 5.45 -35.72 -3.62
CA ILE C 49 4.59 -35.52 -4.73
C ILE C 49 3.17 -35.77 -4.22
N LYS C 50 2.26 -34.84 -4.41
CA LYS C 50 0.88 -34.99 -3.93
C LYS C 50 -0.03 -34.42 -5.01
N LYS C 51 -1.11 -35.11 -5.33
CA LYS C 51 -2.11 -34.63 -6.29
C LYS C 51 -2.67 -33.27 -5.93
N LEU C 52 -2.89 -32.39 -6.90
CA LEU C 52 -3.49 -31.08 -6.66
C LEU C 52 -4.85 -31.06 -7.37
N GLU C 53 -5.87 -30.69 -6.64
CA GLU C 53 -7.24 -30.62 -7.17
C GLU C 53 -7.56 -29.19 -7.57
N VAL C 54 -8.70 -28.90 -8.21
CA VAL C 54 -9.10 -27.56 -8.62
C VAL C 54 -9.08 -26.52 -7.50
N GLY C 55 -9.65 -26.83 -6.34
CA GLY C 55 -9.72 -26.01 -5.19
C GLY C 55 -8.49 -25.92 -4.37
N ASP C 56 -7.44 -26.71 -4.56
CA ASP C 56 -6.13 -26.67 -4.00
C ASP C 56 -5.30 -25.46 -4.38
N VAL C 57 -5.52 -24.77 -5.49
CA VAL C 57 -4.91 -23.55 -5.90
C VAL C 57 -5.83 -22.35 -5.68
N GLY C 58 -6.97 -22.48 -5.02
CA GLY C 58 -7.91 -21.44 -4.69
C GLY C 58 -7.39 -20.54 -3.57
N ASP C 59 -7.58 -19.25 -3.70
CA ASP C 59 -7.10 -18.21 -2.83
C ASP C 59 -5.58 -18.12 -2.68
N ILE C 60 -4.79 -18.34 -3.73
CA ILE C 60 -3.35 -18.30 -3.73
C ILE C 60 -2.90 -17.31 -4.78
N ILE C 61 -3.75 -16.82 -5.68
CA ILE C 61 -3.36 -15.92 -6.77
C ILE C 61 -2.74 -14.60 -6.40
N HIS C 62 -3.09 -14.00 -5.30
CA HIS C 62 -2.74 -12.80 -4.62
C HIS C 62 -1.71 -13.04 -3.53
N ARG C 63 -1.18 -14.21 -3.24
CA ARG C 63 -0.12 -14.32 -2.26
C ARG C 63 1.28 -14.51 -2.85
N GLY C 64 2.25 -14.00 -2.11
CA GLY C 64 3.65 -14.10 -2.42
C GLY C 64 4.14 -15.48 -2.02
N GLY C 65 5.43 -15.72 -2.26
CA GLY C 65 6.01 -17.03 -1.97
C GLY C 65 5.47 -18.05 -2.96
N THR C 66 5.53 -19.32 -2.55
CA THR C 66 5.15 -20.45 -3.34
C THR C 66 4.65 -21.48 -2.37
N ILE C 67 3.49 -22.08 -2.57
CA ILE C 67 2.89 -23.10 -1.73
C ILE C 67 3.43 -24.51 -1.87
N LEU C 68 4.28 -24.79 -2.85
CA LEU C 68 4.96 -26.00 -3.20
C LEU C 68 6.36 -25.98 -2.63
N TYR C 69 6.81 -24.89 -2.04
CA TYR C 69 8.04 -24.57 -1.40
C TYR C 69 9.16 -24.65 -2.44
N THR C 70 10.34 -24.27 -2.01
CA THR C 70 11.51 -24.24 -2.88
C THR C 70 12.69 -24.76 -2.06
N ALA C 71 13.68 -25.36 -2.71
CA ALA C 71 14.81 -25.89 -1.96
C ALA C 71 16.06 -25.93 -2.83
N ARG C 72 17.17 -26.21 -2.14
CA ARG C 72 18.45 -26.32 -2.81
C ARG C 72 18.77 -27.80 -2.85
N CYS C 73 19.05 -28.28 -4.06
CA CYS C 73 19.39 -29.67 -4.29
C CYS C 73 20.65 -29.72 -5.15
N PRO C 74 21.77 -29.93 -4.44
CA PRO C 74 23.11 -30.09 -5.00
C PRO C 74 23.20 -31.41 -5.74
N GLU C 75 22.65 -32.49 -5.21
CA GLU C 75 22.39 -33.81 -5.72
C GLU C 75 21.91 -33.98 -7.14
N PHE C 76 21.03 -33.13 -7.67
CA PHE C 76 20.49 -32.98 -8.97
C PHE C 76 21.39 -32.52 -10.10
N LYS C 77 22.60 -32.07 -9.82
CA LYS C 77 23.72 -31.81 -10.67
C LYS C 77 24.40 -33.14 -11.05
N THR C 78 24.40 -34.16 -10.21
CA THR C 78 24.92 -35.48 -10.49
C THR C 78 23.97 -36.33 -11.33
N GLU C 79 24.43 -37.37 -12.01
CA GLU C 79 23.66 -38.28 -12.83
C GLU C 79 22.73 -39.21 -12.06
N GLU C 80 23.13 -39.62 -10.89
CA GLU C 80 22.51 -40.35 -9.83
C GLU C 80 21.30 -39.62 -9.26
N GLY C 81 21.37 -38.31 -9.04
CA GLY C 81 20.28 -37.45 -8.62
C GLY C 81 19.19 -37.35 -9.68
N GLN C 82 19.54 -37.15 -10.95
CA GLN C 82 18.66 -37.17 -12.09
C GLN C 82 17.91 -38.50 -12.21
N LYS C 83 18.58 -39.64 -12.10
CA LYS C 83 18.05 -40.98 -12.14
C LYS C 83 17.14 -41.27 -10.96
N LYS C 84 17.41 -40.79 -9.72
CA LYS C 84 16.42 -40.88 -8.65
C LYS C 84 15.27 -39.90 -8.92
N GLY C 85 15.44 -38.70 -9.47
CA GLY C 85 14.39 -37.82 -9.91
C GLY C 85 13.36 -38.44 -10.86
N ILE C 86 13.81 -39.09 -11.93
CA ILE C 86 12.99 -39.83 -12.88
C ILE C 86 12.35 -41.09 -12.31
N GLU C 87 12.95 -41.79 -11.34
CA GLU C 87 12.36 -42.90 -10.62
C GLU C 87 11.00 -42.51 -10.05
N GLN C 88 10.91 -41.51 -9.19
CA GLN C 88 9.69 -40.97 -8.60
C GLN C 88 8.65 -40.38 -9.55
N LEU C 89 9.00 -39.76 -10.67
CA LEU C 89 8.03 -39.28 -11.66
C LEU C 89 7.29 -40.46 -12.27
N LYS C 90 8.07 -41.42 -12.78
CA LYS C 90 7.64 -42.71 -13.28
C LYS C 90 6.90 -43.53 -12.27
N LYS C 91 7.20 -43.64 -10.98
CA LYS C 91 6.41 -44.32 -9.97
C LYS C 91 5.04 -43.70 -9.69
N HIS C 92 4.92 -42.37 -9.76
CA HIS C 92 3.70 -41.63 -9.59
C HIS C 92 2.87 -41.47 -10.84
N GLY C 93 3.34 -41.83 -12.02
CA GLY C 93 2.65 -41.79 -13.27
C GLY C 93 2.78 -40.47 -14.01
N ILE C 94 3.70 -39.60 -13.64
CA ILE C 94 3.79 -38.27 -14.20
C ILE C 94 4.54 -38.30 -15.50
N GLU C 95 3.94 -37.79 -16.57
CA GLU C 95 4.58 -37.86 -17.88
C GLU C 95 5.28 -36.60 -18.33
N GLY C 96 5.17 -35.48 -17.64
CA GLY C 96 5.77 -34.22 -18.06
C GLY C 96 5.88 -33.32 -16.83
N LEU C 97 6.71 -32.28 -16.91
CA LEU C 97 6.90 -31.42 -15.75
C LEU C 97 7.04 -29.95 -16.10
N VAL C 98 6.27 -29.10 -15.38
CA VAL C 98 6.40 -27.65 -15.49
C VAL C 98 7.30 -27.22 -14.32
N VAL C 99 8.33 -26.48 -14.62
CA VAL C 99 9.37 -26.01 -13.73
C VAL C 99 9.34 -24.50 -13.72
N ILE C 100 9.17 -23.89 -12.56
CA ILE C 100 9.03 -22.45 -12.35
C ILE C 100 10.22 -21.98 -11.53
N GLY C 101 11.07 -21.10 -12.06
CA GLY C 101 12.24 -20.74 -11.25
C GLY C 101 13.29 -20.06 -12.10
N GLY C 102 14.53 -20.01 -11.65
CA GLY C 102 15.57 -19.37 -12.39
C GLY C 102 16.40 -20.20 -13.34
N ASP C 103 17.62 -19.71 -13.58
CA ASP C 103 18.75 -20.26 -14.28
C ASP C 103 18.96 -21.71 -13.87
N GLY C 104 19.24 -21.95 -12.59
CA GLY C 104 19.43 -23.23 -11.98
C GLY C 104 18.32 -24.21 -12.25
N SER C 105 17.04 -23.87 -12.13
CA SER C 105 15.89 -24.68 -12.45
C SER C 105 15.80 -25.07 -13.91
N TYR C 106 16.25 -24.30 -14.88
CA TYR C 106 16.34 -24.55 -16.30
C TYR C 106 17.33 -25.61 -16.73
N GLN C 107 18.46 -25.73 -16.06
CA GLN C 107 19.52 -26.71 -16.16
C GLN C 107 19.00 -28.11 -15.88
N GLY C 108 18.28 -28.24 -14.75
CA GLY C 108 17.52 -29.41 -14.37
C GLY C 108 16.50 -29.76 -15.43
N ALA C 109 15.72 -28.85 -15.99
CA ALA C 109 14.81 -29.04 -17.08
C ALA C 109 15.52 -29.54 -18.33
N LYS C 110 16.64 -28.99 -18.76
CA LYS C 110 17.51 -29.51 -19.80
C LYS C 110 17.83 -30.98 -19.52
N LYS C 111 18.56 -31.27 -18.44
CA LYS C 111 18.88 -32.62 -18.00
C LYS C 111 17.73 -33.58 -18.02
N LEU C 112 16.57 -33.36 -17.40
CA LEU C 112 15.41 -34.23 -17.55
C LEU C 112 14.91 -34.33 -18.97
N THR C 113 14.87 -33.29 -19.81
CA THR C 113 14.51 -33.30 -21.21
C THR C 113 15.40 -34.27 -21.99
N GLU C 114 16.72 -34.12 -21.89
CA GLU C 114 17.71 -35.07 -22.35
C GLU C 114 17.60 -36.52 -21.93
N HIS C 115 17.02 -37.00 -20.85
CA HIS C 115 16.75 -38.35 -20.46
C HIS C 115 15.36 -38.83 -20.85
N GLY C 116 14.64 -38.18 -21.75
CA GLY C 116 13.32 -38.49 -22.19
C GLY C 116 12.16 -37.95 -21.37
N PHE C 117 12.40 -36.99 -20.47
CA PHE C 117 11.28 -36.48 -19.67
C PHE C 117 10.95 -35.09 -20.14
N PRO C 118 9.81 -34.96 -20.82
CA PRO C 118 9.41 -33.65 -21.36
C PRO C 118 9.24 -32.67 -20.18
N CYS C 119 9.96 -31.57 -20.15
CA CYS C 119 9.85 -30.54 -19.19
C CYS C 119 9.81 -29.19 -19.91
N VAL C 120 9.09 -28.24 -19.35
CA VAL C 120 8.98 -26.86 -19.82
C VAL C 120 9.33 -25.97 -18.60
N GLY C 121 10.17 -24.99 -18.79
CA GLY C 121 10.73 -24.03 -17.89
C GLY C 121 10.00 -22.71 -17.99
N VAL C 122 9.58 -22.20 -16.81
CA VAL C 122 8.81 -20.94 -16.66
C VAL C 122 9.61 -20.02 -15.76
N PRO C 123 9.83 -18.81 -16.30
CA PRO C 123 10.64 -17.78 -15.67
C PRO C 123 10.10 -17.08 -14.41
N GLY C 124 10.54 -17.56 -13.25
CA GLY C 124 10.20 -17.00 -11.95
C GLY C 124 11.39 -16.48 -11.18
N THR C 125 11.58 -15.15 -11.17
CA THR C 125 12.70 -14.61 -10.42
C THR C 125 12.52 -13.09 -10.35
N ILE C 126 13.03 -12.41 -9.31
CA ILE C 126 12.81 -10.96 -9.21
C ILE C 126 13.80 -10.14 -9.99
N ASP C 127 14.99 -10.61 -10.24
CA ASP C 127 16.10 -10.13 -10.97
C ASP C 127 15.97 -9.68 -12.41
N ASN C 128 15.22 -10.48 -13.20
CA ASN C 128 14.96 -10.27 -14.59
C ASN C 128 16.07 -10.84 -15.46
N ASP C 129 16.85 -11.80 -14.97
CA ASP C 129 17.95 -12.29 -15.78
C ASP C 129 17.79 -13.78 -15.97
N ILE C 130 16.85 -14.05 -16.87
CA ILE C 130 16.50 -15.37 -17.36
C ILE C 130 16.32 -15.03 -18.85
N PRO C 131 17.21 -15.65 -19.64
CA PRO C 131 17.26 -15.45 -21.08
C PRO C 131 16.02 -15.98 -21.77
N GLY C 132 15.65 -15.28 -22.84
CA GLY C 132 14.52 -15.64 -23.66
C GLY C 132 13.20 -15.09 -23.19
N THR C 133 13.26 -14.01 -22.43
CA THR C 133 12.06 -13.32 -21.94
C THR C 133 12.50 -11.92 -21.61
N ASP C 134 11.64 -10.95 -21.86
CA ASP C 134 11.95 -9.57 -21.50
C ASP C 134 11.80 -9.35 -20.01
N PHE C 135 10.77 -9.93 -19.38
CA PHE C 135 10.35 -9.84 -18.03
C PHE C 135 10.18 -11.25 -17.45
N THR C 136 10.64 -11.40 -16.22
CA THR C 136 10.51 -12.58 -15.41
C THR C 136 9.44 -12.28 -14.34
N ILE C 137 8.75 -13.35 -13.96
CA ILE C 137 7.70 -13.29 -12.99
C ILE C 137 8.29 -12.89 -11.64
N GLY C 138 7.93 -11.69 -11.17
CA GLY C 138 8.47 -11.28 -9.87
C GLY C 138 9.20 -9.95 -9.95
N PHE C 139 9.65 -9.61 -11.13
CA PHE C 139 10.37 -8.39 -11.45
C PHE C 139 9.54 -7.14 -11.22
N ASP C 140 8.30 -7.07 -11.73
CA ASP C 140 7.39 -5.97 -11.50
C ASP C 140 7.07 -5.73 -10.02
N THR C 141 6.78 -6.75 -9.19
CA THR C 141 6.59 -6.63 -7.77
C THR C 141 7.79 -6.04 -7.03
N ALA C 142 9.00 -6.58 -7.30
CA ALA C 142 10.24 -6.05 -6.75
C ALA C 142 10.44 -4.63 -7.17
N LEU C 143 10.22 -4.14 -8.39
CA LEU C 143 10.29 -2.72 -8.67
C LEU C 143 9.40 -1.89 -7.77
N ASN C 144 8.12 -2.19 -7.60
CA ASN C 144 7.18 -1.47 -6.75
C ASN C 144 7.58 -1.51 -5.29
N THR C 145 8.10 -2.59 -4.69
CA THR C 145 8.76 -2.65 -3.42
C THR C 145 9.92 -1.67 -3.34
N VAL C 146 10.82 -1.49 -4.28
CA VAL C 146 11.88 -0.50 -4.16
C VAL C 146 11.34 0.89 -4.28
N ILE C 147 10.36 1.21 -5.13
CA ILE C 147 9.89 2.56 -5.27
C ILE C 147 9.00 2.98 -4.12
N ASP C 148 8.35 2.07 -3.40
CA ASP C 148 7.68 2.34 -2.16
C ASP C 148 8.68 2.87 -1.16
N ALA C 149 9.86 2.31 -0.92
CA ALA C 149 10.89 2.90 -0.09
C ALA C 149 11.47 4.18 -0.60
N ILE C 150 11.66 4.43 -1.89
CA ILE C 150 12.24 5.67 -2.40
C ILE C 150 11.28 6.82 -2.23
N ASP C 151 9.98 6.62 -2.47
CA ASP C 151 8.92 7.58 -2.24
C ASP C 151 8.91 8.05 -0.82
N LYS C 152 8.95 7.22 0.22
CA LYS C 152 9.10 7.59 1.61
C LYS C 152 10.29 8.46 1.96
N ILE C 153 11.50 8.17 1.43
CA ILE C 153 12.70 8.97 1.50
C ILE C 153 12.51 10.29 0.80
N ARG C 154 11.76 10.45 -0.30
CA ARG C 154 11.42 11.74 -0.86
C ARG C 154 10.60 12.65 0.04
N ASP C 155 9.81 12.26 1.03
CA ASP C 155 9.14 13.05 2.01
C ASP C 155 10.07 13.69 3.05
N THR C 156 11.20 13.10 3.43
CA THR C 156 12.08 13.81 4.34
C THR C 156 12.31 15.23 3.81
N ALA C 157 12.01 16.19 4.70
CA ALA C 157 12.06 17.62 4.40
C ALA C 157 13.03 18.39 5.30
N THR C 158 14.18 17.78 5.50
CA THR C 158 15.33 18.24 6.27
C THR C 158 16.43 18.62 5.26
N SER C 159 17.07 19.76 5.45
CA SER C 159 18.09 20.28 4.56
C SER C 159 19.54 19.86 4.80
N HIS C 160 19.83 19.20 5.93
CA HIS C 160 21.13 18.70 6.29
C HIS C 160 21.22 17.20 6.03
N GLU C 161 20.12 16.58 5.63
CA GLU C 161 20.01 15.18 5.33
C GLU C 161 19.41 15.02 3.95
N ARG C 162 20.15 15.42 2.91
CA ARG C 162 19.69 15.35 1.52
C ARG C 162 20.30 14.23 0.69
N THR C 163 21.25 13.41 1.16
CA THR C 163 21.91 12.37 0.39
C THR C 163 21.68 10.94 0.83
N TYR C 164 20.88 10.21 0.03
CA TYR C 164 20.49 8.84 0.39
C TYR C 164 21.02 7.78 -0.58
N VAL C 165 21.60 6.72 -0.01
CA VAL C 165 22.06 5.59 -0.81
C VAL C 165 21.10 4.44 -0.58
N ILE C 166 20.52 3.88 -1.64
CA ILE C 166 19.63 2.72 -1.41
C ILE C 166 20.29 1.49 -2.04
N GLU C 167 20.45 0.38 -1.33
CA GLU C 167 21.05 -0.78 -1.93
C GLU C 167 19.98 -1.80 -2.26
N VAL C 168 19.79 -2.08 -3.55
CA VAL C 168 18.81 -3.03 -4.04
C VAL C 168 19.44 -4.35 -4.44
N MET C 169 18.68 -5.41 -4.67
CA MET C 169 19.23 -6.68 -5.14
C MET C 169 19.69 -6.65 -6.60
N GLY C 170 20.24 -7.76 -7.03
CA GLY C 170 20.72 -7.96 -8.37
C GLY C 170 22.23 -8.20 -8.34
N ARG C 171 22.59 -9.47 -8.15
CA ARG C 171 23.99 -9.89 -8.11
C ARG C 171 24.67 -9.60 -9.44
N HIS C 172 24.13 -10.16 -10.53
CA HIS C 172 24.66 -10.05 -11.87
C HIS C 172 23.92 -9.08 -12.75
N ALA C 173 22.63 -8.90 -12.59
CA ALA C 173 21.86 -8.05 -13.51
C ALA C 173 21.47 -6.77 -12.77
N GLY C 174 21.46 -5.63 -13.44
CA GLY C 174 21.13 -4.36 -12.95
C GLY C 174 19.74 -3.85 -13.35
N ASP C 175 18.80 -4.70 -13.72
CA ASP C 175 17.45 -4.36 -14.13
C ASP C 175 16.67 -3.68 -13.00
N ILE C 176 16.63 -4.32 -11.82
CA ILE C 176 16.04 -3.79 -10.61
C ILE C 176 16.61 -2.43 -10.36
N ALA C 177 17.90 -2.23 -10.15
CA ALA C 177 18.46 -0.89 -10.00
C ALA C 177 18.16 0.04 -11.13
N LEU C 178 18.22 -0.27 -12.43
CA LEU C 178 18.02 0.63 -13.53
C LEU C 178 16.56 1.07 -13.60
N TRP C 179 15.63 0.12 -13.58
CA TRP C 179 14.20 0.48 -13.62
C TRP C 179 13.70 1.21 -12.38
N SER C 180 14.12 0.79 -11.18
CA SER C 180 13.85 1.45 -9.93
C SER C 180 14.27 2.92 -9.90
N GLY C 181 15.53 3.17 -10.32
CA GLY C 181 16.11 4.48 -10.33
C GLY C 181 15.57 5.42 -11.36
N LEU C 182 15.07 4.95 -12.51
CA LEU C 182 14.43 5.83 -13.50
C LEU C 182 13.06 6.20 -12.97
N ALA C 183 12.34 5.26 -12.39
CA ALA C 183 11.04 5.37 -11.77
C ALA C 183 11.01 6.14 -10.46
N GLY C 184 12.08 6.13 -9.65
CA GLY C 184 12.16 6.85 -8.40
C GLY C 184 12.96 8.14 -8.50
N GLY C 185 13.35 8.55 -9.70
CA GLY C 185 14.17 9.70 -9.99
C GLY C 185 15.57 9.72 -9.40
N ALA C 186 16.25 8.58 -9.31
CA ALA C 186 17.57 8.55 -8.68
C ALA C 186 18.48 9.33 -9.62
N GLU C 187 19.43 10.00 -9.04
CA GLU C 187 20.46 10.79 -9.69
C GLU C 187 21.61 9.93 -10.24
N THR C 188 21.96 8.88 -9.53
CA THR C 188 23.05 7.97 -9.84
C THR C 188 22.59 6.55 -9.57
N ILE C 189 22.74 5.72 -10.60
CA ILE C 189 22.42 4.31 -10.61
C ILE C 189 23.71 3.52 -10.81
N LEU C 190 24.08 2.63 -9.90
CA LEU C 190 25.29 1.83 -10.07
C LEU C 190 24.86 0.40 -10.29
N ILE C 191 25.05 -0.01 -11.56
CA ILE C 191 24.71 -1.36 -12.01
C ILE C 191 26.00 -2.03 -12.47
N PRO C 192 26.00 -3.37 -12.44
CA PRO C 192 27.08 -4.26 -12.80
C PRO C 192 27.56 -4.22 -14.24
N GLU C 193 26.73 -3.96 -15.23
CA GLU C 193 26.90 -3.84 -16.64
C GLU C 193 27.44 -2.50 -17.13
N ALA C 194 27.52 -1.46 -16.32
CA ALA C 194 27.98 -0.17 -16.79
C ALA C 194 29.13 0.24 -15.86
N ASP C 195 29.99 1.11 -16.38
CA ASP C 195 31.13 1.48 -15.56
C ASP C 195 30.79 2.88 -15.05
N TYR C 196 31.32 3.17 -13.87
CA TYR C 196 31.07 4.44 -13.24
C TYR C 196 32.40 5.08 -12.82
N ASP C 197 32.38 6.41 -12.77
CA ASP C 197 33.52 7.09 -12.16
C ASP C 197 33.02 7.57 -10.80
N MET C 198 33.70 7.25 -9.70
CA MET C 198 33.35 7.72 -8.37
C MET C 198 33.32 9.22 -8.19
N ASN C 199 34.26 9.94 -8.73
CA ASN C 199 34.51 11.33 -8.98
C ASN C 199 33.48 11.97 -9.89
N ASP C 200 32.84 11.29 -10.83
CA ASP C 200 31.70 11.72 -11.61
C ASP C 200 30.41 11.61 -10.77
N VAL C 201 30.29 10.61 -9.89
CA VAL C 201 29.22 10.50 -8.91
C VAL C 201 29.33 11.72 -7.99
N ILE C 202 30.48 12.00 -7.37
CA ILE C 202 30.73 13.21 -6.61
C ILE C 202 30.43 14.47 -7.39
N ALA C 203 30.83 14.73 -8.61
CA ALA C 203 30.54 15.94 -9.36
C ALA C 203 29.07 16.26 -9.61
N ARG C 204 28.23 15.28 -9.89
CA ARG C 204 26.81 15.39 -10.11
C ARG C 204 26.07 15.81 -8.86
N LEU C 205 26.37 15.10 -7.77
CA LEU C 205 25.94 15.37 -6.41
C LEU C 205 26.18 16.81 -6.06
N LYS C 206 27.42 17.33 -6.13
CA LYS C 206 27.81 18.70 -5.97
C LYS C 206 27.00 19.66 -6.82
N ARG C 207 26.90 19.43 -8.13
CA ARG C 207 26.10 20.17 -9.08
C ARG C 207 24.65 20.29 -8.66
N GLY C 208 23.98 19.16 -8.39
CA GLY C 208 22.62 19.13 -7.88
C GLY C 208 22.46 19.95 -6.63
N HIS C 209 23.25 19.80 -5.57
CA HIS C 209 23.26 20.69 -4.42
C HIS C 209 23.43 22.15 -4.78
N GLU C 210 24.30 22.64 -5.66
CA GLU C 210 24.40 24.01 -6.13
C GLU C 210 23.11 24.60 -6.66
N ARG C 211 22.29 23.92 -7.47
CA ARG C 211 21.02 24.39 -7.95
C ARG C 211 19.86 24.29 -6.96
N GLY C 212 19.98 23.56 -5.87
CA GLY C 212 18.96 23.45 -4.86
C GLY C 212 18.21 22.14 -5.01
N LYS C 213 18.87 21.07 -5.48
CA LYS C 213 18.11 19.83 -5.58
C LYS C 213 17.68 19.44 -4.16
N LYS C 214 16.41 19.05 -4.02
CA LYS C 214 15.94 18.68 -2.68
C LYS C 214 16.67 17.48 -2.14
N HIS C 215 16.71 16.37 -2.86
CA HIS C 215 17.28 15.09 -2.54
C HIS C 215 18.34 14.63 -3.55
N SER C 216 19.19 13.73 -3.10
CA SER C 216 20.17 13.08 -3.94
C SER C 216 20.06 11.60 -3.61
N ILE C 217 19.36 10.90 -4.48
CA ILE C 217 19.09 9.48 -4.24
C ILE C 217 20.02 8.65 -5.11
N ILE C 218 20.85 7.82 -4.53
CA ILE C 218 21.77 6.94 -5.23
C ILE C 218 21.34 5.49 -5.11
N ILE C 219 21.07 4.78 -6.20
CA ILE C 219 20.71 3.36 -6.12
C ILE C 219 21.97 2.55 -6.48
N VAL C 220 22.31 1.53 -5.67
CA VAL C 220 23.44 0.67 -5.76
C VAL C 220 22.99 -0.80 -5.92
N ALA C 221 23.39 -1.41 -7.06
CA ALA C 221 22.96 -2.81 -7.22
C ALA C 221 23.82 -3.63 -6.28
N GLU C 222 23.37 -4.74 -5.70
CA GLU C 222 24.26 -5.43 -4.77
C GLU C 222 25.49 -6.04 -5.41
N GLY C 223 25.55 -6.50 -6.66
CA GLY C 223 26.65 -6.85 -7.44
C GLY C 223 27.84 -5.94 -7.44
N VAL C 224 27.76 -4.64 -7.48
CA VAL C 224 28.71 -3.59 -7.48
C VAL C 224 29.43 -3.37 -6.16
N GLY C 225 28.68 -3.51 -5.08
CA GLY C 225 29.24 -3.23 -3.76
C GLY C 225 28.15 -2.94 -2.76
N SER C 226 28.59 -2.75 -1.54
CA SER C 226 27.77 -2.45 -0.39
C SER C 226 27.33 -1.00 -0.41
N GLY C 227 26.03 -0.79 -0.10
CA GLY C 227 25.47 0.54 0.05
C GLY C 227 26.08 1.28 1.24
N VAL C 228 26.26 0.61 2.38
CA VAL C 228 26.99 1.02 3.55
C VAL C 228 28.34 1.60 3.15
N ASP C 229 29.21 0.78 2.55
CA ASP C 229 30.49 1.24 2.03
C ASP C 229 30.40 2.38 1.07
N PHE C 230 29.52 2.46 0.07
CA PHE C 230 29.37 3.60 -0.81
C PHE C 230 28.94 4.89 -0.14
N GLY C 231 27.99 4.81 0.82
CA GLY C 231 27.57 5.87 1.68
C GLY C 231 28.67 6.43 2.54
N ARG C 232 29.50 5.58 3.19
CA ARG C 232 30.70 6.03 3.87
C ARG C 232 31.60 6.82 2.93
N GLN C 233 31.99 6.37 1.72
CA GLN C 233 32.80 7.14 0.81
C GLN C 233 32.16 8.44 0.34
N ILE C 234 30.86 8.57 0.10
CA ILE C 234 30.28 9.86 -0.28
C ILE C 234 30.41 10.84 0.88
N GLN C 235 30.03 10.44 2.11
CA GLN C 235 30.27 11.29 3.26
C GLN C 235 31.73 11.75 3.32
N GLU C 236 32.72 10.86 3.44
CA GLU C 236 34.12 11.25 3.43
C GLU C 236 34.45 12.23 2.33
N ALA C 237 34.32 11.85 1.06
CA ALA C 237 34.60 12.76 -0.03
C ALA C 237 33.87 14.08 0.02
N THR C 238 32.56 14.20 0.20
CA THR C 238 31.93 15.50 0.07
C THR C 238 31.72 16.21 1.39
N GLY C 239 31.51 15.40 2.44
CA GLY C 239 31.16 15.93 3.76
C GLY C 239 29.65 16.12 3.95
N PHE C 240 28.85 15.51 3.09
CA PHE C 240 27.41 15.59 3.05
C PHE C 240 26.90 14.44 3.90
N GLU C 241 25.96 14.69 4.80
CA GLU C 241 25.49 13.58 5.64
C GLU C 241 24.81 12.59 4.71
N THR C 242 25.26 11.34 4.82
CA THR C 242 24.73 10.33 3.90
C THR C 242 23.92 9.30 4.65
N ARG C 243 22.73 8.94 4.19
CA ARG C 243 21.95 7.92 4.90
C ARG C 243 21.73 6.72 3.99
N VAL C 244 21.86 5.52 4.52
CA VAL C 244 21.78 4.30 3.73
C VAL C 244 20.60 3.42 4.09
N THR C 245 19.89 2.86 3.12
CA THR C 245 18.85 1.86 3.30
C THR C 245 19.28 0.59 2.57
N VAL C 246 19.25 -0.57 3.16
CA VAL C 246 19.56 -1.87 2.67
C VAL C 246 18.27 -2.66 2.75
N LEU C 247 17.55 -2.78 1.63
CA LEU C 247 16.30 -3.52 1.62
C LEU C 247 16.45 -5.00 1.86
N GLY C 248 17.42 -5.71 1.30
CA GLY C 248 17.57 -7.12 1.52
C GLY C 248 16.34 -7.85 1.04
N HIS C 249 15.96 -8.98 1.64
CA HIS C 249 14.89 -9.89 1.35
C HIS C 249 13.45 -9.44 1.33
N VAL C 250 13.08 -8.22 1.63
CA VAL C 250 11.90 -7.41 1.51
C VAL C 250 11.51 -7.42 0.05
N GLN C 251 12.41 -7.17 -0.91
CA GLN C 251 12.29 -7.30 -2.33
C GLN C 251 11.81 -8.64 -2.87
N ARG C 252 11.95 -9.79 -2.30
CA ARG C 252 11.47 -11.05 -2.70
C ARG C 252 10.04 -11.38 -2.32
N GLY C 253 9.48 -10.74 -1.30
CA GLY C 253 8.18 -11.10 -0.77
C GLY C 253 7.18 -10.02 -1.15
N GLY C 254 5.96 -10.18 -0.62
CA GLY C 254 4.85 -9.31 -0.95
C GLY C 254 3.93 -9.95 -1.99
N SER C 255 2.78 -9.38 -2.06
CA SER C 255 1.70 -9.72 -2.95
C SER C 255 2.12 -9.18 -4.30
N PRO C 256 1.96 -10.04 -5.32
CA PRO C 256 2.38 -9.78 -6.66
C PRO C 256 1.53 -8.70 -7.28
N THR C 257 2.10 -7.81 -8.07
CA THR C 257 1.30 -6.77 -8.71
C THR C 257 0.50 -7.32 -9.89
N ALA C 258 -0.32 -6.50 -10.54
CA ALA C 258 -1.20 -6.86 -11.64
C ALA C 258 -0.44 -7.40 -12.84
N PHE C 259 0.65 -6.79 -13.28
CA PHE C 259 1.53 -7.33 -14.30
C PHE C 259 2.12 -8.67 -13.94
N ASP C 260 2.65 -8.94 -12.74
CA ASP C 260 3.10 -10.27 -12.35
C ASP C 260 1.99 -11.32 -12.36
N ARG C 261 0.73 -11.05 -12.02
CA ARG C 261 -0.29 -12.06 -12.05
C ARG C 261 -0.73 -12.37 -13.46
N VAL C 262 -0.74 -11.43 -14.40
CA VAL C 262 -1.12 -11.61 -15.79
C VAL C 262 -0.03 -12.38 -16.51
N LEU C 263 1.24 -11.98 -16.24
CA LEU C 263 2.37 -12.67 -16.81
C LEU C 263 2.45 -14.08 -16.31
N ALA C 264 2.36 -14.38 -15.00
CA ALA C 264 2.36 -15.76 -14.52
C ALA C 264 1.22 -16.58 -15.09
N SER C 265 -0.01 -16.07 -15.14
CA SER C 265 -1.16 -16.75 -15.62
C SER C 265 -0.99 -17.12 -17.08
N ARG C 266 -0.64 -16.19 -17.96
CA ARG C 266 -0.35 -16.47 -19.35
C ARG C 266 0.82 -17.43 -19.62
N LEU C 267 1.99 -17.26 -19.03
CA LEU C 267 3.12 -18.16 -19.13
C LEU C 267 2.93 -19.56 -18.61
N GLY C 268 2.25 -19.78 -17.49
CA GLY C 268 1.91 -21.05 -16.92
C GLY C 268 0.93 -21.80 -17.82
N ALA C 269 -0.02 -21.15 -18.49
CA ALA C 269 -0.97 -21.74 -19.40
C ALA C 269 -0.27 -22.11 -20.72
N ARG C 270 0.68 -21.33 -21.22
CA ARG C 270 1.52 -21.57 -22.35
C ARG C 270 2.38 -22.81 -22.09
N ALA C 271 3.09 -22.93 -20.98
CA ALA C 271 3.75 -24.16 -20.56
C ALA C 271 2.93 -25.42 -20.63
N VAL C 272 1.69 -25.55 -20.19
CA VAL C 272 0.80 -26.69 -20.26
C VAL C 272 0.45 -26.98 -21.70
N GLU C 273 0.13 -25.97 -22.50
CA GLU C 273 -0.06 -26.03 -23.93
C GLU C 273 1.09 -26.71 -24.63
N LEU C 274 2.35 -26.30 -24.51
CA LEU C 274 3.52 -26.97 -25.04
C LEU C 274 3.63 -28.42 -24.61
N LEU C 275 3.54 -28.83 -23.36
CA LEU C 275 3.44 -30.21 -22.92
C LEU C 275 2.33 -30.99 -23.61
N LEU C 276 1.10 -30.50 -23.76
CA LEU C 276 0.01 -31.12 -24.45
C LEU C 276 0.15 -31.24 -25.93
N GLU C 277 0.87 -30.37 -26.64
CA GLU C 277 1.17 -30.49 -28.04
C GLU C 277 2.40 -31.33 -28.31
N GLY C 278 3.14 -31.87 -27.37
CA GLY C 278 4.26 -32.73 -27.51
C GLY C 278 5.61 -32.07 -27.37
N LYS C 279 5.71 -30.76 -27.49
CA LYS C 279 6.96 -30.04 -27.30
C LYS C 279 7.44 -30.32 -25.89
N GLY C 280 8.73 -30.43 -25.69
CA GLY C 280 9.36 -30.79 -24.41
C GLY C 280 10.73 -30.16 -24.50
N GLY C 281 11.43 -29.78 -23.46
CA GLY C 281 12.70 -29.08 -23.54
C GLY C 281 12.65 -27.63 -23.94
N ARG C 282 11.49 -26.99 -23.67
CA ARG C 282 11.24 -25.61 -24.00
C ARG C 282 11.07 -24.77 -22.72
N CYS C 283 11.20 -23.46 -22.93
CA CYS C 283 11.09 -22.48 -21.86
C CYS C 283 10.21 -21.36 -22.38
N VAL C 284 9.20 -20.90 -21.64
CA VAL C 284 8.29 -19.90 -22.19
C VAL C 284 8.84 -18.51 -21.84
N GLY C 285 8.28 -17.45 -22.38
CA GLY C 285 8.78 -16.10 -22.14
C GLY C 285 7.92 -15.05 -22.85
N ILE C 286 8.21 -13.77 -22.60
CA ILE C 286 7.48 -12.71 -23.28
C ILE C 286 8.53 -11.85 -23.96
N GLN C 287 8.55 -11.77 -25.31
CA GLN C 287 9.64 -11.04 -25.97
C GLN C 287 8.92 -10.20 -27.00
N ASN C 288 9.22 -8.90 -26.97
CA ASN C 288 8.49 -7.97 -27.81
C ASN C 288 7.01 -8.10 -27.63
N ASN C 289 6.44 -8.06 -26.40
CA ASN C 289 5.09 -8.23 -26.00
C ASN C 289 4.37 -9.34 -26.73
N GLN C 290 4.89 -10.54 -26.82
CA GLN C 290 4.37 -11.68 -27.51
C GLN C 290 4.86 -12.87 -26.66
N LEU C 291 4.07 -13.89 -26.50
CA LEU C 291 4.43 -15.13 -25.86
C LEU C 291 5.26 -15.96 -26.82
N VAL C 292 6.45 -16.31 -26.40
CA VAL C 292 7.42 -17.07 -27.17
C VAL C 292 7.79 -18.28 -26.33
N ASP C 293 8.41 -19.28 -26.91
CA ASP C 293 8.92 -20.47 -26.26
C ASP C 293 10.20 -20.75 -27.02
N HIS C 294 11.27 -21.09 -26.36
CA HIS C 294 12.59 -21.25 -26.91
C HIS C 294 13.10 -22.62 -26.42
N ASP C 295 14.08 -23.15 -27.14
CA ASP C 295 14.68 -24.42 -26.72
C ASP C 295 15.48 -24.09 -25.48
N ILE C 296 15.54 -24.90 -24.42
CA ILE C 296 16.24 -24.41 -23.21
C ILE C 296 17.70 -24.18 -23.47
N ALA C 297 18.45 -25.11 -24.05
CA ALA C 297 19.86 -24.94 -24.38
C ALA C 297 20.15 -23.81 -25.32
N GLU C 298 19.39 -23.52 -26.35
CA GLU C 298 19.47 -22.30 -27.14
C GLU C 298 19.27 -21.05 -26.27
N ALA C 299 18.22 -21.00 -25.42
CA ALA C 299 17.93 -19.93 -24.51
C ALA C 299 19.07 -19.63 -23.58
N LEU C 300 19.63 -20.59 -22.85
CA LEU C 300 20.75 -20.45 -21.96
C LEU C 300 22.08 -20.01 -22.52
N ALA C 301 22.41 -19.93 -23.78
CA ALA C 301 23.45 -19.46 -24.59
C ALA C 301 23.51 -17.94 -24.68
N ASN C 302 22.34 -17.30 -24.63
CA ASN C 302 22.30 -15.85 -24.72
C ASN C 302 22.84 -15.23 -23.45
N LYS C 303 23.05 -13.94 -23.55
CA LYS C 303 23.60 -13.22 -22.40
C LYS C 303 22.50 -12.20 -22.08
N HIS C 304 22.43 -11.89 -20.80
CA HIS C 304 21.45 -10.92 -20.34
C HIS C 304 22.00 -9.56 -20.67
N THR C 305 21.22 -8.65 -21.26
CA THR C 305 21.73 -7.28 -21.45
C THR C 305 20.74 -6.28 -20.84
N ILE C 306 21.17 -5.07 -20.53
CA ILE C 306 20.27 -4.04 -20.04
C ILE C 306 20.14 -3.02 -21.16
N ASP C 307 19.08 -2.25 -21.18
CA ASP C 307 18.91 -1.25 -22.24
C ASP C 307 19.80 -0.06 -22.01
N GLN C 308 20.81 0.23 -22.84
CA GLN C 308 21.66 1.39 -22.65
C GLN C 308 20.99 2.73 -22.84
N ARG C 309 19.98 2.88 -23.68
CA ARG C 309 19.22 4.12 -23.79
C ARG C 309 18.49 4.54 -22.52
N MET C 310 17.91 3.61 -21.76
CA MET C 310 17.29 3.76 -20.47
C MET C 310 18.30 4.17 -19.43
N TYR C 311 19.51 3.63 -19.37
CA TYR C 311 20.61 4.11 -18.55
C TYR C 311 21.04 5.51 -18.95
N ALA C 312 21.18 5.84 -20.23
CA ALA C 312 21.53 7.22 -20.61
C ALA C 312 20.42 8.18 -20.26
N LEU C 313 19.14 7.88 -20.54
CA LEU C 313 17.99 8.69 -20.19
C LEU C 313 17.86 8.97 -18.71
N SER C 314 18.16 8.06 -17.79
CA SER C 314 18.23 8.22 -16.36
C SER C 314 19.18 9.31 -15.96
N LYS C 315 20.35 9.50 -16.55
CA LYS C 315 21.29 10.57 -16.36
C LYS C 315 20.78 11.87 -16.95
N GLU C 316 20.06 11.90 -18.05
CA GLU C 316 19.50 13.09 -18.66
C GLU C 316 18.35 13.71 -17.88
N LEU C 317 17.47 12.93 -17.24
CA LEU C 317 16.36 13.44 -16.49
C LEU C 317 16.65 13.87 -15.06
N SER C 318 17.76 13.49 -14.48
CA SER C 318 18.20 13.83 -13.17
C SER C 318 19.09 15.05 -13.01
N ILE C 319 19.04 16.02 -13.91
CA ILE C 319 19.80 17.24 -13.87
C ILE C 319 19.27 18.23 -12.84
N MET D 1 14.65 24.43 -32.49
CA MET D 1 13.53 24.84 -31.60
C MET D 1 14.07 25.47 -30.32
N LYS D 2 13.64 26.68 -30.01
CA LYS D 2 14.12 27.39 -28.83
C LYS D 2 13.19 27.33 -27.63
N ARG D 3 11.88 27.44 -27.82
CA ARG D 3 10.91 27.39 -26.75
C ARG D 3 9.75 26.46 -27.08
N ILE D 4 9.52 25.46 -26.22
CA ILE D 4 8.36 24.58 -26.37
C ILE D 4 7.39 24.72 -25.17
N GLY D 5 6.15 24.29 -25.34
CA GLY D 5 5.15 24.18 -24.31
C GLY D 5 4.77 22.73 -24.00
N VAL D 6 4.11 22.47 -22.88
CA VAL D 6 3.56 21.17 -22.47
C VAL D 6 2.24 21.38 -21.75
N LEU D 7 1.27 20.48 -21.87
CA LEU D 7 -0.08 20.65 -21.34
C LEU D 7 -0.70 19.28 -21.16
N THR D 8 -1.71 19.12 -20.29
CA THR D 8 -2.34 17.82 -20.09
C THR D 8 -3.83 17.98 -20.37
N SER D 9 -4.46 17.10 -21.15
CA SER D 9 -5.87 17.27 -21.45
C SER D 9 -6.61 15.95 -21.26
N GLY D 10 -7.92 16.08 -20.96
CA GLY D 10 -8.78 14.89 -20.78
C GLY D 10 -8.76 14.43 -19.34
N GLY D 11 -9.29 13.26 -19.05
CA GLY D 11 -9.25 12.83 -17.64
C GLY D 11 -7.79 12.78 -17.25
N ASP D 12 -7.42 13.16 -16.06
CA ASP D 12 -6.03 13.01 -15.61
C ASP D 12 -5.78 11.54 -15.28
N SER D 13 -4.50 11.16 -15.12
CA SER D 13 -4.21 9.78 -14.78
C SER D 13 -2.82 9.71 -14.20
N PRO D 14 -2.65 8.65 -13.43
CA PRO D 14 -1.41 8.41 -12.72
C PRO D 14 -0.21 8.36 -13.66
N GLY D 15 0.75 9.28 -13.56
CA GLY D 15 1.89 9.22 -14.46
C GLY D 15 1.99 10.45 -15.31
N MET D 16 0.96 11.34 -15.28
CA MET D 16 1.05 12.59 -16.00
C MET D 16 2.17 13.47 -15.47
N ASN D 17 2.46 13.53 -14.18
CA ASN D 17 3.55 14.28 -13.63
C ASN D 17 4.89 13.69 -13.95
N ALA D 18 5.10 12.39 -14.06
CA ALA D 18 6.34 11.80 -14.53
C ALA D 18 6.50 12.10 -16.03
N ALA D 19 5.51 12.18 -16.90
CA ALA D 19 5.60 12.65 -18.25
C ALA D 19 5.91 14.13 -18.31
N ILE D 20 5.32 14.99 -17.54
CA ILE D 20 5.66 16.41 -17.44
C ILE D 20 7.13 16.52 -17.01
N ARG D 21 7.62 15.88 -15.97
CA ARG D 21 9.01 15.90 -15.55
C ARG D 21 9.93 15.50 -16.70
N SER D 22 9.78 14.32 -17.32
CA SER D 22 10.65 13.99 -18.44
C SER D 22 10.50 15.00 -19.56
N VAL D 23 9.42 15.52 -20.08
CA VAL D 23 9.37 16.60 -21.04
C VAL D 23 10.25 17.76 -20.61
N VAL D 24 10.00 18.41 -19.47
CA VAL D 24 10.74 19.54 -18.94
C VAL D 24 12.21 19.27 -18.77
N ARG D 25 12.64 18.17 -18.16
CA ARG D 25 14.05 17.86 -17.98
C ARG D 25 14.85 17.53 -19.23
N LYS D 26 14.30 16.87 -20.24
CA LYS D 26 14.92 16.50 -21.48
C LYS D 26 15.04 17.76 -22.35
N ALA D 27 13.99 18.58 -22.49
CA ALA D 27 14.08 19.85 -23.18
C ALA D 27 15.11 20.79 -22.58
N ILE D 28 15.21 21.03 -21.27
CA ILE D 28 16.21 21.84 -20.60
C ILE D 28 17.58 21.17 -20.78
N TYR D 29 17.74 19.85 -20.68
CA TYR D 29 18.98 19.17 -21.01
C TYR D 29 19.56 19.58 -22.35
N HIS D 30 18.89 19.65 -23.48
CA HIS D 30 19.31 20.12 -24.76
C HIS D 30 19.14 21.60 -24.99
N GLY D 31 19.22 22.52 -24.03
CA GLY D 31 19.05 23.91 -24.04
C GLY D 31 17.73 24.52 -24.39
N VAL D 32 16.59 23.87 -24.31
CA VAL D 32 15.30 24.41 -24.76
C VAL D 32 14.46 24.85 -23.56
N GLU D 33 13.74 25.94 -23.64
CA GLU D 33 12.88 26.43 -22.59
C GLU D 33 11.48 25.84 -22.76
N VAL D 34 10.93 25.39 -21.64
CA VAL D 34 9.64 24.76 -21.53
C VAL D 34 8.73 25.64 -20.65
N TYR D 35 7.57 25.92 -21.21
CA TYR D 35 6.48 26.72 -20.70
C TYR D 35 5.37 25.71 -20.38
N GLY D 36 4.79 25.82 -19.18
CA GLY D 36 3.70 24.91 -18.82
C GLY D 36 2.45 25.66 -19.23
N VAL D 37 1.47 24.96 -19.74
CA VAL D 37 0.19 25.52 -20.12
C VAL D 37 -0.79 24.88 -19.14
N TYR D 38 -1.48 25.73 -18.40
CA TYR D 38 -2.38 25.25 -17.36
C TYR D 38 -3.78 25.08 -17.90
N HIS D 39 -4.53 24.07 -17.39
CA HIS D 39 -5.90 23.80 -17.72
C HIS D 39 -6.19 23.37 -19.18
N GLY D 40 -5.32 22.51 -19.70
CA GLY D 40 -5.38 22.01 -21.05
C GLY D 40 -5.52 23.04 -22.16
N TYR D 41 -6.45 22.73 -23.07
CA TYR D 41 -6.79 23.61 -24.18
C TYR D 41 -7.57 24.84 -23.81
N ALA D 42 -8.37 24.89 -22.74
CA ALA D 42 -9.07 26.02 -22.15
C ALA D 42 -8.14 27.11 -21.67
N GLY D 43 -7.01 26.78 -21.05
CA GLY D 43 -5.96 27.68 -20.66
C GLY D 43 -5.01 28.02 -21.78
N LEU D 44 -4.94 27.24 -22.86
CA LEU D 44 -4.19 27.59 -24.06
C LEU D 44 -4.89 28.79 -24.70
N ILE D 45 -6.20 28.74 -24.94
CA ILE D 45 -7.02 29.86 -25.34
C ILE D 45 -6.93 31.04 -24.39
N ALA D 46 -6.99 30.89 -23.07
CA ALA D 46 -6.91 31.98 -22.13
C ALA D 46 -5.54 32.50 -21.86
N GLY D 47 -4.42 31.86 -22.18
CA GLY D 47 -3.14 32.47 -21.91
C GLY D 47 -2.60 32.12 -20.57
N ASN D 48 -2.93 30.99 -19.95
CA ASN D 48 -2.40 30.48 -18.70
C ASN D 48 -1.13 29.67 -18.85
N ILE D 49 -0.05 30.34 -19.28
CA ILE D 49 1.21 29.84 -19.72
C ILE D 49 2.24 30.36 -18.76
N LYS D 50 3.14 29.53 -18.26
CA LYS D 50 4.13 30.03 -17.30
C LYS D 50 5.37 29.20 -17.49
N LYS D 51 6.52 29.87 -17.57
CA LYS D 51 7.79 29.16 -17.73
C LYS D 51 7.90 28.11 -16.65
N LEU D 52 8.50 26.99 -16.98
CA LEU D 52 8.83 25.91 -16.07
C LEU D 52 10.35 25.90 -15.97
N GLU D 53 10.87 25.74 -14.77
CA GLU D 53 12.30 25.75 -14.53
C GLU D 53 12.66 24.34 -14.12
N VAL D 54 13.93 23.96 -13.96
CA VAL D 54 14.33 22.62 -13.63
C VAL D 54 13.74 22.08 -12.32
N GLY D 55 13.77 22.88 -11.26
CA GLY D 55 13.29 22.68 -9.96
C GLY D 55 11.80 22.66 -9.81
N ASP D 56 10.94 23.12 -10.69
CA ASP D 56 9.49 23.02 -10.62
C ASP D 56 8.88 21.68 -10.88
N VAL D 57 9.59 20.65 -11.32
CA VAL D 57 9.19 19.32 -11.62
C VAL D 57 9.90 18.41 -10.62
N GLY D 58 10.60 18.98 -9.65
CA GLY D 58 11.15 18.28 -8.52
C GLY D 58 10.02 17.84 -7.61
N ASP D 59 10.06 16.57 -7.18
CA ASP D 59 9.07 15.97 -6.31
C ASP D 59 7.67 15.78 -6.80
N ILE D 60 7.45 15.66 -8.11
CA ILE D 60 6.21 15.40 -8.77
C ILE D 60 6.25 14.00 -9.38
N ILE D 61 7.39 13.32 -9.53
CA ILE D 61 7.51 12.03 -10.18
C ILE D 61 6.63 10.90 -9.70
N HIS D 62 6.44 10.73 -8.41
CA HIS D 62 5.69 9.90 -7.55
C HIS D 62 4.32 10.46 -7.18
N ARG D 63 3.84 11.55 -7.76
CA ARG D 63 2.55 12.12 -7.42
C ARG D 63 1.51 11.86 -8.49
N GLY D 64 0.28 11.53 -8.11
CA GLY D 64 -0.80 11.32 -9.04
C GLY D 64 -1.25 12.66 -9.57
N GLY D 65 -2.32 12.65 -10.40
CA GLY D 65 -2.84 13.92 -10.89
C GLY D 65 -1.87 14.49 -11.92
N THR D 66 -2.02 15.79 -12.10
CA THR D 66 -1.25 16.59 -12.99
C THR D 66 -1.14 17.94 -12.34
N ILE D 67 0.05 18.52 -12.19
CA ILE D 67 0.28 19.85 -11.70
C ILE D 67 -0.07 20.97 -12.65
N LEU D 68 -0.38 20.77 -13.92
CA LEU D 68 -0.74 21.70 -14.93
C LEU D 68 -2.25 21.72 -15.07
N TYR D 69 -3.00 20.83 -14.43
CA TYR D 69 -4.44 20.70 -14.39
C TYR D 69 -4.97 20.39 -15.80
N THR D 70 -6.23 20.02 -15.87
CA THR D 70 -6.88 19.65 -17.09
C THR D 70 -8.25 20.29 -17.16
N ALA D 71 -8.80 20.42 -18.35
CA ALA D 71 -10.09 21.07 -18.55
C ALA D 71 -10.67 20.71 -19.91
N ARG D 72 -11.98 20.74 -19.96
CA ARG D 72 -12.65 20.36 -21.21
C ARG D 72 -12.71 21.62 -22.02
N CYS D 73 -12.54 21.51 -23.34
CA CYS D 73 -12.55 22.70 -24.19
C CYS D 73 -13.04 22.31 -25.57
N PRO D 74 -14.38 22.34 -25.70
CA PRO D 74 -15.12 22.07 -26.93
C PRO D 74 -15.01 23.19 -27.93
N GLU D 75 -14.73 24.45 -27.58
CA GLU D 75 -14.33 25.56 -28.41
C GLU D 75 -13.07 25.39 -29.25
N PHE D 76 -12.10 24.53 -28.96
CA PHE D 76 -10.95 24.08 -29.65
C PHE D 76 -11.16 23.11 -30.82
N LYS D 77 -12.36 22.56 -30.97
CA LYS D 77 -12.83 21.81 -32.10
C LYS D 77 -12.94 22.77 -33.28
N THR D 78 -13.60 23.89 -33.12
CA THR D 78 -13.72 24.93 -34.10
C THR D 78 -12.42 25.70 -34.40
N GLU D 79 -12.51 26.32 -35.59
CA GLU D 79 -11.51 27.16 -36.21
C GLU D 79 -11.29 28.45 -35.45
N GLU D 80 -12.34 29.11 -34.93
CA GLU D 80 -12.18 30.19 -33.98
C GLU D 80 -11.30 29.72 -32.81
N GLY D 81 -11.65 28.65 -32.08
CA GLY D 81 -10.86 28.13 -30.99
C GLY D 81 -9.38 27.96 -31.24
N GLN D 82 -8.98 27.26 -32.30
CA GLN D 82 -7.61 27.08 -32.74
C GLN D 82 -6.83 28.35 -33.01
N LYS D 83 -7.39 29.38 -33.65
CA LYS D 83 -6.80 30.67 -33.86
C LYS D 83 -6.62 31.47 -32.59
N LYS D 84 -7.50 31.40 -31.59
CA LYS D 84 -7.27 32.02 -30.29
C LYS D 84 -6.11 31.31 -29.57
N GLY D 85 -6.00 29.98 -29.58
CA GLY D 85 -4.91 29.24 -29.05
C GLY D 85 -3.58 29.55 -29.66
N ILE D 86 -3.43 29.61 -30.98
CA ILE D 86 -2.23 29.97 -31.76
C ILE D 86 -1.67 31.35 -31.52
N GLU D 87 -2.52 32.35 -31.32
CA GLU D 87 -2.29 33.69 -30.89
C GLU D 87 -1.64 33.74 -29.51
N GLN D 88 -2.03 32.90 -28.54
CA GLN D 88 -1.37 32.76 -27.26
C GLN D 88 -0.04 32.06 -27.38
N LEU D 89 0.10 31.04 -28.24
CA LEU D 89 1.37 30.41 -28.52
C LEU D 89 2.34 31.39 -29.17
N LYS D 90 1.90 32.13 -30.20
CA LYS D 90 2.69 33.15 -30.86
C LYS D 90 3.12 34.26 -29.93
N LYS D 91 2.27 34.77 -29.04
CA LYS D 91 2.51 35.78 -28.04
C LYS D 91 3.58 35.47 -27.02
N HIS D 92 3.83 34.24 -26.61
CA HIS D 92 4.87 33.79 -25.72
C HIS D 92 6.11 33.21 -26.38
N GLY D 93 6.09 33.18 -27.73
CA GLY D 93 7.15 32.58 -28.50
C GLY D 93 7.30 31.07 -28.40
N ILE D 94 6.23 30.29 -28.23
CA ILE D 94 6.27 28.87 -28.15
C ILE D 94 6.18 28.37 -29.60
N GLU D 95 7.12 27.55 -30.01
CA GLU D 95 7.22 27.00 -31.35
C GLU D 95 6.70 25.57 -31.49
N GLY D 96 6.66 24.81 -30.39
CA GLY D 96 6.16 23.44 -30.45
C GLY D 96 5.44 23.10 -29.15
N LEU D 97 4.58 22.09 -29.17
CA LEU D 97 3.84 21.68 -28.00
C LEU D 97 3.88 20.18 -27.77
N VAL D 98 4.08 19.71 -26.54
CA VAL D 98 3.90 18.33 -26.18
C VAL D 98 2.52 18.26 -25.50
N VAL D 99 1.56 17.48 -25.96
CA VAL D 99 0.21 17.32 -25.51
C VAL D 99 0.02 15.93 -24.89
N ILE D 100 -0.15 15.83 -23.57
CA ILE D 100 -0.36 14.61 -22.83
C ILE D 100 -1.83 14.35 -22.57
N GLY D 101 -2.41 13.23 -22.94
CA GLY D 101 -3.81 12.99 -22.71
C GLY D 101 -4.42 11.90 -23.56
N GLY D 102 -5.74 11.92 -23.75
CA GLY D 102 -6.40 10.90 -24.55
C GLY D 102 -6.59 11.25 -26.01
N ASP D 103 -7.55 10.61 -26.66
CA ASP D 103 -8.01 10.77 -28.00
C ASP D 103 -8.34 12.19 -28.42
N GLY D 104 -9.14 12.91 -27.62
CA GLY D 104 -9.54 14.28 -27.81
C GLY D 104 -8.46 15.32 -27.74
N SER D 105 -7.40 15.08 -26.95
CA SER D 105 -6.20 15.83 -26.84
C SER D 105 -5.40 15.65 -28.12
N TYR D 106 -5.34 14.49 -28.78
CA TYR D 106 -4.76 14.23 -30.07
C TYR D 106 -5.45 14.90 -31.26
N GLN D 107 -6.75 15.14 -31.24
CA GLN D 107 -7.46 15.93 -32.24
C GLN D 107 -6.98 17.36 -32.28
N GLY D 108 -6.76 18.04 -31.15
CA GLY D 108 -6.15 19.34 -31.07
C GLY D 108 -4.70 19.35 -31.53
N ALA D 109 -3.89 18.30 -31.29
CA ALA D 109 -2.53 18.21 -31.73
C ALA D 109 -2.46 18.13 -33.25
N LYS D 110 -3.29 17.28 -33.86
CA LYS D 110 -3.43 17.22 -35.30
C LYS D 110 -3.83 18.57 -35.86
N LYS D 111 -4.90 19.26 -35.44
CA LYS D 111 -5.29 20.57 -35.90
C LYS D 111 -4.24 21.67 -35.74
N LEU D 112 -3.46 21.68 -34.67
CA LEU D 112 -2.38 22.60 -34.48
C LEU D 112 -1.24 22.37 -35.45
N THR D 113 -0.88 21.12 -35.82
CA THR D 113 0.21 20.88 -36.74
C THR D 113 -0.19 21.31 -38.14
N GLU D 114 -1.40 21.12 -38.65
CA GLU D 114 -1.93 21.75 -39.83
C GLU D 114 -1.99 23.27 -39.89
N HIS D 115 -1.84 24.11 -38.90
CA HIS D 115 -1.77 25.51 -38.77
C HIS D 115 -0.34 25.96 -38.46
N GLY D 116 0.63 25.05 -38.56
CA GLY D 116 2.03 25.43 -38.54
C GLY D 116 2.68 25.36 -37.19
N PHE D 117 2.10 24.60 -36.27
CA PHE D 117 2.59 24.49 -34.91
C PHE D 117 2.79 23.01 -34.63
N PRO D 118 4.07 22.64 -34.72
CA PRO D 118 4.46 21.23 -34.51
C PRO D 118 4.02 20.76 -33.13
N CYS D 119 3.29 19.68 -33.03
CA CYS D 119 2.82 19.11 -31.79
C CYS D 119 2.99 17.60 -31.77
N VAL D 120 3.31 17.03 -30.62
CA VAL D 120 3.40 15.60 -30.43
C VAL D 120 2.43 15.22 -29.30
N GLY D 121 1.76 14.10 -29.36
CA GLY D 121 0.84 13.46 -28.50
C GLY D 121 1.49 12.31 -27.74
N VAL D 122 1.31 12.26 -26.45
CA VAL D 122 1.73 11.32 -25.41
C VAL D 122 0.44 10.79 -24.80
N PRO D 123 0.30 9.47 -24.82
CA PRO D 123 -0.94 8.80 -24.38
C PRO D 123 -1.12 8.74 -22.86
N GLY D 124 -2.02 9.57 -22.37
CA GLY D 124 -2.27 9.70 -20.93
C GLY D 124 -3.68 9.31 -20.56
N THR D 125 -3.89 8.07 -20.15
CA THR D 125 -5.27 7.68 -19.81
C THR D 125 -5.18 6.35 -19.08
N ILE D 126 -6.17 6.02 -18.27
CA ILE D 126 -6.22 4.78 -17.51
C ILE D 126 -6.96 3.66 -18.22
N ASP D 127 -7.69 4.01 -19.29
CA ASP D 127 -8.48 3.13 -20.08
C ASP D 127 -7.77 2.17 -21.01
N ASN D 128 -6.59 2.59 -21.49
CA ASN D 128 -5.81 1.86 -22.44
C ASN D 128 -6.36 1.93 -23.86
N ASP D 129 -7.14 2.91 -24.29
CA ASP D 129 -7.75 2.91 -25.61
C ASP D 129 -7.32 4.13 -26.37
N ILE D 130 -6.00 4.17 -26.60
CA ILE D 130 -5.40 5.25 -27.42
C ILE D 130 -4.66 4.36 -28.39
N PRO D 131 -4.98 4.57 -29.65
CA PRO D 131 -4.41 3.78 -30.76
C PRO D 131 -2.95 4.05 -30.96
N GLY D 132 -2.23 2.99 -31.32
CA GLY D 132 -0.80 3.13 -31.59
C GLY D 132 0.08 2.94 -30.37
N THR D 133 -0.47 2.41 -29.29
CA THR D 133 0.34 2.10 -28.11
C THR D 133 -0.30 0.88 -27.52
N ASP D 134 0.49 -0.04 -26.99
CA ASP D 134 -0.05 -1.20 -26.31
C ASP D 134 -0.61 -0.77 -24.97
N PHE D 135 0.10 0.07 -24.19
CA PHE D 135 -0.16 0.58 -22.89
C PHE D 135 -0.24 2.11 -22.84
N THR D 136 -1.27 2.64 -22.13
CA THR D 136 -1.36 4.11 -22.05
C THR D 136 -0.80 4.49 -20.69
N ILE D 137 -0.25 5.68 -20.55
CA ILE D 137 0.28 6.03 -19.21
C ILE D 137 -0.91 6.09 -18.24
N GLY D 138 -0.92 5.29 -17.19
CA GLY D 138 -2.00 5.29 -16.22
C GLY D 138 -2.73 3.97 -16.04
N PHE D 139 -2.76 3.14 -17.05
CA PHE D 139 -3.37 1.83 -17.11
C PHE D 139 -2.84 0.89 -16.05
N ASP D 140 -1.52 0.75 -15.87
CA ASP D 140 -0.99 -0.13 -14.82
C ASP D 140 -1.36 0.31 -13.40
N THR D 141 -1.34 1.63 -13.06
CA THR D 141 -1.79 2.09 -11.78
C THR D 141 -3.27 1.77 -11.52
N ALA D 142 -4.20 2.00 -12.44
CA ALA D 142 -5.59 1.63 -12.36
C ALA D 142 -5.83 0.17 -12.14
N LEU D 143 -5.11 -0.81 -12.69
CA LEU D 143 -5.15 -2.22 -12.45
C LEU D 143 -4.72 -2.54 -11.04
N ASN D 144 -3.69 -1.86 -10.52
CA ASN D 144 -3.25 -2.06 -9.14
C ASN D 144 -4.28 -1.49 -8.20
N THR D 145 -4.99 -0.37 -8.41
CA THR D 145 -6.10 0.01 -7.60
C THR D 145 -7.23 -0.98 -7.68
N VAL D 146 -7.73 -1.50 -8.80
CA VAL D 146 -8.75 -2.56 -8.76
C VAL D 146 -8.32 -3.80 -8.03
N ILE D 147 -7.09 -4.32 -8.09
CA ILE D 147 -6.71 -5.58 -7.46
C ILE D 147 -6.49 -5.41 -5.99
N ASP D 148 -6.20 -4.24 -5.45
CA ASP D 148 -6.27 -3.95 -4.04
C ASP D 148 -7.66 -4.20 -3.46
N ALA D 149 -8.73 -3.72 -4.06
CA ALA D 149 -10.11 -3.95 -3.74
C ALA D 149 -10.45 -5.42 -3.81
N ILE D 150 -10.13 -6.11 -4.93
CA ILE D 150 -10.32 -7.55 -5.05
C ILE D 150 -9.59 -8.39 -4.02
N ASP D 151 -8.35 -8.13 -3.61
CA ASP D 151 -7.62 -8.86 -2.58
C ASP D 151 -8.23 -8.78 -1.21
N LYS D 152 -8.77 -7.60 -0.84
CA LYS D 152 -9.51 -7.33 0.38
C LYS D 152 -10.83 -8.06 0.45
N ILE D 153 -11.52 -8.21 -0.70
CA ILE D 153 -12.69 -9.07 -0.77
C ILE D 153 -12.34 -10.51 -0.59
N ARG D 154 -11.19 -11.04 -0.99
CA ARG D 154 -10.66 -12.35 -0.80
C ARG D 154 -10.42 -12.67 0.66
N ASP D 155 -10.16 -11.77 1.61
CA ASP D 155 -10.07 -12.04 3.01
C ASP D 155 -11.38 -12.38 3.70
N THR D 156 -12.54 -11.88 3.28
CA THR D 156 -13.76 -12.28 3.93
C THR D 156 -13.81 -13.79 3.94
N ALA D 157 -14.33 -14.35 4.99
CA ALA D 157 -14.46 -15.74 5.32
C ALA D 157 -15.84 -16.00 5.91
N THR D 158 -16.81 -15.27 5.36
CA THR D 158 -18.18 -15.37 5.88
C THR D 158 -18.93 -16.34 4.99
N SER D 159 -19.29 -17.51 5.51
CA SER D 159 -20.02 -18.53 4.77
C SER D 159 -21.16 -18.19 3.84
N HIS D 160 -22.08 -17.29 4.17
CA HIS D 160 -23.21 -16.85 3.42
C HIS D 160 -22.94 -15.59 2.62
N GLU D 161 -21.78 -14.96 2.73
CA GLU D 161 -21.38 -13.84 1.88
C GLU D 161 -20.21 -14.26 0.97
N ARG D 162 -20.50 -15.08 -0.05
CA ARG D 162 -19.47 -15.50 -0.99
C ARG D 162 -19.56 -14.84 -2.36
N THR D 163 -20.59 -14.06 -2.70
CA THR D 163 -20.79 -13.51 -4.05
C THR D 163 -20.63 -12.03 -4.23
N TYR D 164 -19.48 -11.63 -4.83
CA TYR D 164 -19.06 -10.23 -4.96
C TYR D 164 -19.11 -9.69 -6.40
N VAL D 165 -19.64 -8.49 -6.61
CA VAL D 165 -19.78 -7.78 -7.88
C VAL D 165 -18.99 -6.47 -7.72
N ILE D 166 -17.93 -6.31 -8.53
CA ILE D 166 -17.09 -5.11 -8.51
C ILE D 166 -17.30 -4.41 -9.86
N GLU D 167 -17.61 -3.13 -9.80
CA GLU D 167 -17.82 -2.36 -11.01
C GLU D 167 -16.58 -1.50 -11.20
N VAL D 168 -15.89 -1.66 -12.33
CA VAL D 168 -14.66 -0.94 -12.66
C VAL D 168 -14.93 0.08 -13.78
N MET D 169 -13.93 0.90 -14.10
CA MET D 169 -14.15 1.82 -15.20
C MET D 169 -14.04 1.14 -16.54
N GLY D 170 -14.45 1.81 -17.61
CA GLY D 170 -14.41 1.20 -18.94
C GLY D 170 -15.72 1.43 -19.67
N ARG D 171 -15.92 2.70 -19.98
CA ARG D 171 -17.13 3.05 -20.75
C ARG D 171 -17.08 2.36 -22.12
N HIS D 172 -16.03 2.55 -22.96
CA HIS D 172 -15.94 1.87 -24.23
C HIS D 172 -14.93 0.74 -24.28
N ALA D 173 -13.87 0.74 -23.50
CA ALA D 173 -12.84 -0.28 -23.53
C ALA D 173 -12.94 -1.16 -22.31
N GLY D 174 -12.77 -2.45 -22.44
CA GLY D 174 -12.84 -3.47 -21.44
C GLY D 174 -11.46 -3.93 -20.94
N ASP D 175 -10.40 -3.18 -21.17
CA ASP D 175 -9.06 -3.43 -20.78
C ASP D 175 -8.89 -3.45 -19.27
N ILE D 176 -9.38 -2.46 -18.52
CA ILE D 176 -9.34 -2.48 -17.06
C ILE D 176 -10.09 -3.67 -16.53
N ALA D 177 -11.33 -3.97 -16.97
CA ALA D 177 -12.03 -5.15 -16.50
C ALA D 177 -11.34 -6.45 -16.80
N LEU D 178 -10.81 -6.66 -18.01
CA LEU D 178 -10.17 -7.89 -18.42
C LEU D 178 -8.86 -8.20 -17.75
N TRP D 179 -7.95 -7.22 -17.66
CA TRP D 179 -6.66 -7.44 -16.98
C TRP D 179 -6.75 -7.56 -15.46
N SER D 180 -7.67 -6.90 -14.77
CA SER D 180 -8.04 -6.94 -13.40
C SER D 180 -8.72 -8.23 -13.04
N GLY D 181 -9.64 -8.68 -13.92
CA GLY D 181 -10.36 -9.94 -13.70
C GLY D 181 -9.40 -11.12 -13.76
N LEU D 182 -8.49 -11.10 -14.78
CA LEU D 182 -7.49 -12.12 -14.91
C LEU D 182 -6.51 -12.14 -13.76
N ALA D 183 -5.99 -10.97 -13.40
CA ALA D 183 -5.12 -10.79 -12.25
C ALA D 183 -5.81 -11.05 -10.90
N GLY D 184 -7.11 -10.73 -10.74
CA GLY D 184 -7.88 -10.94 -9.58
C GLY D 184 -8.50 -12.31 -9.42
N GLY D 185 -8.57 -13.10 -10.51
CA GLY D 185 -9.17 -14.42 -10.52
C GLY D 185 -10.70 -14.29 -10.59
N ALA D 186 -11.15 -13.30 -11.35
CA ALA D 186 -12.59 -13.05 -11.42
C ALA D 186 -13.17 -14.24 -12.17
N GLU D 187 -14.37 -14.66 -11.82
CA GLU D 187 -15.04 -15.77 -12.47
C GLU D 187 -15.72 -15.30 -13.73
N THR D 188 -16.35 -14.13 -13.70
CA THR D 188 -17.08 -13.60 -14.82
C THR D 188 -16.62 -12.17 -15.03
N ILE D 189 -16.31 -11.79 -16.26
CA ILE D 189 -15.78 -10.50 -16.63
C ILE D 189 -16.70 -9.95 -17.72
N LEU D 190 -17.39 -8.86 -17.48
CA LEU D 190 -18.34 -8.30 -18.39
C LEU D 190 -17.77 -7.06 -19.00
N ILE D 191 -17.38 -7.11 -20.26
CA ILE D 191 -16.71 -6.03 -20.98
C ILE D 191 -17.56 -5.69 -22.16
N PRO D 192 -17.49 -4.44 -22.65
CA PRO D 192 -18.30 -3.89 -23.72
C PRO D 192 -18.22 -4.67 -25.01
N GLU D 193 -17.09 -5.07 -25.51
CA GLU D 193 -16.71 -5.83 -26.63
C GLU D 193 -17.35 -7.22 -26.72
N ALA D 194 -17.36 -8.00 -25.67
CA ALA D 194 -17.99 -9.31 -25.68
C ALA D 194 -19.43 -9.20 -25.22
N ASP D 195 -20.22 -10.13 -25.72
CA ASP D 195 -21.64 -10.23 -25.40
C ASP D 195 -21.64 -11.40 -24.40
N TYR D 196 -22.53 -11.27 -23.46
CA TYR D 196 -22.60 -12.20 -22.34
C TYR D 196 -24.02 -12.74 -22.28
N ASP D 197 -24.07 -13.89 -21.67
CA ASP D 197 -25.41 -14.43 -21.43
C ASP D 197 -25.54 -14.49 -19.92
N MET D 198 -26.63 -13.91 -19.40
CA MET D 198 -26.98 -13.92 -17.99
C MET D 198 -27.22 -15.30 -17.45
N ASN D 199 -27.84 -16.21 -18.18
CA ASN D 199 -27.95 -17.64 -17.95
C ASN D 199 -26.59 -18.31 -17.83
N ASP D 200 -25.59 -18.02 -18.65
CA ASP D 200 -24.23 -18.49 -18.51
C ASP D 200 -23.58 -17.97 -17.22
N VAL D 201 -23.66 -16.66 -16.93
CA VAL D 201 -23.21 -16.06 -15.69
C VAL D 201 -23.83 -16.74 -14.48
N ILE D 202 -25.16 -16.92 -14.37
CA ILE D 202 -25.78 -17.65 -13.28
C ILE D 202 -25.29 -19.08 -13.15
N ALA D 203 -25.20 -19.87 -14.20
CA ALA D 203 -24.77 -21.24 -14.29
C ALA D 203 -23.40 -21.47 -13.72
N ARG D 204 -22.41 -20.72 -14.16
CA ARG D 204 -21.06 -20.70 -13.66
C ARG D 204 -20.94 -20.42 -12.18
N LEU D 205 -21.61 -19.38 -11.69
CA LEU D 205 -21.84 -19.08 -10.30
C LEU D 205 -22.37 -20.23 -9.48
N LYS D 206 -23.42 -20.94 -9.93
CA LYS D 206 -23.91 -22.14 -9.30
C LYS D 206 -22.94 -23.30 -9.32
N ARG D 207 -22.26 -23.51 -10.43
CA ARG D 207 -21.23 -24.53 -10.65
C ARG D 207 -20.08 -24.30 -9.70
N GLY D 208 -19.56 -23.07 -9.51
CA GLY D 208 -18.56 -22.76 -8.52
C GLY D 208 -18.96 -22.92 -7.06
N HIS D 209 -20.19 -22.59 -6.68
CA HIS D 209 -20.79 -22.76 -5.38
C HIS D 209 -20.90 -24.23 -5.03
N GLU D 210 -21.37 -25.11 -5.93
CA GLU D 210 -21.39 -26.54 -5.76
C GLU D 210 -20.03 -27.17 -5.55
N ARG D 211 -18.92 -26.76 -6.15
CA ARG D 211 -17.62 -27.31 -5.86
C ARG D 211 -16.86 -26.59 -4.75
N GLY D 212 -17.42 -25.65 -4.02
CA GLY D 212 -16.87 -25.05 -2.84
C GLY D 212 -16.00 -23.84 -3.08
N LYS D 213 -16.16 -23.14 -4.18
CA LYS D 213 -15.36 -21.94 -4.41
C LYS D 213 -15.57 -21.05 -3.20
N LYS D 214 -14.52 -20.64 -2.51
CA LYS D 214 -14.70 -19.73 -1.37
C LYS D 214 -15.37 -18.45 -1.71
N HIS D 215 -15.04 -17.67 -2.74
CA HIS D 215 -15.57 -16.44 -3.26
C HIS D 215 -15.83 -16.55 -4.77
N SER D 216 -16.85 -15.93 -5.29
CA SER D 216 -17.20 -15.84 -6.68
C SER D 216 -17.19 -14.33 -7.01
N ILE D 217 -16.18 -13.88 -7.74
CA ILE D 217 -15.99 -12.47 -8.01
C ILE D 217 -16.42 -12.12 -9.42
N ILE D 218 -17.39 -11.20 -9.53
CA ILE D 218 -17.88 -10.75 -10.85
C ILE D 218 -17.44 -9.32 -11.09
N ILE D 219 -16.81 -9.05 -12.21
CA ILE D 219 -16.35 -7.71 -12.60
C ILE D 219 -17.25 -7.24 -13.74
N VAL D 220 -17.79 -6.05 -13.62
CA VAL D 220 -18.63 -5.44 -14.63
C VAL D 220 -17.93 -4.13 -15.06
N ALA D 221 -17.81 -3.94 -16.38
CA ALA D 221 -17.21 -2.66 -16.78
C ALA D 221 -18.33 -1.66 -16.61
N GLU D 222 -18.07 -0.40 -16.31
CA GLU D 222 -19.20 0.53 -16.28
C GLU D 222 -19.97 0.66 -17.58
N GLY D 223 -19.47 0.60 -18.80
CA GLY D 223 -20.09 0.54 -20.07
C GLY D 223 -21.08 -0.57 -20.36
N VAL D 224 -21.09 -1.73 -19.73
CA VAL D 224 -22.04 -2.80 -19.86
C VAL D 224 -23.28 -2.52 -19.00
N GLY D 225 -23.08 -2.00 -17.80
CA GLY D 225 -24.16 -1.81 -16.89
C GLY D 225 -23.64 -1.52 -15.50
N SER D 226 -24.56 -1.32 -14.56
CA SER D 226 -24.23 -0.99 -13.18
C SER D 226 -23.95 -2.25 -12.40
N GLY D 227 -23.04 -2.24 -11.46
CA GLY D 227 -22.87 -3.39 -10.56
C GLY D 227 -24.08 -3.65 -9.67
N VAL D 228 -24.65 -2.58 -9.08
CA VAL D 228 -25.83 -2.58 -8.26
C VAL D 228 -26.98 -3.36 -8.86
N ASP D 229 -27.45 -2.98 -10.07
CA ASP D 229 -28.46 -3.83 -10.70
C ASP D 229 -27.97 -5.20 -11.07
N PHE D 230 -26.73 -5.49 -11.51
CA PHE D 230 -26.25 -6.85 -11.65
C PHE D 230 -26.32 -7.67 -10.37
N GLY D 231 -25.86 -7.09 -9.23
CA GLY D 231 -25.99 -7.62 -7.92
C GLY D 231 -27.40 -7.93 -7.47
N ARG D 232 -28.43 -7.14 -7.77
CA ARG D 232 -29.81 -7.48 -7.47
C ARG D 232 -30.33 -8.60 -8.37
N GLN D 233 -29.91 -8.63 -9.64
CA GLN D 233 -30.26 -9.67 -10.55
C GLN D 233 -29.66 -11.00 -10.15
N ILE D 234 -28.40 -11.06 -9.72
CA ILE D 234 -27.82 -12.33 -9.30
C ILE D 234 -28.42 -12.89 -8.03
N GLN D 235 -28.70 -12.05 -7.03
CA GLN D 235 -29.29 -12.49 -5.76
C GLN D 235 -30.72 -12.94 -5.95
N GLU D 236 -31.52 -12.19 -6.70
CA GLU D 236 -32.85 -12.60 -7.07
C GLU D 236 -32.89 -13.94 -7.77
N ALA D 237 -32.13 -14.12 -8.85
CA ALA D 237 -32.01 -15.35 -9.58
C ALA D 237 -31.42 -16.49 -8.82
N THR D 238 -30.51 -16.40 -7.88
CA THR D 238 -29.91 -17.56 -7.26
C THR D 238 -30.25 -17.74 -5.81
N GLY D 239 -30.57 -16.63 -5.12
CA GLY D 239 -30.73 -16.62 -3.69
C GLY D 239 -29.42 -16.52 -2.94
N PHE D 240 -28.30 -16.18 -3.54
CA PHE D 240 -27.03 -16.00 -2.87
C PHE D 240 -26.92 -14.52 -2.50
N GLU D 241 -26.49 -14.26 -1.28
CA GLU D 241 -26.36 -12.83 -0.90
C GLU D 241 -25.20 -12.25 -1.71
N THR D 242 -25.43 -11.14 -2.37
CA THR D 242 -24.49 -10.53 -3.27
C THR D 242 -24.14 -9.13 -2.80
N ARG D 243 -22.86 -8.83 -2.61
CA ARG D 243 -22.33 -7.55 -2.21
C ARG D 243 -21.71 -6.86 -3.41
N VAL D 244 -21.90 -5.56 -3.51
CA VAL D 244 -21.45 -4.71 -4.58
C VAL D 244 -20.52 -3.62 -4.08
N THR D 245 -19.44 -3.41 -4.82
CA THR D 245 -18.44 -2.40 -4.64
C THR D 245 -18.40 -1.61 -5.94
N VAL D 246 -18.45 -0.32 -5.92
CA VAL D 246 -18.44 0.55 -7.07
C VAL D 246 -17.23 1.45 -6.83
N LEU D 247 -16.06 1.20 -7.44
CA LEU D 247 -14.86 1.96 -7.16
C LEU D 247 -14.90 3.42 -7.56
N GLY D 248 -15.49 3.69 -8.76
CA GLY D 248 -15.61 5.07 -9.13
C GLY D 248 -14.27 5.66 -9.40
N HIS D 249 -14.10 6.98 -9.19
CA HIS D 249 -12.92 7.74 -9.47
C HIS D 249 -11.66 7.51 -8.68
N VAL D 250 -11.47 6.54 -7.83
CA VAL D 250 -10.34 6.01 -7.13
C VAL D 250 -9.37 5.39 -8.13
N GLN D 251 -9.82 4.73 -9.19
CA GLN D 251 -9.15 4.22 -10.36
C GLN D 251 -8.35 5.30 -11.09
N ARG D 252 -8.74 6.56 -11.23
CA ARG D 252 -7.95 7.63 -11.70
C ARG D 252 -6.84 8.14 -10.81
N GLY D 253 -6.80 7.98 -9.50
CA GLY D 253 -5.76 8.65 -8.75
C GLY D 253 -4.82 7.65 -8.12
N GLY D 254 -3.90 8.15 -7.31
CA GLY D 254 -2.94 7.24 -6.67
C GLY D 254 -1.57 7.63 -7.20
N SER D 255 -0.57 7.24 -6.46
CA SER D 255 0.83 7.36 -6.87
C SER D 255 1.00 6.34 -7.98
N PRO D 256 1.68 6.73 -9.05
CA PRO D 256 1.90 5.85 -10.21
C PRO D 256 2.77 4.66 -9.88
N THR D 257 2.50 3.49 -10.41
CA THR D 257 3.36 2.32 -10.18
C THR D 257 4.69 2.47 -10.91
N ALA D 258 5.63 1.53 -10.77
CA ALA D 258 6.93 1.60 -11.44
C ALA D 258 6.81 1.54 -12.95
N PHE D 259 5.99 0.70 -13.57
CA PHE D 259 5.80 0.67 -14.99
C PHE D 259 5.23 1.95 -15.52
N ASP D 260 4.28 2.68 -15.00
CA ASP D 260 3.81 3.94 -15.52
C ASP D 260 4.84 5.05 -15.44
N ARG D 261 5.71 5.15 -14.44
CA ARG D 261 6.72 6.18 -14.36
C ARG D 261 7.87 5.90 -15.32
N VAL D 262 8.26 4.66 -15.58
CA VAL D 262 9.28 4.32 -16.58
C VAL D 262 8.75 4.67 -17.97
N LEU D 263 7.52 4.24 -18.26
CA LEU D 263 6.79 4.55 -19.47
C LEU D 263 6.56 6.04 -19.67
N ALA D 264 6.23 6.86 -18.66
CA ALA D 264 5.99 8.28 -18.87
C ALA D 264 7.30 8.99 -19.10
N SER D 265 8.36 8.63 -18.39
CA SER D 265 9.70 9.13 -18.66
C SER D 265 10.22 8.81 -20.07
N ARG D 266 10.12 7.57 -20.56
CA ARG D 266 10.49 7.22 -21.92
C ARG D 266 9.70 7.95 -22.98
N LEU D 267 8.38 7.94 -22.89
CA LEU D 267 7.49 8.63 -23.82
C LEU D 267 7.54 10.14 -23.82
N GLY D 268 7.74 10.80 -22.67
CA GLY D 268 7.80 12.24 -22.64
C GLY D 268 9.08 12.75 -23.27
N ALA D 269 10.24 12.13 -23.02
CA ALA D 269 11.53 12.39 -23.58
C ALA D 269 11.62 12.09 -25.07
N ARG D 270 10.93 11.11 -25.61
CA ARG D 270 10.83 10.78 -27.02
C ARG D 270 10.06 11.82 -27.82
N ALA D 271 9.00 12.39 -27.26
CA ALA D 271 8.23 13.48 -27.83
C ALA D 271 9.04 14.75 -27.97
N VAL D 272 9.93 15.08 -27.05
CA VAL D 272 10.88 16.19 -27.14
C VAL D 272 11.89 15.91 -28.24
N GLU D 273 12.44 14.71 -28.39
CA GLU D 273 13.29 14.30 -29.49
C GLU D 273 12.55 14.44 -30.81
N LEU D 274 11.30 14.05 -31.00
CA LEU D 274 10.53 14.32 -32.18
C LEU D 274 10.37 15.78 -32.52
N LEU D 275 10.05 16.68 -31.59
CA LEU D 275 9.98 18.12 -31.83
C LEU D 275 11.31 18.74 -32.19
N LEU D 276 12.39 18.33 -31.51
CA LEU D 276 13.72 18.81 -31.80
C LEU D 276 14.25 18.36 -33.16
N GLU D 277 13.92 17.24 -33.77
CA GLU D 277 14.37 16.80 -35.06
C GLU D 277 13.35 17.07 -36.14
N GLY D 278 12.51 18.11 -36.13
CA GLY D 278 11.56 18.47 -37.13
C GLY D 278 10.23 17.80 -37.31
N LYS D 279 9.98 16.64 -36.71
CA LYS D 279 8.75 15.88 -36.80
C LYS D 279 7.69 16.51 -35.90
N GLY D 280 6.55 16.85 -36.43
CA GLY D 280 5.40 17.41 -35.77
C GLY D 280 4.23 16.64 -36.35
N GLY D 281 3.07 16.52 -35.73
CA GLY D 281 1.93 15.78 -36.24
C GLY D 281 1.93 14.31 -35.85
N ARG D 282 2.79 13.90 -34.93
CA ARG D 282 2.97 12.55 -34.48
C ARG D 282 2.60 12.29 -33.01
N CYS D 283 2.45 11.03 -32.68
CA CYS D 283 2.06 10.58 -31.37
C CYS D 283 2.97 9.41 -31.02
N VAL D 284 3.56 9.43 -29.83
CA VAL D 284 4.46 8.35 -29.43
C VAL D 284 3.67 7.21 -28.82
N GLY D 285 4.25 6.07 -28.53
CA GLY D 285 3.59 4.89 -28.03
C GLY D 285 4.66 3.84 -27.70
N ILE D 286 4.26 2.68 -27.22
CA ILE D 286 5.10 1.54 -26.97
C ILE D 286 4.28 0.41 -27.61
N GLN D 287 4.84 -0.22 -28.64
CA GLN D 287 4.18 -1.28 -29.39
C GLN D 287 5.34 -2.25 -29.63
N ASN D 288 5.02 -3.49 -29.28
CA ASN D 288 5.86 -4.62 -29.26
C ASN D 288 7.08 -4.29 -28.45
N ASN D 289 7.06 -3.78 -27.22
CA ASN D 289 8.12 -3.40 -26.37
C ASN D 289 9.22 -2.54 -26.96
N GLN D 290 8.93 -1.61 -27.82
CA GLN D 290 9.64 -0.67 -28.56
C GLN D 290 8.95 0.69 -28.63
N LEU D 291 9.69 1.75 -28.40
CA LEU D 291 9.25 3.13 -28.56
C LEU D 291 8.99 3.38 -30.03
N VAL D 292 7.77 3.75 -30.42
CA VAL D 292 7.35 3.90 -31.79
C VAL D 292 6.70 5.28 -31.85
N ASP D 293 6.45 5.79 -33.03
CA ASP D 293 5.80 7.09 -33.17
C ASP D 293 5.04 7.00 -34.48
N HIS D 294 3.78 7.43 -34.56
CA HIS D 294 2.87 7.35 -35.63
C HIS D 294 2.32 8.73 -36.00
N ASP D 295 1.93 8.95 -37.23
CA ASP D 295 1.30 10.19 -37.64
C ASP D 295 -0.03 10.23 -36.88
N ILE D 296 -0.53 11.32 -36.31
CA ILE D 296 -1.79 11.30 -35.58
C ILE D 296 -2.98 10.82 -36.38
N ALA D 297 -3.27 11.34 -37.57
CA ALA D 297 -4.40 10.90 -38.40
C ALA D 297 -4.39 9.43 -38.74
N GLU D 298 -3.24 8.84 -39.07
CA GLU D 298 -3.11 7.42 -39.31
C GLU D 298 -3.36 6.62 -38.05
N ALA D 299 -2.81 7.02 -36.90
CA ALA D 299 -3.02 6.37 -35.62
C ALA D 299 -4.48 6.40 -35.23
N LEU D 300 -5.21 7.51 -35.31
CA LEU D 300 -6.61 7.61 -34.99
C LEU D 300 -7.63 6.87 -35.82
N ALA D 301 -7.35 6.39 -37.01
CA ALA D 301 -8.10 5.56 -37.90
C ALA D 301 -8.10 4.10 -37.50
N ASN D 302 -7.14 3.61 -36.74
CA ASN D 302 -7.15 2.25 -36.21
C ASN D 302 -8.16 2.16 -35.07
N LYS D 303 -8.75 1.02 -34.82
CA LYS D 303 -9.75 0.86 -33.77
C LYS D 303 -9.08 0.20 -32.57
N HIS D 304 -9.59 0.45 -31.35
CA HIS D 304 -9.03 -0.24 -30.18
C HIS D 304 -9.60 -1.67 -30.16
N THR D 305 -8.79 -2.66 -29.86
CA THR D 305 -9.28 -4.03 -29.75
C THR D 305 -8.66 -4.62 -28.47
N ILE D 306 -9.30 -5.61 -27.90
CA ILE D 306 -8.79 -6.27 -26.70
C ILE D 306 -8.25 -7.62 -27.13
N ASP D 307 -7.33 -8.18 -26.38
CA ASP D 307 -6.81 -9.51 -26.74
C ASP D 307 -7.87 -10.56 -26.47
N GLN D 308 -8.45 -11.26 -27.45
CA GLN D 308 -9.41 -12.32 -27.26
C GLN D 308 -8.86 -13.61 -26.69
N ARG D 309 -7.58 -13.93 -26.73
CA ARG D 309 -6.89 -15.03 -26.15
C ARG D 309 -6.85 -14.88 -24.62
N MET D 310 -6.57 -13.64 -24.16
CA MET D 310 -6.65 -13.25 -22.76
C MET D 310 -8.07 -13.35 -22.20
N TYR D 311 -9.09 -12.92 -22.94
CA TYR D 311 -10.46 -13.13 -22.53
C TYR D 311 -10.84 -14.59 -22.43
N ALA D 312 -10.51 -15.46 -23.39
CA ALA D 312 -10.76 -16.88 -23.27
C ALA D 312 -9.95 -17.51 -22.15
N LEU D 313 -8.69 -17.18 -21.89
CA LEU D 313 -7.91 -17.62 -20.77
C LEU D 313 -8.54 -17.32 -19.42
N SER D 314 -9.11 -16.12 -19.18
CA SER D 314 -9.87 -15.76 -18.01
C SER D 314 -11.03 -16.72 -17.71
N LYS D 315 -11.82 -17.25 -18.64
CA LYS D 315 -12.77 -18.30 -18.33
C LYS D 315 -12.14 -19.66 -18.10
N GLU D 316 -11.01 -20.09 -18.71
CA GLU D 316 -10.46 -21.40 -18.46
C GLU D 316 -9.84 -21.55 -17.08
N LEU D 317 -9.23 -20.51 -16.55
CA LEU D 317 -8.61 -20.52 -15.23
C LEU D 317 -9.51 -20.45 -14.00
N SER D 318 -10.72 -19.97 -14.19
CA SER D 318 -11.78 -19.71 -13.29
C SER D 318 -12.82 -20.77 -13.04
N ILE D 319 -12.54 -22.04 -13.30
CA ILE D 319 -13.42 -23.16 -13.07
C ILE D 319 -13.32 -23.65 -11.64
P PGA E . -8.52 20.30 2.11
O1P PGA E . -8.73 21.74 1.42
O2P PGA E . -8.49 20.45 3.59
O3P PGA E . -9.68 19.45 1.68
O4P PGA E . -7.22 19.75 1.56
C2 PGA E . -9.04 21.69 0.03
C1 PGA E . -8.52 23.05 -0.52
O1 PGA E . -8.07 23.95 0.38
O2 PGA E . -8.50 23.30 -1.84
P PGA F . 4.44 -16.80 13.86
O1P PGA F . 4.73 -18.38 13.96
O2P PGA F . 3.79 -16.45 15.19
O3P PGA F . 5.69 -16.01 13.75
O4P PGA F . 3.56 -16.58 12.67
C2 PGA F . 5.42 -18.97 12.88
C1 PGA F . 5.21 -20.50 12.93
O1 PGA F . 4.47 -21.03 13.94
O2 PGA F . 5.68 -21.33 11.96
P PGA G . 13.62 15.04 -8.80
O1P PGA G . 14.10 16.58 -8.72
O2P PGA G . 13.75 14.61 -10.24
O3P PGA G . 14.39 14.12 -7.94
O4P PGA G . 12.14 15.06 -8.42
C2 PGA G . 14.78 16.85 -7.51
C1 PGA G . 14.59 18.38 -7.33
O1 PGA G . 14.22 19.06 -8.45
O2 PGA G . 14.78 18.98 -6.15
P PGA H . -9.67 -18.90 -7.02
O1P PGA H . -10.26 -20.33 -6.60
O2P PGA H . -8.99 -19.03 -8.36
O3P PGA H . -10.77 -17.88 -7.18
O4P PGA H . -8.73 -18.41 -5.95
C2 PGA H . -11.36 -20.24 -5.69
C1 PGA H . -11.46 -21.62 -5.02
O1 PGA H . -10.95 -22.69 -5.70
O2 PGA H . -11.99 -21.76 -3.78
#